data_7H3C
# 
_entry.id   7H3C 
# 
_audit_conform.dict_name       mmcif_pdbx.dic 
_audit_conform.dict_version    5.397 
_audit_conform.dict_location   http://mmcif.pdb.org/dictionaries/ascii/mmcif_pdbx.dic 
# 
loop_
_database_2.database_id 
_database_2.database_code 
_database_2.pdbx_database_accession 
_database_2.pdbx_DOI 
PDB   7H3C         pdb_00007h3c 10.2210/pdb7h3c/pdb 
WWPDB D_1001406971 ?            ?                   
# 
loop_
_pdbx_audit_revision_history.ordinal 
_pdbx_audit_revision_history.data_content_type 
_pdbx_audit_revision_history.major_revision 
_pdbx_audit_revision_history.minor_revision 
_pdbx_audit_revision_history.revision_date 
1 'Structure model' 1 0 2024-04-24 
2 'Structure model' 1 1 2024-10-16 
# 
_pdbx_audit_revision_details.ordinal             1 
_pdbx_audit_revision_details.revision_ordinal    1 
_pdbx_audit_revision_details.data_content_type   'Structure model' 
_pdbx_audit_revision_details.provider            repository 
_pdbx_audit_revision_details.type                'Initial release' 
_pdbx_audit_revision_details.description         ? 
_pdbx_audit_revision_details.details             ? 
# 
loop_
_pdbx_audit_revision_group.ordinal 
_pdbx_audit_revision_group.revision_ordinal 
_pdbx_audit_revision_group.data_content_type 
_pdbx_audit_revision_group.group 
1 2 'Structure model' 'Database references' 
2 2 'Structure model' 'Structure summary'   
# 
loop_
_pdbx_audit_revision_category.ordinal 
_pdbx_audit_revision_category.revision_ordinal 
_pdbx_audit_revision_category.data_content_type 
_pdbx_audit_revision_category.category 
1 2 'Structure model' citation           
2 2 'Structure model' citation_author    
3 2 'Structure model' pdbx_entry_details 
# 
loop_
_pdbx_audit_revision_item.ordinal 
_pdbx_audit_revision_item.revision_ordinal 
_pdbx_audit_revision_item.data_content_type 
_pdbx_audit_revision_item.item 
1 2 'Structure model' '_citation.country'                 
2 2 'Structure model' '_citation.journal_abbrev'          
3 2 'Structure model' '_citation.journal_id_CSD'          
4 2 'Structure model' '_citation.journal_id_ISSN'         
5 2 'Structure model' '_citation.pdbx_database_id_DOI'    
6 2 'Structure model' '_citation.pdbx_database_id_PubMed' 
7 2 'Structure model' '_citation.title'                   
8 2 'Structure model' '_citation.year'                    
# 
_pdbx_database_status.entry_id                        7H3C 
_pdbx_database_status.status_code                     REL 
_pdbx_database_status.status_code_sf                  REL 
_pdbx_database_status.status_code_mr                  ? 
_pdbx_database_status.status_code_cs                  ? 
_pdbx_database_status.recvd_initial_deposition_date   2024-04-04 
_pdbx_database_status.status_code_nmr_data            ? 
_pdbx_database_status.deposit_site                    RCSB 
_pdbx_database_status.process_site                    RCSB 
_pdbx_database_status.SG_entry                        ? 
_pdbx_database_status.pdb_format_compatible           Y 
_pdbx_database_status.methods_development_category    ? 
# 
_pdbx_contact_author.id                 1 
_pdbx_contact_author.email              frank.von-delft@diamond.ac.uk 
_pdbx_contact_author.name_first         Frank 
_pdbx_contact_author.name_last          'von Delft' 
_pdbx_contact_author.role               'principal investigator/group leader' 
_pdbx_contact_author.identifier_ORCID   0000-0003-0378-0017 
_pdbx_contact_author.name_mi            ? 
# 
loop_
_audit_author.name 
_audit_author.pdbx_ordinal 
'Lithgo, R.M.'        1  
'Fairhead, M.'        2  
'Koekemoer, L.'       3  
'Balcomb, B.H.'       4  
'Capkin, E.'          5  
'Chandran, A.V.'      6  
'Golding, M.'         7  
'Godoy, A.S.'         8  
'Aschenbrenner, J.C.' 9  
'Marples, P.G.'       10 
'Ni, X.'              11 
'Thompson, W.'        12 
'Tomlinson, C.W.E.'   13 
'Wild, C.'            14 
'Winokan, M.'         15 
'Xavier, M.-A.E.'     16 
'Fearon, D.'          17 
'von Delft, F.'       18 
# 
_citation.id                        primary 
_citation.title                     
;Crystallographic Fragment Screen of Coxsackievirus A16 2A Protease identifies new opportunities for the development of broad-spectrum anti-enterovirals.
;
_citation.journal_abbrev            Biorxiv 
_citation.journal_volume            ? 
_citation.page_first                ? 
_citation.page_last                 ? 
_citation.year                      2024 
_citation.journal_id_ASTM           ? 
_citation.country                   US 
_citation.journal_id_ISSN           2692-8205 
_citation.journal_id_CSD            ? 
_citation.book_publisher            ? 
_citation.pdbx_database_id_PubMed   38746446 
_citation.pdbx_database_id_DOI      10.1101/2024.04.29.591684 
# 
loop_
_citation_author.citation_id 
_citation_author.name 
_citation_author.identifier_ORCID 
_citation_author.ordinal 
primary 'Lithgo, R.M.'        0000-0002-4706-9916 1  
primary 'Tomlinson, C.W.E.'   0000-0002-1845-6028 2  
primary 'Fairhead, M.'        0000-0001-5361-3933 3  
primary 'Winokan, M.'         ?                   4  
primary 'Thompson, W.'        0000-0003-1474-7810 5  
primary 'Wild, C.'            0000-0003-0654-8141 6  
primary 'Aschenbrenner, J.C.' 0000-0002-4318-0481 7  
primary 'Balcomb, B.H.'       0000-0001-7599-8467 8  
primary 'Marples, P.G.'       0000-0002-8787-7969 9  
primary 'Chandran, A.V.'      0000-0001-9942-2614 10 
primary 'Golding, M.'         0009-0004-7472-8333 11 
primary 'Koekemoer, L.'       0000-0001-9226-9127 12 
primary 'Williams, E.P.'      0000-0002-1331-9518 13 
primary 'Wang, S.'            ?                   14 
primary 'Ni, X.'              0000-0002-7769-8297 15 
primary 'MacLean, E.'         0000-0003-1680-4292 16 
primary 'Giroud, C.'          0000-0002-1629-1581 17 
primary 'Godoy, A.S.'         0000-0002-0613-9164 18 
primary 'Xavier, M.A.'        0000-0002-1709-9479 19 
primary 'Walsh, M.'           0000-0001-5683-1151 20 
primary 'Fearon, D.'          0000-0003-3529-7863 21 
primary 'von Delft, F.'       0000-0003-0378-0017 22 
# 
loop_
_entity.id 
_entity.type 
_entity.src_method 
_entity.pdbx_description 
_entity.formula_weight 
_entity.pdbx_number_of_molecules 
_entity.pdbx_ec 
_entity.pdbx_mutation 
_entity.pdbx_fragment 
_entity.details 
1 polymer     man 'Protease 2A'                           16493.311 1   3.4.22.29 ? ? ? 
2 non-polymer man '4-[(dimethylamino)methyl]benzonitrile' 160.216   1   ?         ? ? ? 
3 non-polymer syn 'ZINC ION'                              65.409    1   ?         ? ? ? 
4 non-polymer syn 'DIMETHYL SULFOXIDE'                    78.133    4   ?         ? ? ? 
5 non-polymer syn 'SULFATE ION'                           96.063    1   ?         ? ? ? 
6 water       nat water                                   18.015    237 ?         ? ? ? 
# 
_entity_name_com.entity_id   1 
_entity_name_com.name        'P2A,Picornain 2A,Protein 2A' 
# 
_entity_poly.entity_id                      1 
_entity_poly.type                           'polypeptide(L)' 
_entity_poly.nstd_linkage                   no 
_entity_poly.nstd_monomer                   no 
_entity_poly.pdbx_seq_one_letter_code       
;QEQTGGSGAIYVGNYRVVNRHLATHNDWANLVWEDSSRDLLVSSTTAQGCDTIARCDCQTGVYYCSSRRKHYPVSFSKPS
LIFVEASEYYPARYQSHLMLAVGHSEPGDCGGILRCQHGVVGIVSTGGNGLVGFADVRDLLWLDEEAMEQ
;
_entity_poly.pdbx_seq_one_letter_code_can   
;QEQTGGSGAIYVGNYRVVNRHLATHNDWANLVWEDSSRDLLVSSTTAQGCDTIARCDCQTGVYYCSSRRKHYPVSFSKPS
LIFVEASEYYPARYQSHLMLAVGHSEPGDCGGILRCQHGVVGIVSTGGNGLVGFADVRDLLWLDEEAMEQ
;
_entity_poly.pdbx_strand_id                 A 
_entity_poly.pdbx_target_identifier         ? 
# 
loop_
_pdbx_entity_nonpoly.entity_id 
_pdbx_entity_nonpoly.name 
_pdbx_entity_nonpoly.comp_id 
2 '4-[(dimethylamino)methyl]benzonitrile' WHY 
3 'ZINC ION'                              ZN  
4 'DIMETHYL SULFOXIDE'                    DMS 
5 'SULFATE ION'                           SO4 
6 water                                   HOH 
# 
loop_
_entity_poly_seq.entity_id 
_entity_poly_seq.num 
_entity_poly_seq.mon_id 
_entity_poly_seq.hetero 
1 1   GLN n 
1 2   GLU n 
1 3   GLN n 
1 4   THR n 
1 5   GLY n 
1 6   GLY n 
1 7   SER n 
1 8   GLY n 
1 9   ALA n 
1 10  ILE n 
1 11  TYR n 
1 12  VAL n 
1 13  GLY n 
1 14  ASN n 
1 15  TYR n 
1 16  ARG n 
1 17  VAL n 
1 18  VAL n 
1 19  ASN n 
1 20  ARG n 
1 21  HIS n 
1 22  LEU n 
1 23  ALA n 
1 24  THR n 
1 25  HIS n 
1 26  ASN n 
1 27  ASP n 
1 28  TRP n 
1 29  ALA n 
1 30  ASN n 
1 31  LEU n 
1 32  VAL n 
1 33  TRP n 
1 34  GLU n 
1 35  ASP n 
1 36  SER n 
1 37  SER n 
1 38  ARG n 
1 39  ASP n 
1 40  LEU n 
1 41  LEU n 
1 42  VAL n 
1 43  SER n 
1 44  SER n 
1 45  THR n 
1 46  THR n 
1 47  ALA n 
1 48  GLN n 
1 49  GLY n 
1 50  CYS n 
1 51  ASP n 
1 52  THR n 
1 53  ILE n 
1 54  ALA n 
1 55  ARG n 
1 56  CYS n 
1 57  ASP n 
1 58  CYS n 
1 59  GLN n 
1 60  THR n 
1 61  GLY n 
1 62  VAL n 
1 63  TYR n 
1 64  TYR n 
1 65  CYS n 
1 66  SER n 
1 67  SER n 
1 68  ARG n 
1 69  ARG n 
1 70  LYS n 
1 71  HIS n 
1 72  TYR n 
1 73  PRO n 
1 74  VAL n 
1 75  SER n 
1 76  PHE n 
1 77  SER n 
1 78  LYS n 
1 79  PRO n 
1 80  SER n 
1 81  LEU n 
1 82  ILE n 
1 83  PHE n 
1 84  VAL n 
1 85  GLU n 
1 86  ALA n 
1 87  SER n 
1 88  GLU n 
1 89  TYR n 
1 90  TYR n 
1 91  PRO n 
1 92  ALA n 
1 93  ARG n 
1 94  TYR n 
1 95  GLN n 
1 96  SER n 
1 97  HIS n 
1 98  LEU n 
1 99  MET n 
1 100 LEU n 
1 101 ALA n 
1 102 VAL n 
1 103 GLY n 
1 104 HIS n 
1 105 SER n 
1 106 GLU n 
1 107 PRO n 
1 108 GLY n 
1 109 ASP n 
1 110 CYS n 
1 111 GLY n 
1 112 GLY n 
1 113 ILE n 
1 114 LEU n 
1 115 ARG n 
1 116 CYS n 
1 117 GLN n 
1 118 HIS n 
1 119 GLY n 
1 120 VAL n 
1 121 VAL n 
1 122 GLY n 
1 123 ILE n 
1 124 VAL n 
1 125 SER n 
1 126 THR n 
1 127 GLY n 
1 128 GLY n 
1 129 ASN n 
1 130 GLY n 
1 131 LEU n 
1 132 VAL n 
1 133 GLY n 
1 134 PHE n 
1 135 ALA n 
1 136 ASP n 
1 137 VAL n 
1 138 ARG n 
1 139 ASP n 
1 140 LEU n 
1 141 LEU n 
1 142 TRP n 
1 143 LEU n 
1 144 ASP n 
1 145 GLU n 
1 146 GLU n 
1 147 ALA n 
1 148 MET n 
1 149 GLU n 
1 150 GLN n 
# 
loop_
_entity_src_gen.entity_id 
_entity_src_gen.pdbx_src_id 
_entity_src_gen.pdbx_alt_source_flag 
_entity_src_gen.pdbx_seq_type 
_entity_src_gen.pdbx_beg_seq_num 
_entity_src_gen.pdbx_end_seq_num 
_entity_src_gen.gene_src_common_name 
_entity_src_gen.gene_src_genus 
_entity_src_gen.pdbx_gene_src_gene 
_entity_src_gen.gene_src_species 
_entity_src_gen.gene_src_strain 
_entity_src_gen.gene_src_tissue 
_entity_src_gen.gene_src_tissue_fraction 
_entity_src_gen.gene_src_details 
_entity_src_gen.pdbx_gene_src_fragment 
_entity_src_gen.pdbx_gene_src_scientific_name 
_entity_src_gen.pdbx_gene_src_ncbi_taxonomy_id 
_entity_src_gen.pdbx_gene_src_variant 
_entity_src_gen.pdbx_gene_src_cell_line 
_entity_src_gen.pdbx_gene_src_atcc 
_entity_src_gen.pdbx_gene_src_organ 
_entity_src_gen.pdbx_gene_src_organelle 
_entity_src_gen.pdbx_gene_src_cell 
_entity_src_gen.pdbx_gene_src_cellular_location 
_entity_src_gen.host_org_common_name 
_entity_src_gen.pdbx_host_org_scientific_name 
_entity_src_gen.pdbx_host_org_ncbi_taxonomy_id 
_entity_src_gen.host_org_genus 
_entity_src_gen.pdbx_host_org_gene 
_entity_src_gen.pdbx_host_org_organ 
_entity_src_gen.host_org_species 
_entity_src_gen.pdbx_host_org_tissue 
_entity_src_gen.pdbx_host_org_tissue_fraction 
_entity_src_gen.pdbx_host_org_strain 
_entity_src_gen.pdbx_host_org_variant 
_entity_src_gen.pdbx_host_org_cell_line 
_entity_src_gen.pdbx_host_org_atcc 
_entity_src_gen.pdbx_host_org_culture_collection 
_entity_src_gen.pdbx_host_org_cell 
_entity_src_gen.pdbx_host_org_organelle 
_entity_src_gen.pdbx_host_org_cellular_location 
_entity_src_gen.pdbx_host_org_vector_type 
_entity_src_gen.pdbx_host_org_vector 
_entity_src_gen.host_org_details 
_entity_src_gen.expression_system_id 
_entity_src_gen.plasmid_name 
_entity_src_gen.plasmid_details 
_entity_src_gen.pdbx_description 
1 1 sample 'Biological sequence' 1 150 ? ? ? ? ? ? ? ? ? 'Coxsackievirus A16' 31704 ? ? ? ? ? ? ? ? 'Escherichia coli' 562 ? ? ? ? 
? ? ? ? ? ? ? ? ? ? ? ? ? ? ? ? ? 
2 1 sample ?                     ? ?   ? ? ? ? ? ? ? ? ? 'Coxsackievirus A16' 31704 ? ? ? ? ? ? ? ? 'Escherichia coli' 562 ? ? ? ? 
? ? ? ? ? ? ? ? ? ? ? ? ? ? ? ? ? 
# 
loop_
_chem_comp.id 
_chem_comp.type 
_chem_comp.mon_nstd_flag 
_chem_comp.name 
_chem_comp.pdbx_synonyms 
_chem_comp.formula 
_chem_comp.formula_weight 
ALA 'L-peptide linking' y ALANINE                                 ? 'C3 H7 N O2'     89.093  
ARG 'L-peptide linking' y ARGININE                                ? 'C6 H15 N4 O2 1' 175.209 
ASN 'L-peptide linking' y ASPARAGINE                              ? 'C4 H8 N2 O3'    132.118 
ASP 'L-peptide linking' y 'ASPARTIC ACID'                         ? 'C4 H7 N O4'     133.103 
CYS 'L-peptide linking' y CYSTEINE                                ? 'C3 H7 N O2 S'   121.158 
DMS non-polymer         . 'DIMETHYL SULFOXIDE'                    ? 'C2 H6 O S'      78.133  
GLN 'L-peptide linking' y GLUTAMINE                               ? 'C5 H10 N2 O3'   146.144 
GLU 'L-peptide linking' y 'GLUTAMIC ACID'                         ? 'C5 H9 N O4'     147.129 
GLY 'peptide linking'   y GLYCINE                                 ? 'C2 H5 N O2'     75.067  
HIS 'L-peptide linking' y HISTIDINE                               ? 'C6 H10 N3 O2 1' 156.162 
HOH non-polymer         . WATER                                   ? 'H2 O'           18.015  
ILE 'L-peptide linking' y ISOLEUCINE                              ? 'C6 H13 N O2'    131.173 
LEU 'L-peptide linking' y LEUCINE                                 ? 'C6 H13 N O2'    131.173 
LYS 'L-peptide linking' y LYSINE                                  ? 'C6 H15 N2 O2 1' 147.195 
MET 'L-peptide linking' y METHIONINE                              ? 'C5 H11 N O2 S'  149.211 
PHE 'L-peptide linking' y PHENYLALANINE                           ? 'C9 H11 N O2'    165.189 
PRO 'L-peptide linking' y PROLINE                                 ? 'C5 H9 N O2'     115.130 
SER 'L-peptide linking' y SERINE                                  ? 'C3 H7 N O3'     105.093 
SO4 non-polymer         . 'SULFATE ION'                           ? 'O4 S -2'        96.063  
THR 'L-peptide linking' y THREONINE                               ? 'C4 H9 N O3'     119.119 
TRP 'L-peptide linking' y TRYPTOPHAN                              ? 'C11 H12 N2 O2'  204.225 
TYR 'L-peptide linking' y TYROSINE                                ? 'C9 H11 N O3'    181.189 
VAL 'L-peptide linking' y VALINE                                  ? 'C5 H11 N O2'    117.146 
WHY non-polymer         . '4-[(dimethylamino)methyl]benzonitrile' ? 'C10 H12 N2'     160.216 
ZN  non-polymer         . 'ZINC ION'                              ? 'Zn 2'           65.409  
# 
loop_
_pdbx_poly_seq_scheme.asym_id 
_pdbx_poly_seq_scheme.entity_id 
_pdbx_poly_seq_scheme.seq_id 
_pdbx_poly_seq_scheme.mon_id 
_pdbx_poly_seq_scheme.ndb_seq_num 
_pdbx_poly_seq_scheme.pdb_seq_num 
_pdbx_poly_seq_scheme.auth_seq_num 
_pdbx_poly_seq_scheme.pdb_mon_id 
_pdbx_poly_seq_scheme.auth_mon_id 
_pdbx_poly_seq_scheme.pdb_strand_id 
_pdbx_poly_seq_scheme.pdb_ins_code 
_pdbx_poly_seq_scheme.hetero 
A 1 1   GLN 1   1   ?   ?   ?   A . n 
A 1 2   GLU 2   2   ?   ?   ?   A . n 
A 1 3   GLN 3   3   ?   ?   ?   A . n 
A 1 4   THR 4   4   ?   ?   ?   A . n 
A 1 5   GLY 5   5   ?   ?   ?   A . n 
A 1 6   GLY 6   6   ?   ?   ?   A . n 
A 1 7   SER 7   7   7   SER SER A . n 
A 1 8   GLY 8   8   8   GLY GLY A . n 
A 1 9   ALA 9   9   9   ALA ALA A . n 
A 1 10  ILE 10  10  10  ILE ILE A . n 
A 1 11  TYR 11  11  11  TYR TYR A . n 
A 1 12  VAL 12  12  12  VAL VAL A . n 
A 1 13  GLY 13  13  13  GLY GLY A . n 
A 1 14  ASN 14  14  14  ASN ASN A . n 
A 1 15  TYR 15  15  15  TYR TYR A . n 
A 1 16  ARG 16  16  16  ARG ARG A . n 
A 1 17  VAL 17  17  17  VAL VAL A . n 
A 1 18  VAL 18  18  18  VAL VAL A . n 
A 1 19  ASN 19  19  19  ASN ASN A . n 
A 1 20  ARG 20  20  20  ARG ARG A . n 
A 1 21  HIS 21  21  21  HIS HIS A . n 
A 1 22  LEU 22  22  22  LEU LEU A . n 
A 1 23  ALA 23  23  23  ALA ALA A . n 
A 1 24  THR 24  24  24  THR THR A . n 
A 1 25  HIS 25  25  25  HIS HIS A . n 
A 1 26  ASN 26  26  26  ASN ASN A . n 
A 1 27  ASP 27  27  27  ASP ASP A . n 
A 1 28  TRP 28  28  28  TRP TRP A . n 
A 1 29  ALA 29  29  29  ALA ALA A . n 
A 1 30  ASN 30  30  30  ASN ASN A . n 
A 1 31  LEU 31  31  31  LEU LEU A . n 
A 1 32  VAL 32  32  32  VAL VAL A . n 
A 1 33  TRP 33  33  33  TRP TRP A . n 
A 1 34  GLU 34  34  34  GLU GLU A . n 
A 1 35  ASP 35  35  35  ASP ASP A . n 
A 1 36  SER 36  36  36  SER SER A . n 
A 1 37  SER 37  37  37  SER SER A . n 
A 1 38  ARG 38  38  38  ARG ARG A . n 
A 1 39  ASP 39  39  39  ASP ASP A . n 
A 1 40  LEU 40  40  40  LEU LEU A . n 
A 1 41  LEU 41  41  41  LEU LEU A . n 
A 1 42  VAL 42  42  42  VAL VAL A . n 
A 1 43  SER 43  43  43  SER SER A . n 
A 1 44  SER 44  44  44  SER SER A . n 
A 1 45  THR 45  45  45  THR THR A . n 
A 1 46  THR 46  46  46  THR THR A . n 
A 1 47  ALA 47  47  47  ALA ALA A . n 
A 1 48  GLN 48  48  48  GLN GLN A . n 
A 1 49  GLY 49  49  49  GLY GLY A . n 
A 1 50  CYS 50  50  50  CYS CYS A . n 
A 1 51  ASP 51  51  51  ASP ASP A . n 
A 1 52  THR 52  52  52  THR THR A . n 
A 1 53  ILE 53  53  53  ILE ILE A . n 
A 1 54  ALA 54  54  54  ALA ALA A . n 
A 1 55  ARG 55  55  55  ARG ARG A . n 
A 1 56  CYS 56  56  56  CYS CYS A . n 
A 1 57  ASP 57  57  57  ASP ASP A . n 
A 1 58  CYS 58  58  58  CYS CYS A . n 
A 1 59  GLN 59  59  59  GLN GLN A . n 
A 1 60  THR 60  60  60  THR THR A . n 
A 1 61  GLY 61  61  61  GLY GLY A . n 
A 1 62  VAL 62  62  62  VAL VAL A . n 
A 1 63  TYR 63  63  63  TYR TYR A . n 
A 1 64  TYR 64  64  64  TYR TYR A . n 
A 1 65  CYS 65  65  65  CYS CYS A . n 
A 1 66  SER 66  66  66  SER SER A . n 
A 1 67  SER 67  67  67  SER SER A . n 
A 1 68  ARG 68  68  68  ARG ARG A . n 
A 1 69  ARG 69  69  69  ARG ARG A . n 
A 1 70  LYS 70  70  70  LYS LYS A . n 
A 1 71  HIS 71  71  71  HIS HIS A . n 
A 1 72  TYR 72  72  72  TYR TYR A . n 
A 1 73  PRO 73  73  73  PRO PRO A . n 
A 1 74  VAL 74  74  74  VAL VAL A . n 
A 1 75  SER 75  75  75  SER SER A . n 
A 1 76  PHE 76  76  76  PHE PHE A . n 
A 1 77  SER 77  77  77  SER SER A . n 
A 1 78  LYS 78  78  78  LYS LYS A . n 
A 1 79  PRO 79  79  79  PRO PRO A . n 
A 1 80  SER 80  80  80  SER SER A . n 
A 1 81  LEU 81  81  81  LEU LEU A . n 
A 1 82  ILE 82  82  82  ILE ILE A . n 
A 1 83  PHE 83  83  83  PHE PHE A . n 
A 1 84  VAL 84  84  84  VAL VAL A . n 
A 1 85  GLU 85  85  85  GLU GLU A . n 
A 1 86  ALA 86  86  86  ALA ALA A . n 
A 1 87  SER 87  87  87  SER SER A . n 
A 1 88  GLU 88  88  88  GLU GLU A . n 
A 1 89  TYR 89  89  89  TYR TYR A . n 
A 1 90  TYR 90  90  90  TYR TYR A . n 
A 1 91  PRO 91  91  91  PRO PRO A . n 
A 1 92  ALA 92  92  92  ALA ALA A . n 
A 1 93  ARG 93  93  93  ARG ARG A . n 
A 1 94  TYR 94  94  94  TYR TYR A . n 
A 1 95  GLN 95  95  95  GLN GLN A . n 
A 1 96  SER 96  96  96  SER SER A . n 
A 1 97  HIS 97  97  97  HIS HIS A . n 
A 1 98  LEU 98  98  98  LEU LEU A . n 
A 1 99  MET 99  99  99  MET MET A . n 
A 1 100 LEU 100 100 100 LEU LEU A . n 
A 1 101 ALA 101 101 101 ALA ALA A . n 
A 1 102 VAL 102 102 102 VAL VAL A . n 
A 1 103 GLY 103 103 103 GLY GLY A . n 
A 1 104 HIS 104 104 104 HIS HIS A . n 
A 1 105 SER 105 105 105 SER SER A . n 
A 1 106 GLU 106 106 106 GLU GLU A . n 
A 1 107 PRO 107 107 107 PRO PRO A . n 
A 1 108 GLY 108 108 108 GLY GLY A . n 
A 1 109 ASP 109 109 109 ASP ASP A . n 
A 1 110 CYS 110 110 110 CYS CYS A . n 
A 1 111 GLY 111 111 111 GLY GLY A . n 
A 1 112 GLY 112 112 112 GLY GLY A . n 
A 1 113 ILE 113 113 113 ILE ILE A . n 
A 1 114 LEU 114 114 114 LEU LEU A . n 
A 1 115 ARG 115 115 115 ARG ARG A . n 
A 1 116 CYS 116 116 116 CYS CYS A . n 
A 1 117 GLN 117 117 117 GLN GLN A . n 
A 1 118 HIS 118 118 118 HIS HIS A . n 
A 1 119 GLY 119 119 119 GLY GLY A . n 
A 1 120 VAL 120 120 120 VAL VAL A . n 
A 1 121 VAL 121 121 121 VAL VAL A . n 
A 1 122 GLY 122 122 122 GLY GLY A . n 
A 1 123 ILE 123 123 123 ILE ILE A . n 
A 1 124 VAL 124 124 124 VAL VAL A . n 
A 1 125 SER 125 125 125 SER SER A . n 
A 1 126 THR 126 126 126 THR THR A . n 
A 1 127 GLY 127 127 127 GLY GLY A . n 
A 1 128 GLY 128 128 128 GLY GLY A . n 
A 1 129 ASN 129 129 129 ASN ASN A . n 
A 1 130 GLY 130 130 130 GLY GLY A . n 
A 1 131 LEU 131 131 131 LEU LEU A . n 
A 1 132 VAL 132 132 132 VAL VAL A . n 
A 1 133 GLY 133 133 133 GLY GLY A . n 
A 1 134 PHE 134 134 134 PHE PHE A . n 
A 1 135 ALA 135 135 135 ALA ALA A . n 
A 1 136 ASP 136 136 136 ASP ASP A . n 
A 1 137 VAL 137 137 137 VAL VAL A . n 
A 1 138 ARG 138 138 138 ARG ARG A . n 
A 1 139 ASP 139 139 139 ASP ASP A . n 
A 1 140 LEU 140 140 140 LEU LEU A . n 
A 1 141 LEU 141 141 141 LEU LEU A . n 
A 1 142 TRP 142 142 142 TRP TRP A . n 
A 1 143 LEU 143 143 143 LEU LEU A . n 
A 1 144 ASP 144 144 144 ASP ASP A . n 
A 1 145 GLU 145 145 145 GLU GLU A . n 
A 1 146 GLU 146 146 146 GLU GLU A . n 
A 1 147 ALA 147 147 ?   ?   ?   A . n 
A 1 148 MET 148 148 ?   ?   ?   A . n 
A 1 149 GLU 149 149 ?   ?   ?   A . n 
A 1 150 GLN 150 150 ?   ?   ?   A . n 
# 
loop_
_pdbx_nonpoly_scheme.asym_id 
_pdbx_nonpoly_scheme.entity_id 
_pdbx_nonpoly_scheme.mon_id 
_pdbx_nonpoly_scheme.ndb_seq_num 
_pdbx_nonpoly_scheme.pdb_seq_num 
_pdbx_nonpoly_scheme.auth_seq_num 
_pdbx_nonpoly_scheme.pdb_mon_id 
_pdbx_nonpoly_scheme.auth_mon_id 
_pdbx_nonpoly_scheme.pdb_strand_id 
_pdbx_nonpoly_scheme.pdb_ins_code 
B 2 WHY 1   201 147 WHY LIG A . 
C 3 ZN  1   202 1   ZN  ZN  A . 
D 4 DMS 1   203 -1  DMS DMS A . 
E 4 DMS 1   204 0   DMS DMS A . 
F 4 DMS 1   205 1   DMS DMS A . 
G 4 DMS 1   206 3   DMS DMS A . 
H 5 SO4 1   207 1   SO4 SO4 A . 
I 6 HOH 1   301 137 HOH HOH A . 
I 6 HOH 2   302 150 HOH HOH A . 
I 6 HOH 3   303 227 HOH HOH A . 
I 6 HOH 4   304 3   HOH HOH A . 
I 6 HOH 5   305 79  HOH HOH A . 
I 6 HOH 6   306 245 HOH HOH A . 
I 6 HOH 7   307 108 HOH HOH A . 
I 6 HOH 8   308 186 HOH HOH A . 
I 6 HOH 9   309 248 HOH HOH A . 
I 6 HOH 10  310 238 HOH HOH A . 
I 6 HOH 11  311 72  HOH HOH A . 
I 6 HOH 12  312 181 HOH HOH A . 
I 6 HOH 13  313 34  HOH HOH A . 
I 6 HOH 14  314 133 HOH HOH A . 
I 6 HOH 15  315 250 HOH HOH A . 
I 6 HOH 16  316 215 HOH HOH A . 
I 6 HOH 17  317 77  HOH HOH A . 
I 6 HOH 18  318 110 HOH HOH A . 
I 6 HOH 19  319 68  HOH HOH A . 
I 6 HOH 20  320 116 HOH HOH A . 
I 6 HOH 21  321 247 HOH HOH A . 
I 6 HOH 22  322 46  HOH HOH A . 
I 6 HOH 23  323 148 HOH HOH A . 
I 6 HOH 24  324 30  HOH HOH A . 
I 6 HOH 25  325 4   HOH HOH A . 
I 6 HOH 26  326 21  HOH HOH A . 
I 6 HOH 27  327 191 HOH HOH A . 
I 6 HOH 28  328 107 HOH HOH A . 
I 6 HOH 29  329 173 HOH HOH A . 
I 6 HOH 30  330 43  HOH HOH A . 
I 6 HOH 31  331 59  HOH HOH A . 
I 6 HOH 32  332 119 HOH HOH A . 
I 6 HOH 33  333 124 HOH HOH A . 
I 6 HOH 34  334 113 HOH HOH A . 
I 6 HOH 35  335 217 HOH HOH A . 
I 6 HOH 36  336 16  HOH HOH A . 
I 6 HOH 37  337 121 HOH HOH A . 
I 6 HOH 38  338 104 HOH HOH A . 
I 6 HOH 39  339 183 HOH HOH A . 
I 6 HOH 40  340 57  HOH HOH A . 
I 6 HOH 41  341 13  HOH HOH A . 
I 6 HOH 42  342 211 HOH HOH A . 
I 6 HOH 43  343 37  HOH HOH A . 
I 6 HOH 44  344 103 HOH HOH A . 
I 6 HOH 45  345 152 HOH HOH A . 
I 6 HOH 46  346 249 HOH HOH A . 
I 6 HOH 47  347 219 HOH HOH A . 
I 6 HOH 48  348 60  HOH HOH A . 
I 6 HOH 49  349 94  HOH HOH A . 
I 6 HOH 50  350 2   HOH HOH A . 
I 6 HOH 51  351 220 HOH HOH A . 
I 6 HOH 52  352 29  HOH HOH A . 
I 6 HOH 53  353 24  HOH HOH A . 
I 6 HOH 54  354 109 HOH HOH A . 
I 6 HOH 55  355 47  HOH HOH A . 
I 6 HOH 56  356 33  HOH HOH A . 
I 6 HOH 57  357 88  HOH HOH A . 
I 6 HOH 58  358 97  HOH HOH A . 
I 6 HOH 59  359 178 HOH HOH A . 
I 6 HOH 60  360 168 HOH HOH A . 
I 6 HOH 61  361 131 HOH HOH A . 
I 6 HOH 62  362 193 HOH HOH A . 
I 6 HOH 63  363 205 HOH HOH A . 
I 6 HOH 64  364 161 HOH HOH A . 
I 6 HOH 65  365 27  HOH HOH A . 
I 6 HOH 66  366 180 HOH HOH A . 
I 6 HOH 67  367 26  HOH HOH A . 
I 6 HOH 68  368 36  HOH HOH A . 
I 6 HOH 69  369 28  HOH HOH A . 
I 6 HOH 70  370 167 HOH HOH A . 
I 6 HOH 71  371 81  HOH HOH A . 
I 6 HOH 72  372 204 HOH HOH A . 
I 6 HOH 73  373 71  HOH HOH A . 
I 6 HOH 74  374 7   HOH HOH A . 
I 6 HOH 75  375 182 HOH HOH A . 
I 6 HOH 76  376 82  HOH HOH A . 
I 6 HOH 77  377 9   HOH HOH A . 
I 6 HOH 78  378 35  HOH HOH A . 
I 6 HOH 79  379 53  HOH HOH A . 
I 6 HOH 80  380 216 HOH HOH A . 
I 6 HOH 81  381 138 HOH HOH A . 
I 6 HOH 82  382 39  HOH HOH A . 
I 6 HOH 83  383 84  HOH HOH A . 
I 6 HOH 84  384 42  HOH HOH A . 
I 6 HOH 85  385 50  HOH HOH A . 
I 6 HOH 86  386 234 HOH HOH A . 
I 6 HOH 87  387 19  HOH HOH A . 
I 6 HOH 88  388 147 HOH HOH A . 
I 6 HOH 89  389 45  HOH HOH A . 
I 6 HOH 90  390 52  HOH HOH A . 
I 6 HOH 91  391 63  HOH HOH A . 
I 6 HOH 92  392 111 HOH HOH A . 
I 6 HOH 93  393 179 HOH HOH A . 
I 6 HOH 94  394 78  HOH HOH A . 
I 6 HOH 95  395 90  HOH HOH A . 
I 6 HOH 96  396 67  HOH HOH A . 
I 6 HOH 97  397 25  HOH HOH A . 
I 6 HOH 98  398 195 HOH HOH A . 
I 6 HOH 99  399 18  HOH HOH A . 
I 6 HOH 100 400 141 HOH HOH A . 
I 6 HOH 101 401 49  HOH HOH A . 
I 6 HOH 102 402 120 HOH HOH A . 
I 6 HOH 103 403 169 HOH HOH A . 
I 6 HOH 104 404 48  HOH HOH A . 
I 6 HOH 105 405 8   HOH HOH A . 
I 6 HOH 106 406 12  HOH HOH A . 
I 6 HOH 107 407 62  HOH HOH A . 
I 6 HOH 108 408 155 HOH HOH A . 
I 6 HOH 109 409 144 HOH HOH A . 
I 6 HOH 110 410 55  HOH HOH A . 
I 6 HOH 111 411 170 HOH HOH A . 
I 6 HOH 112 412 66  HOH HOH A . 
I 6 HOH 113 413 177 HOH HOH A . 
I 6 HOH 114 414 15  HOH HOH A . 
I 6 HOH 115 415 14  HOH HOH A . 
I 6 HOH 116 416 40  HOH HOH A . 
I 6 HOH 117 417 106 HOH HOH A . 
I 6 HOH 118 418 112 HOH HOH A . 
I 6 HOH 119 419 20  HOH HOH A . 
I 6 HOH 120 420 54  HOH HOH A . 
I 6 HOH 121 421 41  HOH HOH A . 
I 6 HOH 122 422 17  HOH HOH A . 
I 6 HOH 123 423 214 HOH HOH A . 
I 6 HOH 124 424 70  HOH HOH A . 
I 6 HOH 125 425 64  HOH HOH A . 
I 6 HOH 126 426 174 HOH HOH A . 
I 6 HOH 127 427 100 HOH HOH A . 
I 6 HOH 128 428 105 HOH HOH A . 
I 6 HOH 129 429 198 HOH HOH A . 
I 6 HOH 130 430 95  HOH HOH A . 
I 6 HOH 131 431 156 HOH HOH A . 
I 6 HOH 132 432 102 HOH HOH A . 
I 6 HOH 133 433 38  HOH HOH A . 
I 6 HOH 134 434 126 HOH HOH A . 
I 6 HOH 135 435 91  HOH HOH A . 
I 6 HOH 136 436 218 HOH HOH A . 
I 6 HOH 137 437 5   HOH HOH A . 
I 6 HOH 138 438 69  HOH HOH A . 
I 6 HOH 139 439 10  HOH HOH A . 
I 6 HOH 140 440 192 HOH HOH A . 
I 6 HOH 141 441 135 HOH HOH A . 
I 6 HOH 142 442 176 HOH HOH A . 
I 6 HOH 143 443 11  HOH HOH A . 
I 6 HOH 144 444 93  HOH HOH A . 
I 6 HOH 145 445 197 HOH HOH A . 
I 6 HOH 146 446 31  HOH HOH A . 
I 6 HOH 147 447 203 HOH HOH A . 
I 6 HOH 148 448 80  HOH HOH A . 
I 6 HOH 149 449 96  HOH HOH A . 
I 6 HOH 150 450 146 HOH HOH A . 
I 6 HOH 151 451 51  HOH HOH A . 
I 6 HOH 152 452 58  HOH HOH A . 
I 6 HOH 153 453 23  HOH HOH A . 
I 6 HOH 154 454 6   HOH HOH A . 
I 6 HOH 155 455 237 HOH HOH A . 
I 6 HOH 156 456 123 HOH HOH A . 
I 6 HOH 157 457 212 HOH HOH A . 
I 6 HOH 158 458 76  HOH HOH A . 
I 6 HOH 159 459 89  HOH HOH A . 
I 6 HOH 160 460 132 HOH HOH A . 
I 6 HOH 161 461 213 HOH HOH A . 
I 6 HOH 162 462 74  HOH HOH A . 
I 6 HOH 163 463 171 HOH HOH A . 
I 6 HOH 164 464 200 HOH HOH A . 
I 6 HOH 165 465 159 HOH HOH A . 
I 6 HOH 166 466 118 HOH HOH A . 
I 6 HOH 167 467 128 HOH HOH A . 
I 6 HOH 168 468 224 HOH HOH A . 
I 6 HOH 169 469 61  HOH HOH A . 
I 6 HOH 170 470 210 HOH HOH A . 
I 6 HOH 171 471 230 HOH HOH A . 
I 6 HOH 172 472 101 HOH HOH A . 
I 6 HOH 173 473 136 HOH HOH A . 
I 6 HOH 174 474 246 HOH HOH A . 
I 6 HOH 175 475 22  HOH HOH A . 
I 6 HOH 176 476 117 HOH HOH A . 
I 6 HOH 177 477 87  HOH HOH A . 
I 6 HOH 178 478 233 HOH HOH A . 
I 6 HOH 179 479 158 HOH HOH A . 
I 6 HOH 180 480 231 HOH HOH A . 
I 6 HOH 181 481 175 HOH HOH A . 
I 6 HOH 182 482 65  HOH HOH A . 
I 6 HOH 183 483 98  HOH HOH A . 
I 6 HOH 184 484 99  HOH HOH A . 
I 6 HOH 185 485 151 HOH HOH A . 
I 6 HOH 186 486 154 HOH HOH A . 
I 6 HOH 187 487 162 HOH HOH A . 
I 6 HOH 188 488 228 HOH HOH A . 
I 6 HOH 189 489 134 HOH HOH A . 
I 6 HOH 190 490 232 HOH HOH A . 
I 6 HOH 191 491 207 HOH HOH A . 
I 6 HOH 192 492 157 HOH HOH A . 
I 6 HOH 193 493 83  HOH HOH A . 
I 6 HOH 194 494 201 HOH HOH A . 
I 6 HOH 195 495 239 HOH HOH A . 
I 6 HOH 196 496 225 HOH HOH A . 
I 6 HOH 197 497 226 HOH HOH A . 
I 6 HOH 198 498 240 HOH HOH A . 
I 6 HOH 199 499 140 HOH HOH A . 
I 6 HOH 200 500 127 HOH HOH A . 
I 6 HOH 201 501 86  HOH HOH A . 
I 6 HOH 202 502 190 HOH HOH A . 
I 6 HOH 203 503 85  HOH HOH A . 
I 6 HOH 204 504 122 HOH HOH A . 
I 6 HOH 205 505 163 HOH HOH A . 
I 6 HOH 206 506 189 HOH HOH A . 
I 6 HOH 207 507 32  HOH HOH A . 
I 6 HOH 208 508 172 HOH HOH A . 
I 6 HOH 209 509 73  HOH HOH A . 
I 6 HOH 210 510 199 HOH HOH A . 
I 6 HOH 211 511 185 HOH HOH A . 
I 6 HOH 212 512 229 HOH HOH A . 
I 6 HOH 213 513 202 HOH HOH A . 
I 6 HOH 214 514 223 HOH HOH A . 
I 6 HOH 215 515 221 HOH HOH A . 
I 6 HOH 216 516 236 HOH HOH A . 
I 6 HOH 217 517 209 HOH HOH A . 
I 6 HOH 218 518 187 HOH HOH A . 
I 6 HOH 219 519 114 HOH HOH A . 
I 6 HOH 220 520 56  HOH HOH A . 
I 6 HOH 221 521 75  HOH HOH A . 
I 6 HOH 222 522 129 HOH HOH A . 
I 6 HOH 223 523 208 HOH HOH A . 
I 6 HOH 224 524 235 HOH HOH A . 
I 6 HOH 225 525 165 HOH HOH A . 
I 6 HOH 226 526 142 HOH HOH A . 
I 6 HOH 227 527 153 HOH HOH A . 
I 6 HOH 228 528 241 HOH HOH A . 
I 6 HOH 229 529 206 HOH HOH A . 
I 6 HOH 230 530 243 HOH HOH A . 
I 6 HOH 231 531 92  HOH HOH A . 
I 6 HOH 232 532 222 HOH HOH A . 
I 6 HOH 233 533 160 HOH HOH A . 
I 6 HOH 234 534 125 HOH HOH A . 
I 6 HOH 235 535 242 HOH HOH A . 
I 6 HOH 236 536 164 HOH HOH A . 
I 6 HOH 237 537 244 HOH HOH A . 
# 
loop_
_software.classification 
_software.name 
_software.version 
_software.citation_id 
_software.pdbx_ordinal 
refinement       REFMAC  5.8.0267 ? 1 
refinement       REFMAC5 .        ? 2 
'data scaling'   Aimless .        ? 3 
phasing          PHASER  .        ? 4 
'data reduction' XDS     .        ? 5 
# 
_cell.entry_id           7H3C 
_cell.length_a           86.646 
_cell.length_b           56.160 
_cell.length_c           32.464 
_cell.angle_alpha        90.00 
_cell.angle_beta         95.67 
_cell.angle_gamma        90.00 
_cell.Z_PDB              4 
_cell.pdbx_unique_axis   ? 
# 
_symmetry.entry_id                         7H3C 
_symmetry.space_group_name_H-M             'C 1 2 1' 
_symmetry.pdbx_full_space_group_name_H-M   ? 
_symmetry.cell_setting                     ? 
_symmetry.Int_Tables_number                5 
# 
_exptl.entry_id          7H3C 
_exptl.method            'X-RAY DIFFRACTION' 
_exptl.crystals_number   1 
# 
_exptl_crystal.id                    1 
_exptl_crystal.density_meas          ? 
_exptl_crystal.density_Matthews      2.38 
_exptl_crystal.density_percent_sol   48.38 
_exptl_crystal.description           ? 
# 
_exptl_crystal_grow.crystal_id      1 
_exptl_crystal_grow.method          'VAPOR DIFFUSION, SITTING DROP' 
_exptl_crystal_grow.pH              6.05 
_exptl_crystal_grow.temp            293.15 
_exptl_crystal_grow.pdbx_details    '0.1 M MES, pH 6.05, 16 % PEG 20,000' 
_exptl_crystal_grow.temp_details    ? 
_exptl_crystal_grow.pdbx_pH_range   ? 
# 
_diffrn.id                     1 
_diffrn.ambient_temp           100 
_diffrn.crystal_id             1 
_diffrn.ambient_temp_details   ? 
# 
_diffrn_detector.detector               PIXEL 
_diffrn_detector.type                   'DECTRIS EIGER2 XE 16M' 
_diffrn_detector.pdbx_collection_date   2023-10-10 
_diffrn_detector.diffrn_id              1 
_diffrn_detector.details                ? 
# 
_diffrn_radiation.diffrn_id                        1 
_diffrn_radiation.wavelength_id                    1 
_diffrn_radiation.pdbx_diffrn_protocol             'SINGLE WAVELENGTH' 
_diffrn_radiation.pdbx_monochromatic_or_laue_m_l   ? 
_diffrn_radiation.monochromator                    ? 
_diffrn_radiation.pdbx_scattering_type             x-ray 
# 
_diffrn_radiation_wavelength.id           1 
_diffrn_radiation_wavelength.wavelength   0.94055 
_diffrn_radiation_wavelength.wt           1.0 
# 
_diffrn_source.diffrn_id                   1 
_diffrn_source.source                      SYNCHROTRON 
_diffrn_source.type                        'DIAMOND BEAMLINE I03' 
_diffrn_source.pdbx_wavelength_list        0.94055 
_diffrn_source.pdbx_synchrotron_site       Diamond 
_diffrn_source.pdbx_synchrotron_beamline   I03 
_diffrn_source.pdbx_wavelength             ? 
# 
_reflns.entry_id                     7H3C 
_reflns.pdbx_diffrn_id               1 
_reflns.pdbx_ordinal                 1 
_reflns.d_resolution_low             47.07 
_reflns.d_resolution_high            1.07 
_reflns.number_obs                   63780 
_reflns.percent_possible_obs         93.2 
_reflns.pdbx_Rmerge_I_obs            0.080 
_reflns.pdbx_netI_over_sigmaI        19.5 
_reflns.pdbx_redundancy              6.4 
_reflns.pdbx_Rrim_I_all              0.087 
_reflns.pdbx_Rpim_I_all              0.034 
_reflns.pdbx_CC_half                 0.996 
_reflns.pdbx_number_measured_all     405005 
_reflns.pdbx_chi_squared             0.70 
_reflns.observed_criterion_sigma_I   ? 
_reflns.observed_criterion_sigma_F   ? 
_reflns.number_all                   ? 
_reflns.pdbx_Rsym_value              ? 
_reflns.B_iso_Wilson_estimate        ? 
# 
_reflns_shell.pdbx_diffrn_id              1 
_reflns_shell.pdbx_ordinal                1 
_reflns_shell.d_res_high                  1.07 
_reflns_shell.d_res_low                   1.09 
_reflns_shell.number_measured_all         6637 
_reflns_shell.number_unique_obs           1808 
_reflns_shell.Rmerge_I_obs                1.958 
_reflns_shell.pdbx_chi_squared            0.21 
_reflns_shell.pdbx_redundancy             3.7 
_reflns_shell.percent_possible_obs        51.6 
_reflns_shell.pdbx_netI_over_sigmaI_obs   1.1 
_reflns_shell.pdbx_Rrim_I_all             2.278 
_reflns_shell.pdbx_Rpim_I_all             1.148 
_reflns_shell.pdbx_CC_half                0.259 
_reflns_shell.percent_possible_all        ? 
_reflns_shell.pdbx_Rsym_value             ? 
_reflns_shell.meanI_over_sigI_obs         ? 
# 
_refine.pdbx_refine_id                           'X-RAY DIFFRACTION' 
_refine.entry_id                                 7H3C 
_refine.pdbx_diffrn_id                           1 
_refine.pdbx_TLS_residual_ADP_flag               ? 
_refine.ls_number_reflns_obs                     60487 
_refine.ls_number_reflns_all                     ? 
_refine.pdbx_ls_sigma_I                          ? 
_refine.pdbx_ls_sigma_F                          ? 
_refine.pdbx_data_cutoff_high_absF               ? 
_refine.pdbx_data_cutoff_low_absF                ? 
_refine.pdbx_data_cutoff_high_rms_absF           ? 
_refine.ls_d_res_low                             47.06 
_refine.ls_d_res_high                            1.07 
_refine.ls_percent_reflns_obs                    92.78 
_refine.ls_R_factor_obs                          0.16348 
_refine.ls_R_factor_all                          ? 
_refine.ls_R_factor_R_work                       0.16287 
_refine.ls_R_factor_R_free                       0.17475 
_refine.ls_R_factor_R_free_error                 ? 
_refine.ls_R_factor_R_free_error_details         ? 
_refine.ls_percent_reflns_R_free                 4.9 
_refine.ls_number_reflns_R_free                  3113 
_refine.ls_number_parameters                     ? 
_refine.ls_number_restraints                     ? 
_refine.occupancy_min                            ? 
_refine.occupancy_max                            ? 
_refine.correlation_coeff_Fo_to_Fc               0.976 
_refine.correlation_coeff_Fo_to_Fc_free          0.973 
_refine.B_iso_mean                               13.037 
_refine.aniso_B[1][1]                            -0.28 
_refine.aniso_B[2][2]                            0.33 
_refine.aniso_B[3][3]                            -0.01 
_refine.aniso_B[1][2]                            0.00 
_refine.aniso_B[1][3]                            -0.21 
_refine.aniso_B[2][3]                            0.00 
_refine.solvent_model_details                    MASK 
_refine.solvent_model_param_ksol                 ? 
_refine.solvent_model_param_bsol                 ? 
_refine.pdbx_solvent_vdw_probe_radii             1.20 
_refine.pdbx_solvent_ion_probe_radii             0.80 
_refine.pdbx_solvent_shrinkage_radii             0.80 
_refine.pdbx_ls_cross_valid_method               THROUGHOUT 
_refine.details                                  'HYDROGENS HAVE BEEN ADDED IN THE RIDING POSITIONS' 
_refine.pdbx_starting_model                      ? 
_refine.pdbx_method_to_determine_struct          'MOLECULAR REPLACEMENT' 
_refine.pdbx_isotropic_thermal_model             ? 
_refine.pdbx_stereochemistry_target_values       'MAXIMUM LIKELIHOOD' 
_refine.pdbx_stereochem_target_val_spec_case     ? 
_refine.pdbx_R_Free_selection_details            RANDOM 
_refine.pdbx_overall_ESU_R                       0.029 
_refine.pdbx_overall_ESU_R_Free                  0.030 
_refine.overall_SU_ML                            ? 
_refine.pdbx_overall_phase_error                 ? 
_refine.overall_SU_B                             ? 
_refine.overall_SU_R_Cruickshank_DPI             ? 
_refine.pdbx_overall_SU_R_free_Cruickshank_DPI   ? 
_refine.pdbx_overall_SU_R_Blow_DPI               ? 
_refine.pdbx_overall_SU_R_free_Blow_DPI          ? 
# 
_refine_hist.pdbx_refine_id                   'X-RAY DIFFRACTION' 
_refine_hist.cycle_id                         1 
_refine_hist.pdbx_number_atoms_protein        1083 
_refine_hist.pdbx_number_atoms_nucleic_acid   0 
_refine_hist.pdbx_number_atoms_ligand         34 
_refine_hist.number_atoms_solvent             237 
_refine_hist.number_atoms_total               1354 
_refine_hist.d_res_high                       1.07 
_refine_hist.d_res_low                        47.06 
# 
loop_
_refine_ls_restr.type 
_refine_ls_restr.dev_ideal 
_refine_ls_restr.dev_ideal_target 
_refine_ls_restr.weight 
_refine_ls_restr.number 
_refine_ls_restr.pdbx_refine_id 
_refine_ls_restr.pdbx_restraint_function 
r_bond_refined_d             0.016  0.013  ? 1281 'X-RAY DIFFRACTION' ? 
r_bond_other_d               0.036  0.014  ? 1097 'X-RAY DIFFRACTION' ? 
r_angle_refined_deg          1.893  1.611  ? 1670 'X-RAY DIFFRACTION' ? 
r_angle_other_deg            2.418  1.608  ? 2489 'X-RAY DIFFRACTION' ? 
r_dihedral_angle_1_deg       6.766  5.000  ? 157  'X-RAY DIFFRACTION' ? 
r_dihedral_angle_2_deg       33.664 21.385 ? 65   'X-RAY DIFFRACTION' ? 
r_dihedral_angle_3_deg       11.604 15.000 ? 175  'X-RAY DIFFRACTION' ? 
r_dihedral_angle_4_deg       24.147 15.000 ? 9    'X-RAY DIFFRACTION' ? 
r_chiral_restr               0.101  0.200  ? 148  'X-RAY DIFFRACTION' ? 
r_gen_planes_refined         0.013  0.020  ? 1521 'X-RAY DIFFRACTION' ? 
r_gen_planes_other           0.022  0.020  ? 301  'X-RAY DIFFRACTION' ? 
r_nbd_refined                ?      ?      ? ?    'X-RAY DIFFRACTION' ? 
r_nbd_other                  ?      ?      ? ?    'X-RAY DIFFRACTION' ? 
r_nbtor_refined              ?      ?      ? ?    'X-RAY DIFFRACTION' ? 
r_nbtor_other                ?      ?      ? ?    'X-RAY DIFFRACTION' ? 
r_xyhbond_nbd_refined        ?      ?      ? ?    'X-RAY DIFFRACTION' ? 
r_xyhbond_nbd_other          ?      ?      ? ?    'X-RAY DIFFRACTION' ? 
r_metal_ion_refined          ?      ?      ? ?    'X-RAY DIFFRACTION' ? 
r_metal_ion_other            ?      ?      ? ?    'X-RAY DIFFRACTION' ? 
r_symmetry_vdw_refined       ?      ?      ? ?    'X-RAY DIFFRACTION' ? 
r_symmetry_vdw_other         ?      ?      ? ?    'X-RAY DIFFRACTION' ? 
r_symmetry_hbond_refined     ?      ?      ? ?    'X-RAY DIFFRACTION' ? 
r_symmetry_hbond_other       ?      ?      ? ?    'X-RAY DIFFRACTION' ? 
r_symmetry_metal_ion_refined ?      ?      ? ?    'X-RAY DIFFRACTION' ? 
r_symmetry_metal_ion_other   ?      ?      ? ?    'X-RAY DIFFRACTION' ? 
r_mcbond_it                  1.146  1.111  ? 634  'X-RAY DIFFRACTION' ? 
r_mcbond_other               1.147  1.107  ? 633  'X-RAY DIFFRACTION' ? 
r_mcangle_it                 1.706  1.650  ? 769  'X-RAY DIFFRACTION' ? 
r_mcangle_other              1.705  1.652  ? 770  'X-RAY DIFFRACTION' ? 
r_scbond_it                  2.055  1.395  ? 643  'X-RAY DIFFRACTION' ? 
r_scbond_other               2.054  1.397  ? 644  'X-RAY DIFFRACTION' ? 
r_scangle_it                 ?      ?      ? ?    'X-RAY DIFFRACTION' ? 
r_scangle_other              2.955  1.985  ? 896  'X-RAY DIFFRACTION' ? 
r_long_range_B_refined       4.872  15.733 ? 1454 'X-RAY DIFFRACTION' ? 
r_long_range_B_other         4.871  15.747 ? 1455 'X-RAY DIFFRACTION' ? 
r_rigid_bond_restr           ?      ?      ? ?    'X-RAY DIFFRACTION' ? 
r_sphericity_free            ?      ?      ? ?    'X-RAY DIFFRACTION' ? 
r_sphericity_bonded          ?      ?      ? ?    'X-RAY DIFFRACTION' ? 
# 
_refine_ls_shell.pdbx_refine_id                   'X-RAY DIFFRACTION' 
_refine_ls_shell.pdbx_total_number_of_bins_used   20 
_refine_ls_shell.d_res_high                       1.068 
_refine_ls_shell.d_res_low                        1.096 
_refine_ls_shell.number_reflns_R_work             2477 
_refine_ls_shell.R_factor_R_work                  0.280 
_refine_ls_shell.percent_reflns_obs               51.63 
_refine_ls_shell.R_factor_R_free                  0.262 
_refine_ls_shell.R_factor_R_free_error            ? 
_refine_ls_shell.percent_reflns_R_free            ? 
_refine_ls_shell.number_reflns_R_free             130 
_refine_ls_shell.number_reflns_all                ? 
_refine_ls_shell.R_factor_all                     ? 
# 
_struct.entry_id                  7H3C 
_struct.title                     
;Group deposition for crystallographic fragment screening of Coxsackievirus A16 (G-10) 2A protease -- Crystal structure of Coxsackievirus A16 (G-10) 2A protease in complex with Z54750053 (A71EV2A-x0359)
;
_struct.pdbx_model_details        ? 
_struct.pdbx_CASP_flag            ? 
_struct.pdbx_model_type_details   ? 
# 
_struct_keywords.entry_id        7H3C 
_struct_keywords.pdbx_keywords   HYDROLASE 
_struct_keywords.text            
;Diamond Light Source, I03, ASAP, Coxsackievirus A16, crystallographic fragment screening, PanDDA, Pandda2, XChemExplorer, viral protein, HYDROLASE
;
# 
loop_
_struct_asym.id 
_struct_asym.pdbx_blank_PDB_chainid_flag 
_struct_asym.pdbx_modified 
_struct_asym.entity_id 
_struct_asym.details 
A N N 1 ? 
B N N 2 ? 
C N N 3 ? 
D N N 4 ? 
E N N 4 ? 
F N N 4 ? 
G N N 4 ? 
H N N 5 ? 
I N N 6 ? 
# 
_struct_ref.id                         1 
_struct_ref.db_name                    UNP 
_struct_ref.db_code                    POLG_CX16G 
_struct_ref.pdbx_db_accession          Q65900 
_struct_ref.pdbx_db_isoform            ? 
_struct_ref.entity_id                  1 
_struct_ref.pdbx_seq_one_letter_code   
;SGAIYVGNYRVVNRHLATHNDWANLVWEDSSRDLLVSSTTAQGCDTIARCDCQTGVYYCSSRRKHYPVSFSKPSLIFVEA
SEYYPARYQSHLMLAVGHSEPGDCGGILRCQHGVVGIVSTGGNGLVGFADVRDLLWLDEEAMEQ
;
_struct_ref.pdbx_align_begin           869 
# 
_struct_ref_seq.align_id                      1 
_struct_ref_seq.ref_id                        1 
_struct_ref_seq.pdbx_PDB_id_code              7H3C 
_struct_ref_seq.pdbx_strand_id                A 
_struct_ref_seq.seq_align_beg                 7 
_struct_ref_seq.pdbx_seq_align_beg_ins_code   ? 
_struct_ref_seq.seq_align_end                 150 
_struct_ref_seq.pdbx_seq_align_end_ins_code   ? 
_struct_ref_seq.pdbx_db_accession             Q65900 
_struct_ref_seq.db_align_beg                  869 
_struct_ref_seq.pdbx_db_align_beg_ins_code    ? 
_struct_ref_seq.db_align_end                  1012 
_struct_ref_seq.pdbx_db_align_end_ins_code    ? 
_struct_ref_seq.pdbx_auth_seq_align_beg       7 
_struct_ref_seq.pdbx_auth_seq_align_end       150 
# 
loop_
_struct_ref_seq_dif.align_id 
_struct_ref_seq_dif.pdbx_pdb_id_code 
_struct_ref_seq_dif.mon_id 
_struct_ref_seq_dif.pdbx_pdb_strand_id 
_struct_ref_seq_dif.seq_num 
_struct_ref_seq_dif.pdbx_pdb_ins_code 
_struct_ref_seq_dif.pdbx_seq_db_name 
_struct_ref_seq_dif.pdbx_seq_db_accession_code 
_struct_ref_seq_dif.db_mon_id 
_struct_ref_seq_dif.pdbx_seq_db_seq_num 
_struct_ref_seq_dif.details 
_struct_ref_seq_dif.pdbx_auth_seq_num 
_struct_ref_seq_dif.pdbx_ordinal 
1 7H3C GLN A 1 ? UNP Q65900 ? ? 'expression tag' 1 1 
1 7H3C GLU A 2 ? UNP Q65900 ? ? 'expression tag' 2 2 
1 7H3C GLN A 3 ? UNP Q65900 ? ? 'expression tag' 3 3 
1 7H3C THR A 4 ? UNP Q65900 ? ? 'expression tag' 4 4 
1 7H3C GLY A 5 ? UNP Q65900 ? ? 'expression tag' 5 5 
1 7H3C GLY A 6 ? UNP Q65900 ? ? 'expression tag' 6 6 
# 
_pdbx_struct_assembly.id                   1 
_pdbx_struct_assembly.details              author_and_software_defined_assembly 
_pdbx_struct_assembly.method_details       PISA 
_pdbx_struct_assembly.oligomeric_details   monomeric 
_pdbx_struct_assembly.oligomeric_count     1 
# 
loop_
_pdbx_struct_assembly_prop.biol_id 
_pdbx_struct_assembly_prop.type 
_pdbx_struct_assembly_prop.value 
_pdbx_struct_assembly_prop.details 
1 'ABSA (A^2)' 670  ? 
1 MORE         -6   ? 
1 'SSA (A^2)'  7480 ? 
# 
_pdbx_struct_assembly_gen.assembly_id       1 
_pdbx_struct_assembly_gen.oper_expression   1 
_pdbx_struct_assembly_gen.asym_id_list      A,B,C,D,E,F,G,H,I 
# 
_pdbx_struct_oper_list.id                   1 
_pdbx_struct_oper_list.type                 'identity operation' 
_pdbx_struct_oper_list.name                 1_555 
_pdbx_struct_oper_list.symmetry_operation   x,y,z 
_pdbx_struct_oper_list.matrix[1][1]         1.0000000000 
_pdbx_struct_oper_list.matrix[1][2]         0.0000000000 
_pdbx_struct_oper_list.matrix[1][3]         0.0000000000 
_pdbx_struct_oper_list.vector[1]            0.0000000000 
_pdbx_struct_oper_list.matrix[2][1]         0.0000000000 
_pdbx_struct_oper_list.matrix[2][2]         1.0000000000 
_pdbx_struct_oper_list.matrix[2][3]         0.0000000000 
_pdbx_struct_oper_list.vector[2]            0.0000000000 
_pdbx_struct_oper_list.matrix[3][1]         0.0000000000 
_pdbx_struct_oper_list.matrix[3][2]         0.0000000000 
_pdbx_struct_oper_list.matrix[3][3]         1.0000000000 
_pdbx_struct_oper_list.vector[3]            0.0000000000 
# 
loop_
_struct_conf.conf_type_id 
_struct_conf.id 
_struct_conf.pdbx_PDB_helix_id 
_struct_conf.beg_label_comp_id 
_struct_conf.beg_label_asym_id 
_struct_conf.beg_label_seq_id 
_struct_conf.pdbx_beg_PDB_ins_code 
_struct_conf.end_label_comp_id 
_struct_conf.end_label_asym_id 
_struct_conf.end_label_seq_id 
_struct_conf.pdbx_end_PDB_ins_code 
_struct_conf.beg_auth_comp_id 
_struct_conf.beg_auth_asym_id 
_struct_conf.beg_auth_seq_id 
_struct_conf.end_auth_comp_id 
_struct_conf.end_auth_asym_id 
_struct_conf.end_auth_seq_id 
_struct_conf.pdbx_PDB_helix_class 
_struct_conf.details 
_struct_conf.pdbx_PDB_helix_length 
HELX_P HELX_P1 AA1 HIS A 21  ? ALA A 23  ? HIS A 21  ALA A 23  5 ? 3 
HELX_P HELX_P2 AA2 THR A 24  ? ASN A 30  ? THR A 24  ASN A 30  1 ? 7 
HELX_P HELX_P3 AA3 SER A 36  ? ARG A 38  ? SER A 36  ARG A 38  5 ? 3 
HELX_P HELX_P4 AA4 SER A 66  ? ARG A 69  ? SER A 66  ARG A 69  5 ? 4 
HELX_P HELX_P5 AA5 GLU A 106 ? CYS A 110 ? GLU A 106 CYS A 110 5 ? 5 
HELX_P HELX_P6 AA6 LEU A 140 ? GLU A 145 ? LEU A 140 GLU A 145 5 ? 6 
# 
_struct_conf_type.id          HELX_P 
_struct_conf_type.criteria    ? 
_struct_conf_type.reference   ? 
# 
loop_
_struct_conn.id 
_struct_conn.conn_type_id 
_struct_conn.pdbx_leaving_atom_flag 
_struct_conn.pdbx_PDB_id 
_struct_conn.ptnr1_label_asym_id 
_struct_conn.ptnr1_label_comp_id 
_struct_conn.ptnr1_label_seq_id 
_struct_conn.ptnr1_label_atom_id 
_struct_conn.pdbx_ptnr1_label_alt_id 
_struct_conn.pdbx_ptnr1_PDB_ins_code 
_struct_conn.pdbx_ptnr1_standard_comp_id 
_struct_conn.ptnr1_symmetry 
_struct_conn.ptnr2_label_asym_id 
_struct_conn.ptnr2_label_comp_id 
_struct_conn.ptnr2_label_seq_id 
_struct_conn.ptnr2_label_atom_id 
_struct_conn.pdbx_ptnr2_label_alt_id 
_struct_conn.pdbx_ptnr2_PDB_ins_code 
_struct_conn.ptnr1_auth_asym_id 
_struct_conn.ptnr1_auth_comp_id 
_struct_conn.ptnr1_auth_seq_id 
_struct_conn.ptnr2_auth_asym_id 
_struct_conn.ptnr2_auth_comp_id 
_struct_conn.ptnr2_auth_seq_id 
_struct_conn.ptnr2_symmetry 
_struct_conn.pdbx_ptnr3_label_atom_id 
_struct_conn.pdbx_ptnr3_label_seq_id 
_struct_conn.pdbx_ptnr3_label_comp_id 
_struct_conn.pdbx_ptnr3_label_asym_id 
_struct_conn.pdbx_ptnr3_label_alt_id 
_struct_conn.pdbx_ptnr3_PDB_ins_code 
_struct_conn.details 
_struct_conn.pdbx_dist_value 
_struct_conn.pdbx_value_order 
_struct_conn.pdbx_role 
metalc1 metalc ? ? A CYS 56  SG  ? ? ? 1_555 C ZN . ZN ? ? A CYS 56  A ZN 202 1_555 ? ? ? ? ? ? ? 2.315 ? ? 
metalc2 metalc ? ? A CYS 58  SG  ? ? ? 1_555 C ZN . ZN ? ? A CYS 58  A ZN 202 1_555 ? ? ? ? ? ? ? 2.313 ? ? 
metalc3 metalc ? ? A CYS 116 SG  ? ? ? 1_555 C ZN . ZN ? ? A CYS 116 A ZN 202 1_555 ? ? ? ? ? ? ? 2.306 ? ? 
metalc4 metalc ? ? A HIS 118 ND1 ? ? ? 1_555 C ZN . ZN ? ? A HIS 118 A ZN 202 1_555 ? ? ? ? ? ? ? 2.067 ? ? 
# 
_struct_conn_type.id          metalc 
_struct_conn_type.criteria    ? 
_struct_conn_type.reference   ? 
# 
loop_
_pdbx_struct_conn_angle.id 
_pdbx_struct_conn_angle.ptnr1_label_atom_id 
_pdbx_struct_conn_angle.ptnr1_label_alt_id 
_pdbx_struct_conn_angle.ptnr1_label_asym_id 
_pdbx_struct_conn_angle.ptnr1_label_comp_id 
_pdbx_struct_conn_angle.ptnr1_label_seq_id 
_pdbx_struct_conn_angle.ptnr1_auth_atom_id 
_pdbx_struct_conn_angle.ptnr1_auth_asym_id 
_pdbx_struct_conn_angle.ptnr1_auth_comp_id 
_pdbx_struct_conn_angle.ptnr1_auth_seq_id 
_pdbx_struct_conn_angle.ptnr1_PDB_ins_code 
_pdbx_struct_conn_angle.ptnr1_symmetry 
_pdbx_struct_conn_angle.ptnr2_label_atom_id 
_pdbx_struct_conn_angle.ptnr2_label_alt_id 
_pdbx_struct_conn_angle.ptnr2_label_asym_id 
_pdbx_struct_conn_angle.ptnr2_label_comp_id 
_pdbx_struct_conn_angle.ptnr2_label_seq_id 
_pdbx_struct_conn_angle.ptnr2_auth_atom_id 
_pdbx_struct_conn_angle.ptnr2_auth_asym_id 
_pdbx_struct_conn_angle.ptnr2_auth_comp_id 
_pdbx_struct_conn_angle.ptnr2_auth_seq_id 
_pdbx_struct_conn_angle.ptnr2_PDB_ins_code 
_pdbx_struct_conn_angle.ptnr2_symmetry 
_pdbx_struct_conn_angle.ptnr3_label_atom_id 
_pdbx_struct_conn_angle.ptnr3_label_alt_id 
_pdbx_struct_conn_angle.ptnr3_label_asym_id 
_pdbx_struct_conn_angle.ptnr3_label_comp_id 
_pdbx_struct_conn_angle.ptnr3_label_seq_id 
_pdbx_struct_conn_angle.ptnr3_auth_atom_id 
_pdbx_struct_conn_angle.ptnr3_auth_asym_id 
_pdbx_struct_conn_angle.ptnr3_auth_comp_id 
_pdbx_struct_conn_angle.ptnr3_auth_seq_id 
_pdbx_struct_conn_angle.ptnr3_PDB_ins_code 
_pdbx_struct_conn_angle.ptnr3_symmetry 
_pdbx_struct_conn_angle.value 
_pdbx_struct_conn_angle.value_esd 
1 SG ? A CYS 56  ? A CYS 56  ? 1_555 ZN ? C ZN . ? A ZN 202 ? 1_555 SG  ? A CYS 58  ? A CYS 58  ? 1_555 109.9 ? 
2 SG ? A CYS 56  ? A CYS 56  ? 1_555 ZN ? C ZN . ? A ZN 202 ? 1_555 SG  ? A CYS 116 ? A CYS 116 ? 1_555 105.8 ? 
3 SG ? A CYS 58  ? A CYS 58  ? 1_555 ZN ? C ZN . ? A ZN 202 ? 1_555 SG  ? A CYS 116 ? A CYS 116 ? 1_555 117.6 ? 
4 SG ? A CYS 56  ? A CYS 56  ? 1_555 ZN ? C ZN . ? A ZN 202 ? 1_555 ND1 ? A HIS 118 ? A HIS 118 ? 1_555 107.5 ? 
5 SG ? A CYS 58  ? A CYS 58  ? 1_555 ZN ? C ZN . ? A ZN 202 ? 1_555 ND1 ? A HIS 118 ? A HIS 118 ? 1_555 101.1 ? 
6 SG ? A CYS 116 ? A CYS 116 ? 1_555 ZN ? C ZN . ? A ZN 202 ? 1_555 ND1 ? A HIS 118 ? A HIS 118 ? 1_555 114.5 ? 
# 
loop_
_struct_sheet.id 
_struct_sheet.type 
_struct_sheet.number_strands 
_struct_sheet.details 
AA1 ? 4 ? 
AA2 ? 7 ? 
# 
loop_
_struct_sheet_order.sheet_id 
_struct_sheet_order.range_id_1 
_struct_sheet_order.range_id_2 
_struct_sheet_order.offset 
_struct_sheet_order.sense 
AA1 1 2 ? anti-parallel 
AA1 2 3 ? anti-parallel 
AA1 3 4 ? anti-parallel 
AA2 1 2 ? anti-parallel 
AA2 2 3 ? anti-parallel 
AA2 3 4 ? anti-parallel 
AA2 4 5 ? anti-parallel 
AA2 5 6 ? anti-parallel 
AA2 6 7 ? anti-parallel 
# 
loop_
_struct_sheet_range.sheet_id 
_struct_sheet_range.id 
_struct_sheet_range.beg_label_comp_id 
_struct_sheet_range.beg_label_asym_id 
_struct_sheet_range.beg_label_seq_id 
_struct_sheet_range.pdbx_beg_PDB_ins_code 
_struct_sheet_range.end_label_comp_id 
_struct_sheet_range.end_label_asym_id 
_struct_sheet_range.end_label_seq_id 
_struct_sheet_range.pdbx_end_PDB_ins_code 
_struct_sheet_range.beg_auth_comp_id 
_struct_sheet_range.beg_auth_asym_id 
_struct_sheet_range.beg_auth_seq_id 
_struct_sheet_range.end_auth_comp_id 
_struct_sheet_range.end_auth_asym_id 
_struct_sheet_range.end_auth_seq_id 
AA1 1 ILE A 10  ? VAL A 12  ? ILE A 10  VAL A 12  
AA1 2 TYR A 15  ? ASN A 19  ? TYR A 15  ASN A 19  
AA1 3 LEU A 40  ? SER A 44  ? LEU A 40  SER A 44  
AA1 4 LEU A 31  ? ASP A 35  ? LEU A 31  ASP A 35  
AA2 1 LYS A 70  ? SER A 75  ? LYS A 70  SER A 75  
AA2 2 THR A 60  ? CYS A 65  ? THR A 60  CYS A 65  
AA2 3 ILE A 113 ? CYS A 116 ? ILE A 113 CYS A 116 
AA2 4 GLY A 119 ? THR A 126 ? GLY A 119 THR A 126 
AA2 5 LEU A 131 ? ASP A 136 ? LEU A 131 ASP A 136 
AA2 6 ARG A 93  ? VAL A 102 ? ARG A 93  VAL A 102 
AA2 7 SER A 80  ? VAL A 84  ? SER A 80  VAL A 84  
# 
loop_
_pdbx_struct_sheet_hbond.sheet_id 
_pdbx_struct_sheet_hbond.range_id_1 
_pdbx_struct_sheet_hbond.range_id_2 
_pdbx_struct_sheet_hbond.range_1_label_atom_id 
_pdbx_struct_sheet_hbond.range_1_label_comp_id 
_pdbx_struct_sheet_hbond.range_1_label_asym_id 
_pdbx_struct_sheet_hbond.range_1_label_seq_id 
_pdbx_struct_sheet_hbond.range_1_PDB_ins_code 
_pdbx_struct_sheet_hbond.range_1_auth_atom_id 
_pdbx_struct_sheet_hbond.range_1_auth_comp_id 
_pdbx_struct_sheet_hbond.range_1_auth_asym_id 
_pdbx_struct_sheet_hbond.range_1_auth_seq_id 
_pdbx_struct_sheet_hbond.range_2_label_atom_id 
_pdbx_struct_sheet_hbond.range_2_label_comp_id 
_pdbx_struct_sheet_hbond.range_2_label_asym_id 
_pdbx_struct_sheet_hbond.range_2_label_seq_id 
_pdbx_struct_sheet_hbond.range_2_PDB_ins_code 
_pdbx_struct_sheet_hbond.range_2_auth_atom_id 
_pdbx_struct_sheet_hbond.range_2_auth_comp_id 
_pdbx_struct_sheet_hbond.range_2_auth_asym_id 
_pdbx_struct_sheet_hbond.range_2_auth_seq_id 
AA1 1 2 N ILE A 10  ? N ILE A 10  O VAL A 17  ? O VAL A 17  
AA1 2 3 N VAL A 18  ? N VAL A 18  O LEU A 41  ? O LEU A 41  
AA1 3 4 O VAL A 42  ? O VAL A 42  N TRP A 33  ? N TRP A 33  
AA2 1 2 O LYS A 70  ? O LYS A 70  N CYS A 65  ? N CYS A 65  
AA2 2 3 N VAL A 62  ? N VAL A 62  O ARG A 115 ? O ARG A 115 
AA2 3 4 N LEU A 114 ? N LEU A 114 O VAL A 121 ? O VAL A 121 
AA2 4 5 N SER A 125 ? N SER A 125 O GLY A 133 ? O GLY A 133 
AA2 5 6 O PHE A 134 ? O PHE A 134 N MET A 99  ? N MET A 99  
AA2 6 7 O ARG A 93  ? O ARG A 93  N VAL A 84  ? N VAL A 84  
# 
_pdbx_entry_details.entry_id                   7H3C 
_pdbx_entry_details.compound_details           ? 
_pdbx_entry_details.source_details             ? 
_pdbx_entry_details.nonpolymer_details         ? 
_pdbx_entry_details.sequence_details           ? 
_pdbx_entry_details.has_ligand_of_interest     ? 
_pdbx_entry_details.has_protein_modification   N 
# 
loop_
_pdbx_validate_close_contact.id 
_pdbx_validate_close_contact.PDB_model_num 
_pdbx_validate_close_contact.auth_atom_id_1 
_pdbx_validate_close_contact.auth_asym_id_1 
_pdbx_validate_close_contact.auth_comp_id_1 
_pdbx_validate_close_contact.auth_seq_id_1 
_pdbx_validate_close_contact.PDB_ins_code_1 
_pdbx_validate_close_contact.label_alt_id_1 
_pdbx_validate_close_contact.auth_atom_id_2 
_pdbx_validate_close_contact.auth_asym_id_2 
_pdbx_validate_close_contact.auth_comp_id_2 
_pdbx_validate_close_contact.auth_seq_id_2 
_pdbx_validate_close_contact.PDB_ins_code_2 
_pdbx_validate_close_contact.label_alt_id_2 
_pdbx_validate_close_contact.dist 
1 1 O   A HOH 309 ? ? O A HOH 431 ? ? 1.79 
2 1 OE1 A GLU 106 ? ? O A HOH 301 ? ? 1.97 
3 1 O   A HOH 346 ? ? O A HOH 462 ? ? 2.02 
4 1 O   A HOH 327 ? ? O A HOH 346 ? ? 2.11 
5 1 OE1 A GLN 48  ? ? O A HOH 302 ? ? 2.17 
6 1 OH  A TYR 94  ? ? O A HOH 303 ? ? 2.19 
# 
loop_
_pdbx_validate_symm_contact.id 
_pdbx_validate_symm_contact.PDB_model_num 
_pdbx_validate_symm_contact.auth_atom_id_1 
_pdbx_validate_symm_contact.auth_asym_id_1 
_pdbx_validate_symm_contact.auth_comp_id_1 
_pdbx_validate_symm_contact.auth_seq_id_1 
_pdbx_validate_symm_contact.PDB_ins_code_1 
_pdbx_validate_symm_contact.label_alt_id_1 
_pdbx_validate_symm_contact.site_symmetry_1 
_pdbx_validate_symm_contact.auth_atom_id_2 
_pdbx_validate_symm_contact.auth_asym_id_2 
_pdbx_validate_symm_contact.auth_comp_id_2 
_pdbx_validate_symm_contact.auth_seq_id_2 
_pdbx_validate_symm_contact.PDB_ins_code_2 
_pdbx_validate_symm_contact.label_alt_id_2 
_pdbx_validate_symm_contact.site_symmetry_2 
_pdbx_validate_symm_contact.dist 
1 1 O3 A SO4 207 ? ? 1_555 O4 A SO4 207 ? ? 2_556 0.62 
2 1 O2 A SO4 207 ? ? 1_555 O2 A SO4 207 ? ? 2_556 0.99 
3 1 S  A SO4 207 ? ? 1_555 O3 A SO4 207 ? ? 2_556 1.48 
4 1 S  A SO4 207 ? ? 1_555 S  A SO4 207 ? ? 2_556 1.64 
5 1 S  A SO4 207 ? ? 1_555 O2 A SO4 207 ? ? 2_556 1.92 
6 1 S  A SO4 207 ? ? 1_555 O4 A SO4 207 ? ? 2_556 1.94 
7 1 O  A HOH 398 ? ? 1_555 O  A HOH 499 ? ? 4_556 1.97 
8 1 C8 A WHY 201 ? ? 1_555 O  A HOH 361 ? ? 4_556 2.01 
9 1 O3 A SO4 207 ? ? 1_555 O3 A SO4 207 ? ? 2_556 2.04 
# 
_pdbx_validate_rmsd_bond.id                        1 
_pdbx_validate_rmsd_bond.PDB_model_num             1 
_pdbx_validate_rmsd_bond.auth_atom_id_1            CD 
_pdbx_validate_rmsd_bond.auth_asym_id_1            A 
_pdbx_validate_rmsd_bond.auth_comp_id_1            GLU 
_pdbx_validate_rmsd_bond.auth_seq_id_1             106 
_pdbx_validate_rmsd_bond.PDB_ins_code_1            ? 
_pdbx_validate_rmsd_bond.label_alt_id_1            ? 
_pdbx_validate_rmsd_bond.auth_atom_id_2            OE2 
_pdbx_validate_rmsd_bond.auth_asym_id_2            A 
_pdbx_validate_rmsd_bond.auth_comp_id_2            GLU 
_pdbx_validate_rmsd_bond.auth_seq_id_2             106 
_pdbx_validate_rmsd_bond.PDB_ins_code_2            ? 
_pdbx_validate_rmsd_bond.label_alt_id_2            ? 
_pdbx_validate_rmsd_bond.bond_value                1.159 
_pdbx_validate_rmsd_bond.bond_target_value         1.252 
_pdbx_validate_rmsd_bond.bond_deviation            -0.093 
_pdbx_validate_rmsd_bond.bond_standard_deviation   0.011 
_pdbx_validate_rmsd_bond.linker_flag               N 
# 
_pdbx_validate_rmsd_angle.id                         1 
_pdbx_validate_rmsd_angle.PDB_model_num              1 
_pdbx_validate_rmsd_angle.auth_atom_id_1             NE 
_pdbx_validate_rmsd_angle.auth_asym_id_1             A 
_pdbx_validate_rmsd_angle.auth_comp_id_1             ARG 
_pdbx_validate_rmsd_angle.auth_seq_id_1              16 
_pdbx_validate_rmsd_angle.PDB_ins_code_1             ? 
_pdbx_validate_rmsd_angle.label_alt_id_1             ? 
_pdbx_validate_rmsd_angle.auth_atom_id_2             CZ 
_pdbx_validate_rmsd_angle.auth_asym_id_2             A 
_pdbx_validate_rmsd_angle.auth_comp_id_2             ARG 
_pdbx_validate_rmsd_angle.auth_seq_id_2              16 
_pdbx_validate_rmsd_angle.PDB_ins_code_2             ? 
_pdbx_validate_rmsd_angle.label_alt_id_2             ? 
_pdbx_validate_rmsd_angle.auth_atom_id_3             NH1 
_pdbx_validate_rmsd_angle.auth_asym_id_3             A 
_pdbx_validate_rmsd_angle.auth_comp_id_3             ARG 
_pdbx_validate_rmsd_angle.auth_seq_id_3              16 
_pdbx_validate_rmsd_angle.PDB_ins_code_3             ? 
_pdbx_validate_rmsd_angle.label_alt_id_3             ? 
_pdbx_validate_rmsd_angle.angle_value                123.42 
_pdbx_validate_rmsd_angle.angle_target_value         120.30 
_pdbx_validate_rmsd_angle.angle_deviation            3.12 
_pdbx_validate_rmsd_angle.angle_standard_deviation   0.50 
_pdbx_validate_rmsd_angle.linker_flag                N 
# 
_pdbx_distant_solvent_atoms.id                                1 
_pdbx_distant_solvent_atoms.PDB_model_num                     1 
_pdbx_distant_solvent_atoms.auth_atom_id                      O 
_pdbx_distant_solvent_atoms.label_alt_id                      ? 
_pdbx_distant_solvent_atoms.auth_asym_id                      A 
_pdbx_distant_solvent_atoms.auth_comp_id                      HOH 
_pdbx_distant_solvent_atoms.auth_seq_id                       537 
_pdbx_distant_solvent_atoms.PDB_ins_code                      ? 
_pdbx_distant_solvent_atoms.neighbor_macromolecule_distance   7.99 
_pdbx_distant_solvent_atoms.neighbor_ligand_distance          . 
# 
loop_
_pdbx_unobs_or_zero_occ_residues.id 
_pdbx_unobs_or_zero_occ_residues.PDB_model_num 
_pdbx_unobs_or_zero_occ_residues.polymer_flag 
_pdbx_unobs_or_zero_occ_residues.occupancy_flag 
_pdbx_unobs_or_zero_occ_residues.auth_asym_id 
_pdbx_unobs_or_zero_occ_residues.auth_comp_id 
_pdbx_unobs_or_zero_occ_residues.auth_seq_id 
_pdbx_unobs_or_zero_occ_residues.PDB_ins_code 
_pdbx_unobs_or_zero_occ_residues.label_asym_id 
_pdbx_unobs_or_zero_occ_residues.label_comp_id 
_pdbx_unobs_or_zero_occ_residues.label_seq_id 
1  1 Y 1 A GLN 1   ? A GLN 1   
2  1 Y 1 A GLU 2   ? A GLU 2   
3  1 Y 1 A GLN 3   ? A GLN 3   
4  1 Y 1 A THR 4   ? A THR 4   
5  1 Y 1 A GLY 5   ? A GLY 5   
6  1 Y 1 A GLY 6   ? A GLY 6   
7  1 Y 1 A ALA 147 ? A ALA 147 
8  1 Y 1 A MET 148 ? A MET 148 
9  1 Y 1 A GLU 149 ? A GLU 149 
10 1 Y 1 A GLN 150 ? A GLN 150 
# 
loop_
_chem_comp_atom.comp_id 
_chem_comp_atom.atom_id 
_chem_comp_atom.type_symbol 
_chem_comp_atom.pdbx_aromatic_flag 
_chem_comp_atom.pdbx_stereo_config 
_chem_comp_atom.pdbx_ordinal 
ALA N    N  N N 1   
ALA CA   C  N S 2   
ALA C    C  N N 3   
ALA O    O  N N 4   
ALA CB   C  N N 5   
ALA OXT  O  N N 6   
ALA H    H  N N 7   
ALA H2   H  N N 8   
ALA HA   H  N N 9   
ALA HB1  H  N N 10  
ALA HB2  H  N N 11  
ALA HB3  H  N N 12  
ALA HXT  H  N N 13  
ARG N    N  N N 14  
ARG CA   C  N S 15  
ARG C    C  N N 16  
ARG O    O  N N 17  
ARG CB   C  N N 18  
ARG CG   C  N N 19  
ARG CD   C  N N 20  
ARG NE   N  N N 21  
ARG CZ   C  N N 22  
ARG NH1  N  N N 23  
ARG NH2  N  N N 24  
ARG OXT  O  N N 25  
ARG H    H  N N 26  
ARG H2   H  N N 27  
ARG HA   H  N N 28  
ARG HB2  H  N N 29  
ARG HB3  H  N N 30  
ARG HG2  H  N N 31  
ARG HG3  H  N N 32  
ARG HD2  H  N N 33  
ARG HD3  H  N N 34  
ARG HE   H  N N 35  
ARG HH11 H  N N 36  
ARG HH12 H  N N 37  
ARG HH21 H  N N 38  
ARG HH22 H  N N 39  
ARG HXT  H  N N 40  
ASN N    N  N N 41  
ASN CA   C  N S 42  
ASN C    C  N N 43  
ASN O    O  N N 44  
ASN CB   C  N N 45  
ASN CG   C  N N 46  
ASN OD1  O  N N 47  
ASN ND2  N  N N 48  
ASN OXT  O  N N 49  
ASN H    H  N N 50  
ASN H2   H  N N 51  
ASN HA   H  N N 52  
ASN HB2  H  N N 53  
ASN HB3  H  N N 54  
ASN HD21 H  N N 55  
ASN HD22 H  N N 56  
ASN HXT  H  N N 57  
ASP N    N  N N 58  
ASP CA   C  N S 59  
ASP C    C  N N 60  
ASP O    O  N N 61  
ASP CB   C  N N 62  
ASP CG   C  N N 63  
ASP OD1  O  N N 64  
ASP OD2  O  N N 65  
ASP OXT  O  N N 66  
ASP H    H  N N 67  
ASP H2   H  N N 68  
ASP HA   H  N N 69  
ASP HB2  H  N N 70  
ASP HB3  H  N N 71  
ASP HD2  H  N N 72  
ASP HXT  H  N N 73  
CYS N    N  N N 74  
CYS CA   C  N R 75  
CYS C    C  N N 76  
CYS O    O  N N 77  
CYS CB   C  N N 78  
CYS SG   S  N N 79  
CYS OXT  O  N N 80  
CYS H    H  N N 81  
CYS H2   H  N N 82  
CYS HA   H  N N 83  
CYS HB2  H  N N 84  
CYS HB3  H  N N 85  
CYS HG   H  N N 86  
CYS HXT  H  N N 87  
DMS S    S  N N 88  
DMS O    O  N N 89  
DMS C1   C  N N 90  
DMS C2   C  N N 91  
DMS H11  H  N N 92  
DMS H12  H  N N 93  
DMS H13  H  N N 94  
DMS H21  H  N N 95  
DMS H22  H  N N 96  
DMS H23  H  N N 97  
GLN N    N  N N 98  
GLN CA   C  N S 99  
GLN C    C  N N 100 
GLN O    O  N N 101 
GLN CB   C  N N 102 
GLN CG   C  N N 103 
GLN CD   C  N N 104 
GLN OE1  O  N N 105 
GLN NE2  N  N N 106 
GLN OXT  O  N N 107 
GLN H    H  N N 108 
GLN H2   H  N N 109 
GLN HA   H  N N 110 
GLN HB2  H  N N 111 
GLN HB3  H  N N 112 
GLN HG2  H  N N 113 
GLN HG3  H  N N 114 
GLN HE21 H  N N 115 
GLN HE22 H  N N 116 
GLN HXT  H  N N 117 
GLU N    N  N N 118 
GLU CA   C  N S 119 
GLU C    C  N N 120 
GLU O    O  N N 121 
GLU CB   C  N N 122 
GLU CG   C  N N 123 
GLU CD   C  N N 124 
GLU OE1  O  N N 125 
GLU OE2  O  N N 126 
GLU OXT  O  N N 127 
GLU H    H  N N 128 
GLU H2   H  N N 129 
GLU HA   H  N N 130 
GLU HB2  H  N N 131 
GLU HB3  H  N N 132 
GLU HG2  H  N N 133 
GLU HG3  H  N N 134 
GLU HE2  H  N N 135 
GLU HXT  H  N N 136 
GLY N    N  N N 137 
GLY CA   C  N N 138 
GLY C    C  N N 139 
GLY O    O  N N 140 
GLY OXT  O  N N 141 
GLY H    H  N N 142 
GLY H2   H  N N 143 
GLY HA2  H  N N 144 
GLY HA3  H  N N 145 
GLY HXT  H  N N 146 
HIS N    N  N N 147 
HIS CA   C  N S 148 
HIS C    C  N N 149 
HIS O    O  N N 150 
HIS CB   C  N N 151 
HIS CG   C  Y N 152 
HIS ND1  N  Y N 153 
HIS CD2  C  Y N 154 
HIS CE1  C  Y N 155 
HIS NE2  N  Y N 156 
HIS OXT  O  N N 157 
HIS H    H  N N 158 
HIS H2   H  N N 159 
HIS HA   H  N N 160 
HIS HB2  H  N N 161 
HIS HB3  H  N N 162 
HIS HD1  H  N N 163 
HIS HD2  H  N N 164 
HIS HE1  H  N N 165 
HIS HE2  H  N N 166 
HIS HXT  H  N N 167 
HOH O    O  N N 168 
HOH H1   H  N N 169 
HOH H2   H  N N 170 
ILE N    N  N N 171 
ILE CA   C  N S 172 
ILE C    C  N N 173 
ILE O    O  N N 174 
ILE CB   C  N S 175 
ILE CG1  C  N N 176 
ILE CG2  C  N N 177 
ILE CD1  C  N N 178 
ILE OXT  O  N N 179 
ILE H    H  N N 180 
ILE H2   H  N N 181 
ILE HA   H  N N 182 
ILE HB   H  N N 183 
ILE HG12 H  N N 184 
ILE HG13 H  N N 185 
ILE HG21 H  N N 186 
ILE HG22 H  N N 187 
ILE HG23 H  N N 188 
ILE HD11 H  N N 189 
ILE HD12 H  N N 190 
ILE HD13 H  N N 191 
ILE HXT  H  N N 192 
LEU N    N  N N 193 
LEU CA   C  N S 194 
LEU C    C  N N 195 
LEU O    O  N N 196 
LEU CB   C  N N 197 
LEU CG   C  N N 198 
LEU CD1  C  N N 199 
LEU CD2  C  N N 200 
LEU OXT  O  N N 201 
LEU H    H  N N 202 
LEU H2   H  N N 203 
LEU HA   H  N N 204 
LEU HB2  H  N N 205 
LEU HB3  H  N N 206 
LEU HG   H  N N 207 
LEU HD11 H  N N 208 
LEU HD12 H  N N 209 
LEU HD13 H  N N 210 
LEU HD21 H  N N 211 
LEU HD22 H  N N 212 
LEU HD23 H  N N 213 
LEU HXT  H  N N 214 
LYS N    N  N N 215 
LYS CA   C  N S 216 
LYS C    C  N N 217 
LYS O    O  N N 218 
LYS CB   C  N N 219 
LYS CG   C  N N 220 
LYS CD   C  N N 221 
LYS CE   C  N N 222 
LYS NZ   N  N N 223 
LYS OXT  O  N N 224 
LYS H    H  N N 225 
LYS H2   H  N N 226 
LYS HA   H  N N 227 
LYS HB2  H  N N 228 
LYS HB3  H  N N 229 
LYS HG2  H  N N 230 
LYS HG3  H  N N 231 
LYS HD2  H  N N 232 
LYS HD3  H  N N 233 
LYS HE2  H  N N 234 
LYS HE3  H  N N 235 
LYS HZ1  H  N N 236 
LYS HZ2  H  N N 237 
LYS HZ3  H  N N 238 
LYS HXT  H  N N 239 
MET N    N  N N 240 
MET CA   C  N S 241 
MET C    C  N N 242 
MET O    O  N N 243 
MET CB   C  N N 244 
MET CG   C  N N 245 
MET SD   S  N N 246 
MET CE   C  N N 247 
MET OXT  O  N N 248 
MET H    H  N N 249 
MET H2   H  N N 250 
MET HA   H  N N 251 
MET HB2  H  N N 252 
MET HB3  H  N N 253 
MET HG2  H  N N 254 
MET HG3  H  N N 255 
MET HE1  H  N N 256 
MET HE2  H  N N 257 
MET HE3  H  N N 258 
MET HXT  H  N N 259 
PHE N    N  N N 260 
PHE CA   C  N S 261 
PHE C    C  N N 262 
PHE O    O  N N 263 
PHE CB   C  N N 264 
PHE CG   C  Y N 265 
PHE CD1  C  Y N 266 
PHE CD2  C  Y N 267 
PHE CE1  C  Y N 268 
PHE CE2  C  Y N 269 
PHE CZ   C  Y N 270 
PHE OXT  O  N N 271 
PHE H    H  N N 272 
PHE H2   H  N N 273 
PHE HA   H  N N 274 
PHE HB2  H  N N 275 
PHE HB3  H  N N 276 
PHE HD1  H  N N 277 
PHE HD2  H  N N 278 
PHE HE1  H  N N 279 
PHE HE2  H  N N 280 
PHE HZ   H  N N 281 
PHE HXT  H  N N 282 
PRO N    N  N N 283 
PRO CA   C  N S 284 
PRO C    C  N N 285 
PRO O    O  N N 286 
PRO CB   C  N N 287 
PRO CG   C  N N 288 
PRO CD   C  N N 289 
PRO OXT  O  N N 290 
PRO H    H  N N 291 
PRO HA   H  N N 292 
PRO HB2  H  N N 293 
PRO HB3  H  N N 294 
PRO HG2  H  N N 295 
PRO HG3  H  N N 296 
PRO HD2  H  N N 297 
PRO HD3  H  N N 298 
PRO HXT  H  N N 299 
SER N    N  N N 300 
SER CA   C  N S 301 
SER C    C  N N 302 
SER O    O  N N 303 
SER CB   C  N N 304 
SER OG   O  N N 305 
SER OXT  O  N N 306 
SER H    H  N N 307 
SER H2   H  N N 308 
SER HA   H  N N 309 
SER HB2  H  N N 310 
SER HB3  H  N N 311 
SER HG   H  N N 312 
SER HXT  H  N N 313 
SO4 S    S  N N 314 
SO4 O1   O  N N 315 
SO4 O2   O  N N 316 
SO4 O3   O  N N 317 
SO4 O4   O  N N 318 
THR N    N  N N 319 
THR CA   C  N S 320 
THR C    C  N N 321 
THR O    O  N N 322 
THR CB   C  N R 323 
THR OG1  O  N N 324 
THR CG2  C  N N 325 
THR OXT  O  N N 326 
THR H    H  N N 327 
THR H2   H  N N 328 
THR HA   H  N N 329 
THR HB   H  N N 330 
THR HG1  H  N N 331 
THR HG21 H  N N 332 
THR HG22 H  N N 333 
THR HG23 H  N N 334 
THR HXT  H  N N 335 
TRP N    N  N N 336 
TRP CA   C  N S 337 
TRP C    C  N N 338 
TRP O    O  N N 339 
TRP CB   C  N N 340 
TRP CG   C  Y N 341 
TRP CD1  C  Y N 342 
TRP CD2  C  Y N 343 
TRP NE1  N  Y N 344 
TRP CE2  C  Y N 345 
TRP CE3  C  Y N 346 
TRP CZ2  C  Y N 347 
TRP CZ3  C  Y N 348 
TRP CH2  C  Y N 349 
TRP OXT  O  N N 350 
TRP H    H  N N 351 
TRP H2   H  N N 352 
TRP HA   H  N N 353 
TRP HB2  H  N N 354 
TRP HB3  H  N N 355 
TRP HD1  H  N N 356 
TRP HE1  H  N N 357 
TRP HE3  H  N N 358 
TRP HZ2  H  N N 359 
TRP HZ3  H  N N 360 
TRP HH2  H  N N 361 
TRP HXT  H  N N 362 
TYR N    N  N N 363 
TYR CA   C  N S 364 
TYR C    C  N N 365 
TYR O    O  N N 366 
TYR CB   C  N N 367 
TYR CG   C  Y N 368 
TYR CD1  C  Y N 369 
TYR CD2  C  Y N 370 
TYR CE1  C  Y N 371 
TYR CE2  C  Y N 372 
TYR CZ   C  Y N 373 
TYR OH   O  N N 374 
TYR OXT  O  N N 375 
TYR H    H  N N 376 
TYR H2   H  N N 377 
TYR HA   H  N N 378 
TYR HB2  H  N N 379 
TYR HB3  H  N N 380 
TYR HD1  H  N N 381 
TYR HD2  H  N N 382 
TYR HE1  H  N N 383 
TYR HE2  H  N N 384 
TYR HH   H  N N 385 
TYR HXT  H  N N 386 
VAL N    N  N N 387 
VAL CA   C  N S 388 
VAL C    C  N N 389 
VAL O    O  N N 390 
VAL CB   C  N N 391 
VAL CG1  C  N N 392 
VAL CG2  C  N N 393 
VAL OXT  O  N N 394 
VAL H    H  N N 395 
VAL H2   H  N N 396 
VAL HA   H  N N 397 
VAL HB   H  N N 398 
VAL HG11 H  N N 399 
VAL HG12 H  N N 400 
VAL HG13 H  N N 401 
VAL HG21 H  N N 402 
VAL HG22 H  N N 403 
VAL HG23 H  N N 404 
VAL HXT  H  N N 405 
WHY N1   N  N N 406 
WHY C4   C  Y N 407 
WHY C5   C  Y N 408 
WHY C6   C  Y N 409 
WHY C7   C  N N 410 
WHY C8   C  Y N 411 
WHY N    N  N N 412 
WHY C    C  N N 413 
WHY C1   C  N N 414 
WHY C2   C  N N 415 
WHY C3   C  Y N 416 
WHY C9   C  Y N 417 
WHY H8   H  N N 418 
WHY H9   H  N N 419 
WHY H10  H  N N 420 
WHY H1   H  N N 421 
WHY H2   H  N N 422 
WHY H    H  N N 423 
WHY H4   H  N N 424 
WHY H3   H  N N 425 
WHY H5   H  N N 426 
WHY H7   H  N N 427 
WHY H6   H  N N 428 
WHY H11  H  N N 429 
ZN  ZN   ZN N N 430 
# 
loop_
_chem_comp_bond.comp_id 
_chem_comp_bond.atom_id_1 
_chem_comp_bond.atom_id_2 
_chem_comp_bond.value_order 
_chem_comp_bond.pdbx_aromatic_flag 
_chem_comp_bond.pdbx_stereo_config 
_chem_comp_bond.pdbx_ordinal 
ALA N   CA   sing N N 1   
ALA N   H    sing N N 2   
ALA N   H2   sing N N 3   
ALA CA  C    sing N N 4   
ALA CA  CB   sing N N 5   
ALA CA  HA   sing N N 6   
ALA C   O    doub N N 7   
ALA C   OXT  sing N N 8   
ALA CB  HB1  sing N N 9   
ALA CB  HB2  sing N N 10  
ALA CB  HB3  sing N N 11  
ALA OXT HXT  sing N N 12  
ARG N   CA   sing N N 13  
ARG N   H    sing N N 14  
ARG N   H2   sing N N 15  
ARG CA  C    sing N N 16  
ARG CA  CB   sing N N 17  
ARG CA  HA   sing N N 18  
ARG C   O    doub N N 19  
ARG C   OXT  sing N N 20  
ARG CB  CG   sing N N 21  
ARG CB  HB2  sing N N 22  
ARG CB  HB3  sing N N 23  
ARG CG  CD   sing N N 24  
ARG CG  HG2  sing N N 25  
ARG CG  HG3  sing N N 26  
ARG CD  NE   sing N N 27  
ARG CD  HD2  sing N N 28  
ARG CD  HD3  sing N N 29  
ARG NE  CZ   sing N N 30  
ARG NE  HE   sing N N 31  
ARG CZ  NH1  sing N N 32  
ARG CZ  NH2  doub N N 33  
ARG NH1 HH11 sing N N 34  
ARG NH1 HH12 sing N N 35  
ARG NH2 HH21 sing N N 36  
ARG NH2 HH22 sing N N 37  
ARG OXT HXT  sing N N 38  
ASN N   CA   sing N N 39  
ASN N   H    sing N N 40  
ASN N   H2   sing N N 41  
ASN CA  C    sing N N 42  
ASN CA  CB   sing N N 43  
ASN CA  HA   sing N N 44  
ASN C   O    doub N N 45  
ASN C   OXT  sing N N 46  
ASN CB  CG   sing N N 47  
ASN CB  HB2  sing N N 48  
ASN CB  HB3  sing N N 49  
ASN CG  OD1  doub N N 50  
ASN CG  ND2  sing N N 51  
ASN ND2 HD21 sing N N 52  
ASN ND2 HD22 sing N N 53  
ASN OXT HXT  sing N N 54  
ASP N   CA   sing N N 55  
ASP N   H    sing N N 56  
ASP N   H2   sing N N 57  
ASP CA  C    sing N N 58  
ASP CA  CB   sing N N 59  
ASP CA  HA   sing N N 60  
ASP C   O    doub N N 61  
ASP C   OXT  sing N N 62  
ASP CB  CG   sing N N 63  
ASP CB  HB2  sing N N 64  
ASP CB  HB3  sing N N 65  
ASP CG  OD1  doub N N 66  
ASP CG  OD2  sing N N 67  
ASP OD2 HD2  sing N N 68  
ASP OXT HXT  sing N N 69  
CYS N   CA   sing N N 70  
CYS N   H    sing N N 71  
CYS N   H2   sing N N 72  
CYS CA  C    sing N N 73  
CYS CA  CB   sing N N 74  
CYS CA  HA   sing N N 75  
CYS C   O    doub N N 76  
CYS C   OXT  sing N N 77  
CYS CB  SG   sing N N 78  
CYS CB  HB2  sing N N 79  
CYS CB  HB3  sing N N 80  
CYS SG  HG   sing N N 81  
CYS OXT HXT  sing N N 82  
DMS S   O    doub N N 83  
DMS S   C1   sing N N 84  
DMS S   C2   sing N N 85  
DMS C1  H11  sing N N 86  
DMS C1  H12  sing N N 87  
DMS C1  H13  sing N N 88  
DMS C2  H21  sing N N 89  
DMS C2  H22  sing N N 90  
DMS C2  H23  sing N N 91  
GLN N   CA   sing N N 92  
GLN N   H    sing N N 93  
GLN N   H2   sing N N 94  
GLN CA  C    sing N N 95  
GLN CA  CB   sing N N 96  
GLN CA  HA   sing N N 97  
GLN C   O    doub N N 98  
GLN C   OXT  sing N N 99  
GLN CB  CG   sing N N 100 
GLN CB  HB2  sing N N 101 
GLN CB  HB3  sing N N 102 
GLN CG  CD   sing N N 103 
GLN CG  HG2  sing N N 104 
GLN CG  HG3  sing N N 105 
GLN CD  OE1  doub N N 106 
GLN CD  NE2  sing N N 107 
GLN NE2 HE21 sing N N 108 
GLN NE2 HE22 sing N N 109 
GLN OXT HXT  sing N N 110 
GLU N   CA   sing N N 111 
GLU N   H    sing N N 112 
GLU N   H2   sing N N 113 
GLU CA  C    sing N N 114 
GLU CA  CB   sing N N 115 
GLU CA  HA   sing N N 116 
GLU C   O    doub N N 117 
GLU C   OXT  sing N N 118 
GLU CB  CG   sing N N 119 
GLU CB  HB2  sing N N 120 
GLU CB  HB3  sing N N 121 
GLU CG  CD   sing N N 122 
GLU CG  HG2  sing N N 123 
GLU CG  HG3  sing N N 124 
GLU CD  OE1  doub N N 125 
GLU CD  OE2  sing N N 126 
GLU OE2 HE2  sing N N 127 
GLU OXT HXT  sing N N 128 
GLY N   CA   sing N N 129 
GLY N   H    sing N N 130 
GLY N   H2   sing N N 131 
GLY CA  C    sing N N 132 
GLY CA  HA2  sing N N 133 
GLY CA  HA3  sing N N 134 
GLY C   O    doub N N 135 
GLY C   OXT  sing N N 136 
GLY OXT HXT  sing N N 137 
HIS N   CA   sing N N 138 
HIS N   H    sing N N 139 
HIS N   H2   sing N N 140 
HIS CA  C    sing N N 141 
HIS CA  CB   sing N N 142 
HIS CA  HA   sing N N 143 
HIS C   O    doub N N 144 
HIS C   OXT  sing N N 145 
HIS CB  CG   sing N N 146 
HIS CB  HB2  sing N N 147 
HIS CB  HB3  sing N N 148 
HIS CG  ND1  sing Y N 149 
HIS CG  CD2  doub Y N 150 
HIS ND1 CE1  doub Y N 151 
HIS ND1 HD1  sing N N 152 
HIS CD2 NE2  sing Y N 153 
HIS CD2 HD2  sing N N 154 
HIS CE1 NE2  sing Y N 155 
HIS CE1 HE1  sing N N 156 
HIS NE2 HE2  sing N N 157 
HIS OXT HXT  sing N N 158 
HOH O   H1   sing N N 159 
HOH O   H2   sing N N 160 
ILE N   CA   sing N N 161 
ILE N   H    sing N N 162 
ILE N   H2   sing N N 163 
ILE CA  C    sing N N 164 
ILE CA  CB   sing N N 165 
ILE CA  HA   sing N N 166 
ILE C   O    doub N N 167 
ILE C   OXT  sing N N 168 
ILE CB  CG1  sing N N 169 
ILE CB  CG2  sing N N 170 
ILE CB  HB   sing N N 171 
ILE CG1 CD1  sing N N 172 
ILE CG1 HG12 sing N N 173 
ILE CG1 HG13 sing N N 174 
ILE CG2 HG21 sing N N 175 
ILE CG2 HG22 sing N N 176 
ILE CG2 HG23 sing N N 177 
ILE CD1 HD11 sing N N 178 
ILE CD1 HD12 sing N N 179 
ILE CD1 HD13 sing N N 180 
ILE OXT HXT  sing N N 181 
LEU N   CA   sing N N 182 
LEU N   H    sing N N 183 
LEU N   H2   sing N N 184 
LEU CA  C    sing N N 185 
LEU CA  CB   sing N N 186 
LEU CA  HA   sing N N 187 
LEU C   O    doub N N 188 
LEU C   OXT  sing N N 189 
LEU CB  CG   sing N N 190 
LEU CB  HB2  sing N N 191 
LEU CB  HB3  sing N N 192 
LEU CG  CD1  sing N N 193 
LEU CG  CD2  sing N N 194 
LEU CG  HG   sing N N 195 
LEU CD1 HD11 sing N N 196 
LEU CD1 HD12 sing N N 197 
LEU CD1 HD13 sing N N 198 
LEU CD2 HD21 sing N N 199 
LEU CD2 HD22 sing N N 200 
LEU CD2 HD23 sing N N 201 
LEU OXT HXT  sing N N 202 
LYS N   CA   sing N N 203 
LYS N   H    sing N N 204 
LYS N   H2   sing N N 205 
LYS CA  C    sing N N 206 
LYS CA  CB   sing N N 207 
LYS CA  HA   sing N N 208 
LYS C   O    doub N N 209 
LYS C   OXT  sing N N 210 
LYS CB  CG   sing N N 211 
LYS CB  HB2  sing N N 212 
LYS CB  HB3  sing N N 213 
LYS CG  CD   sing N N 214 
LYS CG  HG2  sing N N 215 
LYS CG  HG3  sing N N 216 
LYS CD  CE   sing N N 217 
LYS CD  HD2  sing N N 218 
LYS CD  HD3  sing N N 219 
LYS CE  NZ   sing N N 220 
LYS CE  HE2  sing N N 221 
LYS CE  HE3  sing N N 222 
LYS NZ  HZ1  sing N N 223 
LYS NZ  HZ2  sing N N 224 
LYS NZ  HZ3  sing N N 225 
LYS OXT HXT  sing N N 226 
MET N   CA   sing N N 227 
MET N   H    sing N N 228 
MET N   H2   sing N N 229 
MET CA  C    sing N N 230 
MET CA  CB   sing N N 231 
MET CA  HA   sing N N 232 
MET C   O    doub N N 233 
MET C   OXT  sing N N 234 
MET CB  CG   sing N N 235 
MET CB  HB2  sing N N 236 
MET CB  HB3  sing N N 237 
MET CG  SD   sing N N 238 
MET CG  HG2  sing N N 239 
MET CG  HG3  sing N N 240 
MET SD  CE   sing N N 241 
MET CE  HE1  sing N N 242 
MET CE  HE2  sing N N 243 
MET CE  HE3  sing N N 244 
MET OXT HXT  sing N N 245 
PHE N   CA   sing N N 246 
PHE N   H    sing N N 247 
PHE N   H2   sing N N 248 
PHE CA  C    sing N N 249 
PHE CA  CB   sing N N 250 
PHE CA  HA   sing N N 251 
PHE C   O    doub N N 252 
PHE C   OXT  sing N N 253 
PHE CB  CG   sing N N 254 
PHE CB  HB2  sing N N 255 
PHE CB  HB3  sing N N 256 
PHE CG  CD1  doub Y N 257 
PHE CG  CD2  sing Y N 258 
PHE CD1 CE1  sing Y N 259 
PHE CD1 HD1  sing N N 260 
PHE CD2 CE2  doub Y N 261 
PHE CD2 HD2  sing N N 262 
PHE CE1 CZ   doub Y N 263 
PHE CE1 HE1  sing N N 264 
PHE CE2 CZ   sing Y N 265 
PHE CE2 HE2  sing N N 266 
PHE CZ  HZ   sing N N 267 
PHE OXT HXT  sing N N 268 
PRO N   CA   sing N N 269 
PRO N   CD   sing N N 270 
PRO N   H    sing N N 271 
PRO CA  C    sing N N 272 
PRO CA  CB   sing N N 273 
PRO CA  HA   sing N N 274 
PRO C   O    doub N N 275 
PRO C   OXT  sing N N 276 
PRO CB  CG   sing N N 277 
PRO CB  HB2  sing N N 278 
PRO CB  HB3  sing N N 279 
PRO CG  CD   sing N N 280 
PRO CG  HG2  sing N N 281 
PRO CG  HG3  sing N N 282 
PRO CD  HD2  sing N N 283 
PRO CD  HD3  sing N N 284 
PRO OXT HXT  sing N N 285 
SER N   CA   sing N N 286 
SER N   H    sing N N 287 
SER N   H2   sing N N 288 
SER CA  C    sing N N 289 
SER CA  CB   sing N N 290 
SER CA  HA   sing N N 291 
SER C   O    doub N N 292 
SER C   OXT  sing N N 293 
SER CB  OG   sing N N 294 
SER CB  HB2  sing N N 295 
SER CB  HB3  sing N N 296 
SER OG  HG   sing N N 297 
SER OXT HXT  sing N N 298 
SO4 S   O1   doub N N 299 
SO4 S   O2   doub N N 300 
SO4 S   O3   sing N N 301 
SO4 S   O4   sing N N 302 
THR N   CA   sing N N 303 
THR N   H    sing N N 304 
THR N   H2   sing N N 305 
THR CA  C    sing N N 306 
THR CA  CB   sing N N 307 
THR CA  HA   sing N N 308 
THR C   O    doub N N 309 
THR C   OXT  sing N N 310 
THR CB  OG1  sing N N 311 
THR CB  CG2  sing N N 312 
THR CB  HB   sing N N 313 
THR OG1 HG1  sing N N 314 
THR CG2 HG21 sing N N 315 
THR CG2 HG22 sing N N 316 
THR CG2 HG23 sing N N 317 
THR OXT HXT  sing N N 318 
TRP N   CA   sing N N 319 
TRP N   H    sing N N 320 
TRP N   H2   sing N N 321 
TRP CA  C    sing N N 322 
TRP CA  CB   sing N N 323 
TRP CA  HA   sing N N 324 
TRP C   O    doub N N 325 
TRP C   OXT  sing N N 326 
TRP CB  CG   sing N N 327 
TRP CB  HB2  sing N N 328 
TRP CB  HB3  sing N N 329 
TRP CG  CD1  doub Y N 330 
TRP CG  CD2  sing Y N 331 
TRP CD1 NE1  sing Y N 332 
TRP CD1 HD1  sing N N 333 
TRP CD2 CE2  doub Y N 334 
TRP CD2 CE3  sing Y N 335 
TRP NE1 CE2  sing Y N 336 
TRP NE1 HE1  sing N N 337 
TRP CE2 CZ2  sing Y N 338 
TRP CE3 CZ3  doub Y N 339 
TRP CE3 HE3  sing N N 340 
TRP CZ2 CH2  doub Y N 341 
TRP CZ2 HZ2  sing N N 342 
TRP CZ3 CH2  sing Y N 343 
TRP CZ3 HZ3  sing N N 344 
TRP CH2 HH2  sing N N 345 
TRP OXT HXT  sing N N 346 
TYR N   CA   sing N N 347 
TYR N   H    sing N N 348 
TYR N   H2   sing N N 349 
TYR CA  C    sing N N 350 
TYR CA  CB   sing N N 351 
TYR CA  HA   sing N N 352 
TYR C   O    doub N N 353 
TYR C   OXT  sing N N 354 
TYR CB  CG   sing N N 355 
TYR CB  HB2  sing N N 356 
TYR CB  HB3  sing N N 357 
TYR CG  CD1  doub Y N 358 
TYR CG  CD2  sing Y N 359 
TYR CD1 CE1  sing Y N 360 
TYR CD1 HD1  sing N N 361 
TYR CD2 CE2  doub Y N 362 
TYR CD2 HD2  sing N N 363 
TYR CE1 CZ   doub Y N 364 
TYR CE1 HE1  sing N N 365 
TYR CE2 CZ   sing Y N 366 
TYR CE2 HE2  sing N N 367 
TYR CZ  OH   sing N N 368 
TYR OH  HH   sing N N 369 
TYR OXT HXT  sing N N 370 
VAL N   CA   sing N N 371 
VAL N   H    sing N N 372 
VAL N   H2   sing N N 373 
VAL CA  C    sing N N 374 
VAL CA  CB   sing N N 375 
VAL CA  HA   sing N N 376 
VAL C   O    doub N N 377 
VAL C   OXT  sing N N 378 
VAL CB  CG1  sing N N 379 
VAL CB  CG2  sing N N 380 
VAL CB  HB   sing N N 381 
VAL CG1 HG11 sing N N 382 
VAL CG1 HG12 sing N N 383 
VAL CG1 HG13 sing N N 384 
VAL CG2 HG21 sing N N 385 
VAL CG2 HG22 sing N N 386 
VAL CG2 HG23 sing N N 387 
VAL OXT HXT  sing N N 388 
WHY C   N    sing N N 389 
WHY C1  N    sing N N 390 
WHY N   C2   sing N N 391 
WHY C2  C3   sing N N 392 
WHY C3  C4   sing Y N 393 
WHY C4  C5   doub Y N 394 
WHY C5  C6   sing Y N 395 
WHY C6  C7   sing N N 396 
WHY C7  N1   trip N N 397 
WHY C8  C6   doub Y N 398 
WHY C9  C8   sing Y N 399 
WHY C3  C9   doub Y N 400 
WHY C4  H8   sing N N 401 
WHY C5  H9   sing N N 402 
WHY C8  H10  sing N N 403 
WHY C   H1   sing N N 404 
WHY C   H2   sing N N 405 
WHY C   H    sing N N 406 
WHY C1  H4   sing N N 407 
WHY C1  H3   sing N N 408 
WHY C1  H5   sing N N 409 
WHY C2  H7   sing N N 410 
WHY C2  H6   sing N N 411 
WHY C9  H11  sing N N 412 
# 
_pdbx_audit_support.funding_organization   
'National Institutes of Health/National Institute Of Allergy and Infectious Diseases (NIH/NIAID)' 
_pdbx_audit_support.country                'United States' 
_pdbx_audit_support.grant_number           U19AI171399 
_pdbx_audit_support.ordinal                1 
# 
_pdbx_deposit_group.group_id            G_1002288 
_pdbx_deposit_group.group_description   'Crystallographic fragment screening of Coxsackievirus A16 (G-10) 2A protease' 
_pdbx_deposit_group.group_title         
'Group deposition for crystallographic fragment screening of Coxsackievirus A16 (G-10) 2A protease' 
_pdbx_deposit_group.group_type          'changed state' 
# 
_atom_sites.entry_id                    7H3C 
_atom_sites.fract_transf_matrix[1][1]   -0.00065760 
_atom_sites.fract_transf_matrix[1][2]   -0.01148747 
_atom_sites.fract_transf_matrix[1][3]   0.00145306 
_atom_sites.fract_transf_matrix[2][1]   -0.01541182 
_atom_sites.fract_transf_matrix[2][2]   0.00198208 
_atom_sites.fract_transf_matrix[2][3]   0.00869488 
_atom_sites.fract_transf_matrix[3][1]   -0.01550182 
_atom_sites.fract_transf_matrix[3][2]   -0.00551461 
_atom_sites.fract_transf_matrix[3][3]   -0.02622012 
_atom_sites.fract_transf_vector[1]      0.183986 
_atom_sites.fract_transf_vector[2]      0.124459 
_atom_sites.fract_transf_vector[3]      0.450935 
# 
loop_
_atom_type.symbol 
C  
N  
O  
S  
ZN 
# 
loop_
_atom_site.group_PDB 
_atom_site.id 
_atom_site.type_symbol 
_atom_site.label_atom_id 
_atom_site.label_alt_id 
_atom_site.label_comp_id 
_atom_site.label_asym_id 
_atom_site.label_entity_id 
_atom_site.label_seq_id 
_atom_site.pdbx_PDB_ins_code 
_atom_site.Cartn_x 
_atom_site.Cartn_y 
_atom_site.Cartn_z 
_atom_site.occupancy 
_atom_site.B_iso_or_equiv 
_atom_site.pdbx_formal_charge 
_atom_site.auth_seq_id 
_atom_site.auth_comp_id 
_atom_site.auth_asym_id 
_atom_site.auth_atom_id 
_atom_site.pdbx_PDB_model_num 
ATOM   1    N  N   . SER A 1 7   ? -4.681  -5.191  -8.281  1.00 12.20 ? 7   SER A N   1 
ATOM   2    C  CA  . SER A 1 7   ? -4.409  -6.213  -7.297  1.00 12.32 ? 7   SER A CA  1 
ATOM   3    C  C   . SER A 1 7   ? -2.921  -6.258  -6.961  1.00 12.04 ? 7   SER A C   1 
ATOM   4    O  O   . SER A 1 7   ? -2.100  -5.693  -7.716  1.00 12.99 ? 7   SER A O   1 
ATOM   5    C  CB  . SER A 1 7   ? -4.884  -7.546  -7.786  1.00 14.97 ? 7   SER A CB  1 
ATOM   6    O  OG  . SER A 1 7   ? -4.180  -7.876  -8.949  1.00 18.46 ? 7   SER A OG  1 
ATOM   7    N  N   . GLY A 1 8   ? -2.591  -6.868  -5.847  1.00 11.38 ? 8   GLY A N   1 
ATOM   8    C  CA  . GLY A 1 8   ? -1.205  -7.063  -5.471  1.00 12.42 ? 8   GLY A CA  1 
ATOM   9    C  C   . GLY A 1 8   ? -1.024  -7.096  -3.982  1.00 11.54 ? 8   GLY A C   1 
ATOM   10   O  O   . GLY A 1 8   ? -1.865  -6.597  -3.235  1.00 12.61 ? 8   GLY A O   1 
ATOM   11   N  N   . ALA A 1 9   ? 0.066   -7.684  -3.550  1.00 10.99 ? 9   ALA A N   1 
ATOM   12   C  CA  . ALA A 1 9   ? 0.377   -7.799  -2.128  1.00 10.63 ? 9   ALA A CA  1 
ATOM   13   C  C   . ALA A 1 9   ? 1.875   -7.626  -1.889  1.00 9.96  ? 9   ALA A C   1 
ATOM   14   O  O   . ALA A 1 9   ? 2.687   -7.744  -2.827  1.00 11.88 ? 9   ALA A O   1 
ATOM   15   C  CB  . ALA A 1 9   ? -0.108  -9.123  -1.585  1.00 13.07 ? 9   ALA A CB  1 
ATOM   16   N  N   . ILE A 1 10  ? 2.220   -7.411  -0.647  1.00 9.81  ? 10  ILE A N   1 
ATOM   17   C  CA  . ILE A 1 10  ? 3.602   -7.463  -0.158  1.00 9.97  ? 10  ILE A CA  1 
ATOM   18   C  C   . ILE A 1 10  ? 3.729   -8.775  0.563   1.00 11.07 ? 10  ILE A C   1 
ATOM   19   O  O   . ILE A 1 10  ? 2.881   -9.086  1.430   1.00 11.05 ? 10  ILE A O   1 
ATOM   20   C  CB  . ILE A 1 10  ? 3.954   -6.307  0.799   1.00 9.89  ? 10  ILE A CB  1 
ATOM   21   C  CG1 . ILE A 1 10  ? 3.531   -4.938  0.243   1.00 10.47 ? 10  ILE A CG1 1 
ATOM   22   C  CG2 . ILE A 1 10  ? 5.457   -6.378  1.133   1.00 11.00 ? 10  ILE A CG2 1 
ATOM   23   C  CD1 . ILE A 1 10  ? 3.620   -3.853  1.264   1.00 10.30 ? 10  ILE A CD1 1 
ATOM   24   N  N   . TYR A 1 11  ? 4.802   -9.488  0.295   1.00 11.90 ? 11  TYR A N   1 
ATOM   25   C  CA  . TYR A 1 11  ? 5.119   -10.790 0.927   1.00 12.35 ? 11  TYR A CA  1 
ATOM   26   C  C   . TYR A 1 11  ? 6.409   -10.660 1.710   1.00 12.90 ? 11  TYR A C   1 
ATOM   27   O  O   . TYR A 1 11  ? 7.458   -10.793 1.123   1.00 12.87 ? 11  TYR A O   1 
ATOM   28   C  CB  . TYR A 1 11  ? 5.143   -11.915 -0.120  1.00 12.34 ? 11  TYR A CB  1 
ATOM   29   C  CG  . TYR A 1 11  ? 3.790   -12.160 -0.732  1.00 11.74 ? 11  TYR A CG  1 
ATOM   30   C  CD1 . TYR A 1 11  ? 2.856   -12.938 -0.055  1.00 13.00 ? 11  TYR A CD1 1 
ATOM   31   C  CD2 . TYR A 1 11  ? 3.456   -11.630 -1.939  1.00 14.31 ? 11  TYR A CD2 1 
ATOM   32   C  CE1 . TYR A 1 11  ? 1.586   -13.133 -0.557  1.00 13.37 ? 11  TYR A CE1 1 
ATOM   33   C  CE2 . TYR A 1 11  ? 2.196   -11.832 -2.468  1.00 15.19 ? 11  TYR A CE2 1 
ATOM   34   C  CZ  . TYR A 1 11  ? 1.269   -12.570 -1.762  1.00 14.74 ? 11  TYR A CZ  1 
ATOM   35   O  OH  . TYR A 1 11  ? 0.026   -12.771 -2.305  1.00 15.86 ? 11  TYR A OH  1 
ATOM   36   N  N   . VAL A 1 12  ? 6.295   -10.362 2.975   1.00 11.89 ? 12  VAL A N   1 
ATOM   37   C  CA  . VAL A 1 12  ? 7.466   -10.131 3.861   1.00 12.10 ? 12  VAL A CA  1 
ATOM   38   C  C   . VAL A 1 12  ? 7.401   -11.170 4.953   1.00 12.69 ? 12  VAL A C   1 
ATOM   39   O  O   . VAL A 1 12  ? 6.365   -11.319 5.611   1.00 13.09 ? 12  VAL A O   1 
ATOM   40   C  CB  . VAL A 1 12  ? 7.540   -8.696  4.432   1.00 12.68 ? 12  VAL A CB  1 
ATOM   41   C  CG1 . VAL A 1 12  ? 6.302   -8.227  5.153   1.00 12.40 ? 12  VAL A CG1 1 
ATOM   42   C  CG2 . VAL A 1 12  ? 8.734   -8.570  5.364   1.00 13.08 ? 12  VAL A CG2 1 
ATOM   43   N  N   . GLY A 1 13  ? 8.460   -11.952 5.125   1.00 13.39 ? 13  GLY A N   1 
ATOM   44   C  CA  . GLY A 1 13  ? 8.429   -12.955 6.190   1.00 13.90 ? 13  GLY A CA  1 
ATOM   45   C  C   . GLY A 1 13  ? 7.265   -13.917 5.959   1.00 12.31 ? 13  GLY A C   1 
ATOM   46   O  O   . GLY A 1 13  ? 7.054   -14.351 4.874   1.00 13.21 ? 13  GLY A O   1 
ATOM   47   N  N   . ASN A 1 14  ? 6.541   -14.161 7.033   1.00 13.85 ? 14  ASN A N   1 
ATOM   48   C  CA  . ASN A 1 14  ? 5.301   -14.971 6.961   1.00 13.29 ? 14  ASN A CA  1 
ATOM   49   C  C   . ASN A 1 14  ? 4.048   -14.092 6.939   1.00 14.06 ? 14  ASN A C   1 
ATOM   50   O  O   . ASN A 1 14  ? 3.012   -14.514 7.494   1.00 14.74 ? 14  ASN A O   1 
ATOM   51   C  CB  . ASN A 1 14  ? 5.248   -16.078 8.023   1.00 14.97 ? 14  ASN A CB  1 
ATOM   52   C  CG  . ASN A 1 14  ? 6.188   -17.224 7.709   1.00 16.16 ? 14  ASN A CG  1 
ATOM   53   O  OD1 . ASN A 1 14  ? 5.825   -18.180 7.003   1.00 20.02 ? 14  ASN A OD1 1 
ATOM   54   N  ND2 . ASN A 1 14  ? 7.396   -17.085 8.202   1.00 15.09 ? 14  ASN A ND2 1 
ATOM   55   N  N   . TYR A 1 15  ? 4.141   -12.896 6.359   1.00 12.69 ? 15  TYR A N   1 
ATOM   56   C  CA  . TYR A 1 15  ? 3.014   -11.948 6.289   1.00 12.05 ? 15  TYR A CA  1 
ATOM   57   C  C   . TYR A 1 15  ? 2.714   -11.667 4.837   1.00 11.56 ? 15  TYR A C   1 
ATOM   58   O  O   . TYR A 1 15  ? 3.592   -11.582 3.963   1.00 12.32 ? 15  TYR A O   1 
ATOM   59   C  CB  . TYR A 1 15  ? 3.357   -10.637 6.988   1.00 12.57 ? 15  TYR A CB  1 
ATOM   60   C  CG  . TYR A 1 15  ? 3.672   -10.800 8.443   1.00 13.62 ? 15  TYR A CG  1 
ATOM   61   C  CD1 . TYR A 1 15  ? 2.750   -11.248 9.364   1.00 15.92 ? 15  TYR A CD1 1 
ATOM   62   C  CD2 . TYR A 1 15  ? 4.899   -10.371 8.927   1.00 14.68 ? 15  TYR A CD2 1 
ATOM   63   C  CE1 . TYR A 1 15  ? 3.068   -11.375 10.712  1.00 17.89 ? 15  TYR A CE1 1 
ATOM   64   C  CE2 . TYR A 1 15  ? 5.220   -10.445 10.262  1.00 16.68 ? 15  TYR A CE2 1 
ATOM   65   C  CZ  . TYR A 1 15  ? 4.308   -10.944 11.159  1.00 18.84 ? 15  TYR A CZ  1 
ATOM   66   O  OH  . TYR A 1 15  ? 4.634   -11.035 12.487  1.00 21.57 ? 15  TYR A OH  1 
ATOM   67   N  N   . ARG A 1 16  ? 1.401   -11.466 4.579   1.00 11.11 ? 16  ARG A N   1 
ATOM   68   C  CA  . ARG A 1 16  ? 0.829   -10.974 3.325   1.00 10.83 ? 16  ARG A CA  1 
ATOM   69   C  C   . ARG A 1 16  ? 0.143   -9.668  3.647   1.00 11.09 ? 16  ARG A C   1 
ATOM   70   O  O   . ARG A 1 16  ? -0.736  -9.635  4.495   1.00 11.58 ? 16  ARG A O   1 
ATOM   71   C  CB  . ARG A 1 16  ? -0.127  -12.027 2.774   1.00 10.93 ? 16  ARG A CB  1 
ATOM   72   C  CG  . ARG A 1 16  ? -1.040  -11.525 1.680   1.00 11.35 ? 16  ARG A CG  1 
ATOM   73   C  CD  . ARG A 1 16  ? -1.833  -12.683 1.084   1.00 11.82 ? 16  ARG A CD  1 
ATOM   74   N  NE  . ARG A 1 16  ? -3.173  -12.312 0.644   1.00 11.66 ? 16  ARG A NE  1 
ATOM   75   C  CZ  . ARG A 1 16  ? -3.530  -11.883 -0.524  1.00 12.36 ? 16  ARG A CZ  1 
ATOM   76   N  NH1 . ARG A 1 16  ? -2.679  -11.717 -1.539  1.00 14.69 ? 16  ARG A NH1 1 
ATOM   77   N  NH2 . ARG A 1 16  ? -4.808  -11.565 -0.694  1.00 12.42 ? 16  ARG A NH2 1 
ATOM   78   N  N   . VAL A 1 17  ? 0.572   -8.591  2.987   1.00 10.38 ? 17  VAL A N   1 
ATOM   79   C  CA  . VAL A 1 17  ? -0.001  -7.246  3.217   1.00 9.54  ? 17  VAL A CA  1 
ATOM   80   C  C   . VAL A 1 17  ? -0.787  -6.910  1.969   1.00 9.91  ? 17  VAL A C   1 
ATOM   81   O  O   . VAL A 1 17  ? -0.229  -6.875  0.876   1.00 10.18 ? 17  VAL A O   1 
ATOM   82   C  CB  . VAL A 1 17  ? 1.090   -6.183  3.422   1.00 9.69  ? 17  VAL A CB  1 
ATOM   83   C  CG1 . VAL A 1 17  ? 0.419   -4.866  3.809   1.00 10.94 ? 17  VAL A CG1 1 
ATOM   84   C  CG2 . VAL A 1 17  ? 2.119   -6.636  4.434   1.00 10.94 ? 17  VAL A CG2 1 
ATOM   85   N  N   . VAL A 1 18  ? -2.076  -6.669  2.149   1.00 9.52  ? 18  VAL A N   1 
ATOM   86   C  CA  . VAL A 1 18  ? -2.994  -6.379  1.053   1.00 10.49 ? 18  VAL A CA  1 
ATOM   87   C  C   . VAL A 1 18  ? -3.822  -5.138  1.385   1.00 9.55  ? 18  VAL A C   1 
ATOM   88   O  O   . VAL A 1 18  ? -3.949  -4.724  2.519   1.00 9.58  ? 18  VAL A O   1 
ATOM   89   C  CB  . VAL A 1 18  ? -3.937  -7.550  0.740   1.00 10.89 ? 18  VAL A CB  1 
ATOM   90   C  CG1 . VAL A 1 18  ? -3.168  -8.641  0.077   1.00 14.67 ? 18  VAL A CG1 1 
ATOM   91   C  CG2 . VAL A 1 18  ? -4.773  -8.033  1.913   1.00 11.01 ? 18  VAL A CG2 1 
ATOM   92   N  N   . ASN A 1 19  ? -4.365  -4.544  0.342   1.00 9.22  ? 19  ASN A N   1 
ATOM   93   C  CA  . ASN A 1 19  ? -5.431  -3.556  0.577   1.00 8.85  ? 19  ASN A CA  1 
ATOM   94   C  C   . ASN A 1 19  ? -6.562  -4.209  1.360   1.00 8.95  ? 19  ASN A C   1 
ATOM   95   O  O   . ASN A 1 19  ? -7.074  -5.255  0.947   1.00 9.22  ? 19  ASN A O   1 
ATOM   96   C  CB  . ASN A 1 19  ? -5.965  -2.970  -0.705  1.00 9.20  ? 19  ASN A CB  1 
ATOM   97   C  CG  . ASN A 1 19  ? -4.936  -2.271  -1.556  1.00 8.82  ? 19  ASN A CG  1 
ATOM   98   O  OD1 . ASN A 1 19  ? -4.302  -2.873  -2.424  1.00 10.18 ? 19  ASN A OD1 1 
ATOM   99   N  ND2 . ASN A 1 19  ? -4.724  -1.000  -1.286  1.00 9.28  ? 19  ASN A ND2 1 
ATOM   100  N  N   . ARG A 1 20  ? -7.024  -3.546  2.397   1.00 8.89  ? 20  ARG A N   1 
ATOM   101  C  CA  . ARG A 1 20  ? -8.131  -4.123  3.199   1.00 9.19  ? 20  ARG A CA  1 
ATOM   102  C  C   . ARG A 1 20  ? -9.333  -4.385  2.310   1.00 9.65  ? 20  ARG A C   1 
ATOM   103  O  O   . ARG A 1 20  ? -10.015 -5.454  2.463   1.00 10.35 ? 20  ARG A O   1 
ATOM   104  C  CB  . ARG A 1 20  ? -8.530  -3.211  4.337   1.00 9.75  ? 20  ARG A CB  1 
ATOM   105  C  CG  . ARG A 1 20  ? -9.481  -3.863  5.347   1.00 10.02 ? 20  ARG A CG  1 
ATOM   106  C  CD  . ARG A 1 20  ? -9.896  -2.856  6.375   1.00 11.82 ? 20  ARG A CD  1 
ATOM   107  N  NE  . ARG A 1 20  ? -10.831 -3.365  7.408   1.00 12.36 ? 20  ARG A NE  1 
ATOM   108  C  CZ  . ARG A 1 20  ? -12.150 -3.370  7.264   1.00 13.61 ? 20  ARG A CZ  1 
ATOM   109  N  NH1 . ARG A 1 20  ? -12.745 -3.120  6.125   1.00 15.49 ? 20  ARG A NH1 1 
ATOM   110  N  NH2 . ARG A 1 20  ? -12.905 -3.752  8.299   1.00 15.49 ? 20  ARG A NH2 1 
ATOM   111  N  N   . HIS A 1 21  ? -9.623  -3.510  1.355   1.00 9.73  ? 21  HIS A N   1 
ATOM   112  C  CA  . HIS A 1 21  ? -10.826 -3.671  0.510   1.00 10.77 ? 21  HIS A CA  1 
ATOM   113  C  C   . HIS A 1 21  ? -10.668 -4.810  -0.463  1.00 10.76 ? 21  HIS A C   1 
ATOM   114  O  O   . HIS A 1 21  ? -11.679 -5.199  -1.091  1.00 12.38 ? 21  HIS A O   1 
ATOM   115  C  CB  . HIS A 1 21  ? -11.240 -2.371  -0.177  1.00 10.93 ? 21  HIS A CB  1 
ATOM   116  C  CG  . HIS A 1 21  ? -10.338 -1.941  -1.308  1.00 10.57 ? 21  HIS A CG  1 
ATOM   117  N  ND1 . HIS A 1 21  ? -9.210  -1.161  -1.124  1.00 10.28 ? 21  HIS A ND1 1 
ATOM   118  C  CD2 . HIS A 1 21  ? -10.456 -2.161  -2.651  1.00 11.04 ? 21  HIS A CD2 1 
ATOM   119  C  CE1 . HIS A 1 21  ? -8.663  -0.965  -2.324  1.00 10.69 ? 21  HIS A CE1 1 
ATOM   120  N  NE2 . HIS A 1 21  ? -9.362  -1.557  -3.275  1.00 11.11 ? 21  HIS A NE2 1 
ATOM   121  N  N   . LEU A 1 22  ? -9.487  -5.384  -0.634  1.00 9.60  ? 22  LEU A N   1 
ATOM   122  C  CA  . LEU A 1 22  ? -9.268  -6.535  -1.526  1.00 9.92  ? 22  LEU A CA  1 
ATOM   123  C  C   . LEU A 1 22  ? -8.956  -7.784  -0.720  1.00 10.23 ? 22  LEU A C   1 
ATOM   124  O  O   . LEU A 1 22  ? -8.693  -8.837  -1.366  1.00 11.34 ? 22  LEU A O   1 
ATOM   125  C  CB  . LEU A 1 22  ? -8.137  -6.231  -2.504  1.00 10.03 ? 22  LEU A CB  1 
ATOM   126  C  CG  . LEU A 1 22  ? -8.424  -5.086  -3.458  1.00 10.61 ? 22  LEU A CG  1 
ATOM   127  C  CD1 . LEU A 1 22  ? -7.259  -4.827  -4.376  1.00 11.35 ? 22  LEU A CD1 1 
ATOM   128  C  CD2 . LEU A 1 22  ? -9.680  -5.287  -4.307  1.00 11.27 ? 22  LEU A CD2 1 
ATOM   129  N  N   . ALA A 1 23  ? -9.013  -7.765  0.582   1.00 10.16 ? 23  ALA A N   1 
ATOM   130  C  CA  . ALA A 1 23  ? -8.709  -8.955  1.389   1.00 10.49 ? 23  ALA A CA  1 
ATOM   131  C  C   . ALA A 1 23  ? -9.744  -10.053 1.121   1.00 11.03 ? 23  ALA A C   1 
ATOM   132  O  O   . ALA A 1 23  ? -10.924 -9.748  0.934   1.00 11.66 ? 23  ALA A O   1 
ATOM   133  C  CB  . ALA A 1 23  ? -8.710  -8.581  2.856   1.00 11.09 ? 23  ALA A CB  1 
ATOM   134  N  N   . THR A 1 24  ? -9.283  -11.269 1.138   1.00 10.80 ? 24  THR A N   1 
ATOM   135  C  CA  . THR A 1 24  ? -10.136 -12.432 0.844   1.00 11.25 ? 24  THR A CA  1 
ATOM   136  C  C   . THR A 1 24  ? -10.670 -13.006 2.151   1.00 10.89 ? 24  THR A C   1 
ATOM   137  O  O   . THR A 1 24  ? -10.234 -12.672 3.243   1.00 10.55 ? 24  THR A O   1 
ATOM   138  C  CB  . THR A 1 24  ? -9.319  -13.499 0.105   1.00 11.94 ? 24  THR A CB  1 
ATOM   139  O  OG1 . THR A 1 24  ? -8.313  -13.963 0.986   1.00 12.97 ? 24  THR A OG1 1 
ATOM   140  C  CG2 . THR A 1 24  ? -8.695  -13.016 -1.187  1.00 13.71 ? 24  THR A CG2 1 
ATOM   141  N  N   . HIS A 1 25  ? -11.574 -13.989 2.004   1.00 11.50 ? 25  HIS A N   1 
ATOM   142  C  CA  . HIS A 1 25  ? -12.010 -14.727 3.201   1.00 11.90 ? 25  HIS A CA  1 
ATOM   143  C  C   . HIS A 1 25  ? -10.823 -15.408 3.881   1.00 11.25 ? 25  HIS A C   1 
ATOM   144  O  O   . HIS A 1 25  ? -10.694 -15.380 5.096   1.00 12.15 ? 25  HIS A O   1 
ATOM   145  C  CB  . HIS A 1 25  ? -13.057 -15.787 2.846   1.00 13.57 ? 25  HIS A CB  1 
ATOM   146  C  CG  . HIS A 1 25  ? -13.239 -16.805 3.955   1.00 16.97 ? 25  HIS A CG  1 
ATOM   147  N  ND1 . HIS A 1 25  ? -13.928 -16.562 5.125   1.00 16.99 ? 25  HIS A ND1 1 
ATOM   148  C  CD2 . HIS A 1 25  ? -12.725 -18.058 4.108   1.00 19.88 ? 25  HIS A CD2 1 
ATOM   149  C  CE1 . HIS A 1 25  ? -13.927 -17.625 5.912   1.00 16.74 ? 25  HIS A CE1 1 
ATOM   150  N  NE2 . HIS A 1 25  ? -13.117 -18.544 5.347   1.00 19.52 ? 25  HIS A NE2 1 
ATOM   151  N  N   . ASN A 1 26  ? -9.905  -15.997 3.121   1.00 12.34 ? 26  ASN A N   1 
ATOM   152  C  CA  . ASN A 1 26  ? -8.736  -16.671 3.721   1.00 12.86 ? 26  ASN A CA  1 
ATOM   153  C  C   . ASN A 1 26  ? -7.891  -15.640 4.485   1.00 10.88 ? 26  ASN A C   1 
ATOM   154  O  O   . ASN A 1 26  ? -7.334  -15.935 5.530   1.00 11.95 ? 26  ASN A O   1 
ATOM   155  C  CB  . ASN A 1 26  ? -7.865  -17.363 2.669   1.00 15.21 ? 26  ASN A CB  1 
ATOM   156  C  CG  . ASN A 1 26  ? -6.738  -18.151 3.294   1.00 20.57 ? 26  ASN A CG  1 
ATOM   157  O  OD1 . ASN A 1 26  ? -6.988  -19.196 3.909   1.00 24.70 ? 26  ASN A OD1 1 
ATOM   158  N  ND2 . ASN A 1 26  ? -5.531  -17.612 3.283   1.00 23.40 ? 26  ASN A ND2 1 
ATOM   159  N  N   . ASP A 1 27  ? -7.753  -14.421 3.952   1.00 11.38 ? 27  ASP A N   1 
ATOM   160  C  CA  . ASP A 1 27  ? -7.024  -13.380 4.698   1.00 10.52 ? 27  ASP A CA  1 
ATOM   161  C  C   . ASP A 1 27  ? -7.646  -13.127 6.059   1.00 10.26 ? 27  ASP A C   1 
ATOM   162  O  O   . ASP A 1 27  ? -6.975  -13.068 7.062   1.00 10.89 ? 27  ASP A O   1 
ATOM   163  C  CB  . ASP A 1 27  ? -6.973  -12.070 3.891   1.00 11.35 ? 27  ASP A CB  1 
ATOM   164  C  CG  . ASP A 1 27  ? -6.060  -12.068 2.672   1.00 10.54 ? 27  ASP A CG  1 
ATOM   165  O  OD1 . ASP A 1 27  ? -4.969  -12.711 2.771   1.00 12.28 ? 27  ASP A OD1 1 
ATOM   166  O  OD2 . ASP A 1 27  ? -6.417  -11.488 1.643   1.00 11.46 ? 27  ASP A OD2 1 
ATOM   167  N  N   . TRP A 1 28  ? -8.969  -12.918 6.079   1.00 9.99  ? 28  TRP A N   1 
ATOM   168  C  CA  . TRP A 1 28  ? -9.706  -12.651 7.331   1.00 10.68 ? 28  TRP A CA  1 
ATOM   169  C  C   . TRP A 1 28  ? -9.604  -13.851 8.285   1.00 10.09 ? 28  TRP A C   1 
ATOM   170  O  O   . TRP A 1 28  ? -9.549  -13.651 9.440   1.00 11.28 ? 28  TRP A O   1 
ATOM   171  C  CB  . TRP A 1 28  ? -11.163 -12.262 7.052   1.00 10.99 ? 28  TRP A CB  1 
ATOM   172  C  CG  . TRP A 1 28  ? -11.349 -10.845 6.569   1.00 10.30 ? 28  TRP A CG  1 
ATOM   173  C  CD1 . TRP A 1 28  ? -11.549 -10.393 5.302   1.00 10.54 ? 28  TRP A CD1 1 
ATOM   174  C  CD2 . TRP A 1 28  ? -11.326 -9.698  7.417   1.00 9.47  ? 28  TRP A CD2 1 
ATOM   175  N  NE1 . TRP A 1 28  ? -11.673 -9.030  5.331   1.00 10.47 ? 28  TRP A NE1 1 
ATOM   176  C  CE2 . TRP A 1 28  ? -11.546 -8.570  6.599   1.00 9.76  ? 28  TRP A CE2 1 
ATOM   177  C  CE3 . TRP A 1 28  ? -11.205 -9.528  8.800   1.00 10.33 ? 28  TRP A CE3 1 
ATOM   178  C  CZ2 . TRP A 1 28  ? -11.646 -7.299  7.159   1.00 10.54 ? 28  TRP A CZ2 1 
ATOM   179  C  CZ3 . TRP A 1 28  ? -11.279 -8.276  9.342   1.00 10.79 ? 28  TRP A CZ3 1 
ATOM   180  C  CH2 . TRP A 1 28  ? -11.490 -7.174  8.521   1.00 11.02 ? 28  TRP A CH2 1 
ATOM   181  N  N   . ALA A 1 29  ? -9.613  -15.057 7.734   1.00 10.62 ? 29  ALA A N   1 
ATOM   182  C  CA  . ALA A 1 29  ? -9.525  -16.276 8.566   1.00 11.34 ? 29  ALA A CA  1 
ATOM   183  C  C   . ALA A 1 29  ? -8.122  -16.493 9.106   1.00 12.72 ? 29  ALA A C   1 
ATOM   184  O  O   . ALA A 1 29  ? -7.948  -17.335 10.052  1.00 14.37 ? 29  ALA A O   1 
ATOM   185  C  CB  . ALA A 1 29  ? -9.984  -17.475 7.783   1.00 11.70 ? 29  ALA A CB  1 
ATOM   186  N  N   . ASN A 1 30  ? -7.136  -15.790 8.545   1.00 12.85 ? 30  ASN A N   1 
ATOM   187  C  CA  . ASN A 1 30  ? -5.720  -15.876 8.998   1.00 13.06 ? 30  ASN A CA  1 
ATOM   188  C  C   . ASN A 1 30  ? -5.241  -14.492 9.413   1.00 12.80 ? 30  ASN A C   1 
ATOM   189  O  O   . ASN A 1 30  ? -4.077  -14.110 9.105   1.00 13.46 ? 30  ASN A O   1 
ATOM   190  C  CB  . ASN A 1 30  ? -4.895  -16.528 7.901   1.00 13.89 ? 30  ASN A CB  1 
ATOM   191  C  CG  . ASN A 1 30  ? -5.266  -17.987 7.750   1.00 16.14 ? 30  ASN A CG  1 
ATOM   192  O  OD1 . ASN A 1 30  ? -4.829  -18.820 8.540   1.00 18.86 ? 30  ASN A OD1 1 
ATOM   193  N  ND2 . ASN A 1 30  ? -6.081  -18.306 6.790   1.00 17.52 ? 30  ASN A ND2 1 
ATOM   194  N  N   . LEU A 1 31  ? -6.111  -13.675 9.953   1.00 12.43 ? 31  LEU A N   1 
ATOM   195  C  CA  . LEU A 1 31  ? -5.847  -12.237 10.171  1.00 12.07 ? 31  LEU A CA  1 
ATOM   196  C  C   . LEU A 1 31  ? -4.740  -12.038 11.195  1.00 12.46 ? 31  LEU A C   1 
ATOM   197  O  O   . LEU A 1 31  ? -4.728  -12.679 12.286  1.00 13.99 ? 31  LEU A O   1 
ATOM   198  C  CB  . LEU A 1 31  ? -7.125  -11.594 10.684  1.00 12.44 ? 31  LEU A CB  1 
ATOM   199  C  CG  . LEU A 1 31  ? -7.011  -10.091 10.958  1.00 11.84 ? 31  LEU A CG  1 
ATOM   200  C  CD1 . LEU A 1 31  ? -6.751  -9.296  9.700   1.00 13.80 ? 31  LEU A CD1 1 
ATOM   201  C  CD2 . LEU A 1 31  ? -8.268  -9.599  11.647  1.00 12.91 ? 31  LEU A CD2 1 
ATOM   202  N  N   . VAL A 1 32  ? -3.815  -11.126 10.900  1.00 12.28 ? 32  VAL A N   1 
ATOM   203  C  CA  . VAL A 1 32  ? -2.816  -10.604 11.855  1.00 13.50 ? 32  VAL A CA  1 
ATOM   204  C  C   . VAL A 1 32  ? -3.258  -9.228  12.341  1.00 13.03 ? 32  VAL A C   1 
ATOM   205  O  O   . VAL A 1 32  ? -3.220  -8.959  13.542  1.00 15.47 ? 32  VAL A O   1 
ATOM   206  C  CB  . VAL A 1 32  ? -1.424  -10.625 11.198  1.00 13.43 ? 32  VAL A CB  1 
ATOM   207  C  CG1 . VAL A 1 32  ? -0.370  -9.999  12.122  1.00 14.42 ? 32  VAL A CG1 1 
ATOM   208  C  CG2 . VAL A 1 32  ? -1.028  -12.027 10.840  1.00 14.43 ? 32  VAL A CG2 1 
ATOM   209  N  N   . TRP A 1 33  ? -3.640  -8.318  11.446  1.00 11.69 ? 33  TRP A N   1 
ATOM   210  C  CA  . TRP A 1 33  ? -3.867  -6.915  11.795  1.00 12.48 ? 33  TRP A CA  1 
ATOM   211  C  C   . TRP A 1 33  ? -4.626  -6.284  10.630  1.00 11.49 ? 33  TRP A C   1 
ATOM   212  O  O   . TRP A 1 33  ? -4.357  -6.623  9.490   1.00 11.75 ? 33  TRP A O   1 
ATOM   213  C  CB  . TRP A 1 33  ? -2.540  -6.193  12.072  1.00 13.61 ? 33  TRP A CB  1 
ATOM   214  C  CG  . TRP A 1 33  ? -2.620  -4.714  12.231  1.00 13.44 ? 33  TRP A CG  1 
ATOM   215  C  CD1 . TRP A 1 33  ? -2.899  -3.994  13.345  1.00 16.65 ? 33  TRP A CD1 1 
ATOM   216  C  CD2 . TRP A 1 33  ? -2.414  -3.751  11.188  1.00 12.83 ? 33  TRP A CD2 1 
ATOM   217  N  NE1 . TRP A 1 33  ? -2.881  -2.647  13.068  1.00 17.08 ? 33  TRP A NE1 1 
ATOM   218  C  CE2 . TRP A 1 33  ? -2.535  -2.467  11.756  1.00 14.96 ? 33  TRP A CE2 1 
ATOM   219  C  CE3 . TRP A 1 33  ? -2.062  -3.840  9.854   1.00 13.09 ? 33  TRP A CE3 1 
ATOM   220  C  CZ2 . TRP A 1 33  ? -2.324  -1.296  11.012  1.00 14.82 ? 33  TRP A CZ2 1 
ATOM   221  C  CZ3 . TRP A 1 33  ? -1.858  -2.686  9.121   1.00 13.53 ? 33  TRP A CZ3 1 
ATOM   222  C  CH2 . TRP A 1 33  ? -1.992  -1.442  9.696   1.00 14.12 ? 33  TRP A CH2 1 
ATOM   223  N  N   . GLU A 1 34  ? -5.540  -5.374  10.923  1.00 11.06 ? 34  GLU A N   1 
ATOM   224  C  CA  . GLU A 1 34  ? -6.208  -4.611  9.875   1.00 11.36 ? 34  GLU A CA  1 
ATOM   225  C  C   . GLU A 1 34  ? -6.588  -3.233  10.375  1.00 11.73 ? 34  GLU A C   1 
ATOM   226  O  O   . GLU A 1 34  ? -6.821  -3.061  11.610  1.00 13.14 ? 34  GLU A O   1 
ATOM   227  C  CB  . GLU A 1 34  ? -7.418  -5.350  9.327   1.00 11.49 ? 34  GLU A CB  1 
ATOM   228  C  CG  . GLU A 1 34  ? -8.429  -5.749  10.383  1.00 11.74 ? 34  GLU A CG  1 
ATOM   229  C  CD  . GLU A 1 34  ? -9.468  -4.681  10.763  1.00 12.93 ? 34  GLU A CD  1 
ATOM   230  O  OE1 . GLU A 1 34  ? -10.059 -4.813  11.863  1.00 15.16 ? 34  GLU A OE1 1 
ATOM   231  O  OE2 . GLU A 1 34  ? -9.735  -3.768  9.966   1.00 13.83 ? 34  GLU A OE2 1 
ATOM   232  N  N   . ASP A 1 35  ? -6.666  -2.283  9.436   1.00 12.05 ? 35  ASP A N   1 
ATOM   233  C  CA  . ASP A 1 35  ? -7.028  -0.886  9.767   1.00 12.60 ? 35  ASP A CA  1 
ATOM   234  C  C   . ASP A 1 35  ? -7.751  -0.303  8.565   1.00 11.64 ? 35  ASP A C   1 
ATOM   235  O  O   . ASP A 1 35  ? -7.148  -0.023  7.525   1.00 11.09 ? 35  ASP A O   1 
ATOM   236  C  CB  . ASP A 1 35  ? -5.750  -0.135  10.162  1.00 12.83 ? 35  ASP A CB  1 
ATOM   237  C  CG  . ASP A 1 35  ? -5.953  1.301   10.571  1.00 13.43 ? 35  ASP A CG  1 
ATOM   238  O  OD1 . ASP A 1 35  ? -6.768  1.969   9.950   1.00 14.40 ? 35  ASP A OD1 1 
ATOM   239  O  OD2 . ASP A 1 35  ? -5.214  1.748   11.501  1.00 17.35 ? 35  ASP A OD2 1 
ATOM   240  N  N   A SER A 1 36  ? -9.065  -0.079  8.666   0.25 12.09 ? 36  SER A N   1 
ATOM   241  N  N   B SER A 1 36  ? -9.065  -0.079  8.666   0.25 12.09 ? 36  SER A N   1 
ATOM   242  C  CA  A SER A 1 36  ? -9.884  0.477   7.562   0.25 11.15 ? 36  SER A CA  1 
ATOM   243  C  CA  B SER A 1 36  ? -9.884  0.476   7.567   0.25 13.02 ? 36  SER A CA  1 
ATOM   244  C  C   A SER A 1 36  ? -9.398  1.877   7.195   0.25 10.58 ? 36  SER A C   1 
ATOM   245  C  C   B SER A 1 36  ? -9.398  1.877   7.195   0.25 10.58 ? 36  SER A C   1 
ATOM   246  O  O   A SER A 1 36  ? -9.359  2.192   6.010   0.25 12.36 ? 36  SER A O   1 
ATOM   247  O  O   B SER A 1 36  ? -9.359  2.192   6.010   0.25 12.36 ? 36  SER A O   1 
ATOM   248  C  CB  A SER A 1 36  ? -11.352 0.534   7.954   0.25 11.31 ? 36  SER A CB  1 
ATOM   249  C  CB  B SER A 1 36  ? -11.316 0.524   8.022   0.25 15.59 ? 36  SER A CB  1 
ATOM   250  O  OG  A SER A 1 36  ? -12.116 1.263   7.001   0.25 9.70  ? 36  SER A OG  1 
ATOM   251  O  OG  B SER A 1 36  ? -11.354 0.801   9.409   0.25 20.69 ? 36  SER A OG  1 
ATOM   252  N  N   . SER A 1 37  ? -9.085  2.680   8.219   1.00 12.32 ? 37  SER A N   1 
ATOM   253  C  CA  . SER A 1 37  ? -8.639  4.066   7.955   1.00 13.05 ? 37  SER A CA  1 
ATOM   254  C  C   . SER A 1 37  ? -7.375  4.098   7.099   1.00 11.72 ? 37  SER A C   1 
ATOM   255  O  O   . SER A 1 37  ? -7.190  5.052   6.322   1.00 12.48 ? 37  SER A O   1 
ATOM   256  C  CB  . SER A 1 37  ? -8.425  4.875   9.166   1.00 13.93 ? 37  SER A CB  1 
ATOM   257  O  OG  . SER A 1 37  ? -7.258  4.558   9.809   1.00 16.79 ? 37  SER A OG  1 
ATOM   258  N  N   . ARG A 1 38  ? -6.556  3.054   7.128   1.00 10.73 ? 38  ARG A N   1 
ATOM   259  C  CA  . ARG A 1 38  ? -5.324  2.968   6.290   1.00 10.45 ? 38  ARG A CA  1 
ATOM   260  C  C   . ARG A 1 38  ? -5.519  2.142   5.015   1.00 10.13 ? 38  ARG A C   1 
ATOM   261  O  O   . ARG A 1 38  ? -4.598  2.054   4.211   1.00 10.11 ? 38  ARG A O   1 
ATOM   262  C  CB  . ARG A 1 38  ? -4.244  2.300   7.145   1.00 11.83 ? 38  ARG A CB  1 
ATOM   263  C  CG  . ARG A 1 38  ? -3.783  3.150   8.313   1.00 11.24 ? 38  ARG A CG  1 
ATOM   264  C  CD  . ARG A 1 38  ? -2.701  2.459   9.121   1.00 11.56 ? 38  ARG A CD  1 
ATOM   265  N  NE  . ARG A 1 38  ? -1.446  2.370   8.385   1.00 10.32 ? 38  ARG A NE  1 
ATOM   266  C  CZ  . ARG A 1 38  ? -0.242  2.455   8.926   1.00 10.78 ? 38  ARG A CZ  1 
ATOM   267  N  NH1 . ARG A 1 38  ? -0.105  2.522   10.249  1.00 11.19 ? 38  ARG A NH1 1 
ATOM   268  N  NH2 . ARG A 1 38  ? 0.863   2.430   8.176   1.00 11.25 ? 38  ARG A NH2 1 
ATOM   269  N  N   . ASP A 1 39  ? -6.661  1.487   4.868   1.00 9.40  ? 39  ASP A N   1 
ATOM   270  C  CA  . ASP A 1 39  ? -6.908  0.537   3.781   1.00 8.76  ? 39  ASP A CA  1 
ATOM   271  C  C   . ASP A 1 39  ? -5.889  -0.598  3.792   1.00 9.27  ? 39  ASP A C   1 
ATOM   272  O  O   . ASP A 1 39  ? -5.502  -1.037  2.712   1.00 9.87  ? 39  ASP A O   1 
ATOM   273  C  CB  . ASP A 1 39  ? -6.948  1.225   2.409   1.00 9.42  ? 39  ASP A CB  1 
ATOM   274  C  CG  . ASP A 1 39  ? -7.330  0.284   1.256   1.00 9.49  ? 39  ASP A CG  1 
ATOM   275  O  OD1 . ASP A 1 39  ? -8.207  -0.615  1.448   1.00 10.40 ? 39  ASP A OD1 1 
ATOM   276  O  OD2 . ASP A 1 39  ? -6.797  0.444   0.150   1.00 10.10 ? 39  ASP A OD2 1 
ATOM   277  N  N   . LEU A 1 40  ? -5.502  -1.092  4.970   1.00 9.15  ? 40  LEU A N   1 
ATOM   278  C  CA  . LEU A 1 40  ? -4.549  -2.208  5.042   1.00 9.64  ? 40  LEU A CA  1 
ATOM   279  C  C   . LEU A 1 40  ? -5.087  -3.375  5.830   1.00 8.71  ? 40  LEU A C   1 
ATOM   280  O  O   . LEU A 1 40  ? -5.785  -3.229  6.819   1.00 9.75  ? 40  LEU A O   1 
ATOM   281  C  CB  . LEU A 1 40  ? -3.240  -1.760  5.701   1.00 9.55  ? 40  LEU A CB  1 
ATOM   282  C  CG  . LEU A 1 40  ? -2.323  -0.830  4.898   1.00 10.32 ? 40  LEU A CG  1 
ATOM   283  C  CD1 . LEU A 1 40  ? -1.106  -0.495  5.764   1.00 11.26 ? 40  LEU A CD1 1 
ATOM   284  C  CD2 . LEU A 1 40  ? -1.909  -1.453  3.574   1.00 10.98 ? 40  LEU A CD2 1 
ATOM   285  N  N   . LEU A 1 41  ? -4.657  -4.557  5.408   1.00 9.27  ? 41  LEU A N   1 
ATOM   286  C  CA  . LEU A 1 41  ? -4.893  -5.802  6.157   1.00 9.37  ? 41  LEU A CA  1 
ATOM   287  C  C   . LEU A 1 41  ? -3.673  -6.698  5.953   1.00 9.63  ? 41  LEU A C   1 
ATOM   288  O  O   . LEU A 1 41  ? -3.106  -6.760  4.860   1.00 10.09 ? 41  LEU A O   1 
ATOM   289  C  CB  . LEU A 1 41  ? -6.182  -6.479  5.662   1.00 9.66  ? 41  LEU A CB  1 
ATOM   290  C  CG  . LEU A 1 41  ? -6.575  -7.770  6.382   1.00 10.16 ? 41  LEU A CG  1 
ATOM   291  C  CD1 . LEU A 1 41  ? -8.110  -7.905  6.503   1.00 10.29 ? 41  LEU A CD1 1 
ATOM   292  C  CD2 . LEU A 1 41  ? -5.976  -8.997  5.709   1.00 10.46 ? 41  LEU A CD2 1 
ATOM   293  N  N   . VAL A 1 42  ? -3.288  -7.351  7.030   1.00 9.92  ? 42  VAL A N   1 
ATOM   294  C  CA  . VAL A 1 42  ? -2.157  -8.281  7.033   1.00 10.50 ? 42  VAL A CA  1 
ATOM   295  C  C   . VAL A 1 42  ? -2.678  -9.649  7.492   1.00 10.73 ? 42  VAL A C   1 
ATOM   296  O  O   . VAL A 1 42  ? -3.303  -9.705  8.552   1.00 11.32 ? 42  VAL A O   1 
ATOM   297  C  CB  . VAL A 1 42  ? -1.020  -7.779  7.938   1.00 11.05 ? 42  VAL A CB  1 
ATOM   298  C  CG1 . VAL A 1 42  ? 0.126   -8.774  7.907   1.00 12.08 ? 42  VAL A CG1 1 
ATOM   299  C  CG2 . VAL A 1 42  ? -0.550  -6.403  7.490   1.00 11.52 ? 42  VAL A CG2 1 
ATOM   300  N  N   . SER A 1 43  ? -2.332  -10.674 6.746   1.00 10.98 ? 43  SER A N   1 
ATOM   301  C  CA  . SER A 1 43  ? -2.658  -12.075 7.064   1.00 11.00 ? 43  SER A CA  1 
ATOM   302  C  C   . SER A 1 43  ? -1.361  -12.887 7.158   1.00 12.27 ? 43  SER A C   1 
ATOM   303  O  O   . SER A 1 43  ? -0.281  -12.473 6.641   1.00 12.18 ? 43  SER A O   1 
ATOM   304  C  CB  . SER A 1 43  ? -3.611  -12.665 6.047   1.00 11.43 ? 43  SER A CB  1 
ATOM   305  O  OG  . SER A 1 43  ? -3.073  -12.677 4.744   1.00 11.84 ? 43  SER A OG  1 
ATOM   306  N  N   . SER A 1 44  ? -1.466  -14.073 7.748   1.00 12.60 ? 44  SER A N   1 
ATOM   307  C  CA  . SER A 1 44  ? -0.315  -14.989 7.913   1.00 15.08 ? 44  SER A CA  1 
ATOM   308  C  C   . SER A 1 44  ? -0.183  -15.914 6.726   1.00 15.99 ? 44  SER A C   1 
ATOM   309  O  O   . SER A 1 44  ? -1.194  -16.314 6.132   1.00 18.03 ? 44  SER A O   1 
ATOM   310  C  CB  . SER A 1 44  ? -0.433  -15.742 9.178   1.00 15.98 ? 44  SER A CB  1 
ATOM   311  O  OG  . SER A 1 44  ? -1.561  -16.575 9.138   1.00 19.81 ? 44  SER A OG  1 
ATOM   312  N  N   . THR A 1 45  ? 1.048   -16.263 6.334   1.00 15.44 ? 45  THR A N   1 
ATOM   313  C  CA  . THR A 1 45  ? 1.323   -17.135 5.164   1.00 15.82 ? 45  THR A CA  1 
ATOM   314  C  C   . THR A 1 45  ? 2.099   -18.403 5.586   1.00 16.95 ? 45  THR A C   1 
ATOM   315  O  O   . THR A 1 45  ? 2.816   -18.376 6.594   1.00 16.87 ? 45  THR A O   1 
ATOM   316  C  CB  . THR A 1 45  ? 2.191   -16.451 4.099   1.00 15.36 ? 45  THR A CB  1 
ATOM   317  O  OG1 . THR A 1 45  ? 3.481   -16.161 4.633   1.00 16.41 ? 45  THR A OG1 1 
ATOM   318  C  CG2 . THR A 1 45  ? 1.579   -15.143 3.636   1.00 16.46 ? 45  THR A CG2 1 
ATOM   319  N  N   . THR A 1 46  ? 1.970   -19.478 4.839   1.00 18.48 ? 46  THR A N   1 
ATOM   320  C  CA  . THR A 1 46  ? 2.739   -20.688 5.230   1.00 20.54 ? 46  THR A CA  1 
ATOM   321  C  C   . THR A 1 46  ? 4.175   -20.542 4.715   1.00 18.86 ? 46  THR A C   1 
ATOM   322  O  O   . THR A 1 46  ? 5.069   -20.945 5.430   1.00 23.77 ? 46  THR A O   1 
ATOM   323  C  CB  . THR A 1 46  ? 1.982   -21.925 4.773   1.00 21.93 ? 46  THR A CB  1 
ATOM   324  O  OG1 . THR A 1 46  ? 1.784   -21.897 3.371   1.00 27.86 ? 46  THR A OG1 1 
ATOM   325  C  CG2 . THR A 1 46  ? 0.604   -21.990 5.366   1.00 23.09 ? 46  THR A CG2 1 
ATOM   326  N  N   . ALA A 1 47  ? 4.342   -20.093 3.474   1.00 18.89 ? 47  ALA A N   1 
ATOM   327  C  CA  . ALA A 1 47  ? 5.679   -19.930 2.845   1.00 17.72 ? 47  ALA A CA  1 
ATOM   328  C  C   . ALA A 1 47  ? 6.204   -18.526 3.148   1.00 15.71 ? 47  ALA A C   1 
ATOM   329  O  O   . ALA A 1 47  ? 5.396   -17.564 3.180   1.00 16.40 ? 47  ALA A O   1 
ATOM   330  C  CB  . ALA A 1 47  ? 5.591   -20.166 1.373   1.00 19.84 ? 47  ALA A CB  1 
ATOM   331  N  N   . GLN A 1 48  ? 7.511   -18.376 3.336   1.00 15.64 ? 48  GLN A N   1 
ATOM   332  C  CA  . GLN A 1 48  ? 8.115   -17.042 3.533   1.00 15.06 ? 48  GLN A CA  1 
ATOM   333  C  C   . GLN A 1 48  ? 8.210   -16.320 2.195   1.00 12.87 ? 48  GLN A C   1 
ATOM   334  O  O   . GLN A 1 48  ? 8.251   -16.914 1.105   1.00 15.42 ? 48  GLN A O   1 
ATOM   335  C  CB  . GLN A 1 48  ? 9.489   -17.180 4.185   1.00 16.35 ? 48  GLN A CB  1 
ATOM   336  C  CG  . GLN A 1 48  ? 9.456   -17.598 5.641   1.00 22.82 ? 48  GLN A CG  1 
ATOM   337  C  CD  . GLN A 1 48  ? 10.893  -17.647 6.095   1.00 29.96 ? 48  GLN A CD  1 
ATOM   338  O  OE1 . GLN A 1 48  ? 11.635  -18.556 5.732   1.00 36.95 ? 48  GLN A OE1 1 
ATOM   339  N  NE2 . GLN A 1 48  ? 11.356  -16.588 6.727   1.00 37.59 ? 48  GLN A NE2 1 
ATOM   340  N  N   . GLY A 1 49  ? 8.185   -14.977 2.269   1.00 12.97 ? 49  GLY A N   1 
ATOM   341  C  CA  . GLY A 1 49  ? 8.123   -14.124 1.080   1.00 13.19 ? 49  GLY A CA  1 
ATOM   342  C  C   . GLY A 1 49  ? 9.427   -13.448 0.725   1.00 12.15 ? 49  GLY A C   1 
ATOM   343  O  O   . GLY A 1 49  ? 10.369  -13.496 1.490   1.00 13.29 ? 49  GLY A O   1 
ATOM   344  N  N   . CYS A 1 50  ? 9.448   -12.830 -0.430  1.00 12.47 ? 50  CYS A N   1 
ATOM   345  C  CA  . CYS A 1 50  ? 10.674  -12.347 -1.068  1.00 13.26 ? 50  CYS A CA  1 
ATOM   346  C  C   . CYS A 1 50  ? 10.859  -10.862 -0.790  1.00 12.65 ? 50  CYS A C   1 
ATOM   347  O  O   . CYS A 1 50  ? 11.900  -10.371 -1.180  1.00 15.50 ? 50  CYS A O   1 
ATOM   348  C  CB  . CYS A 1 50  ? 10.657  -12.600 -2.573  1.00 13.87 ? 50  CYS A CB  1 
ATOM   349  S  SG  . CYS A 1 50  ? 10.695  -14.339 -3.059  1.00 15.56 ? 50  CYS A SG  1 
ATOM   350  N  N   . ASP A 1 51  ? 9.912   -10.145 -0.196  1.00 12.39 ? 51  ASP A N   1 
ATOM   351  C  CA  . ASP A 1 51  ? 10.031  -8.668  -0.087  1.00 11.10 ? 51  ASP A CA  1 
ATOM   352  C  C   . ASP A 1 51  ? 10.649  -8.224  1.212   1.00 11.61 ? 51  ASP A C   1 
ATOM   353  O  O   . ASP A 1 51  ? 10.497  -8.869  2.243   1.00 13.83 ? 51  ASP A O   1 
ATOM   354  C  CB  . ASP A 1 51  ? 8.639   -8.045  -0.258  1.00 11.40 ? 51  ASP A CB  1 
ATOM   355  C  CG  . ASP A 1 51  ? 7.987   -8.290  -1.599  1.00 12.74 ? 51  ASP A CG  1 
ATOM   356  O  OD1 . ASP A 1 51  ? 8.658   -8.154  -2.652  1.00 16.15 ? 51  ASP A OD1 1 
ATOM   357  O  OD2 . ASP A 1 51  ? 6.757   -8.532  -1.629  1.00 13.37 ? 51  ASP A OD2 1 
ATOM   358  N  N   . THR A 1 52  ? 11.325  -7.092  1.159   1.00 11.17 ? 52  THR A N   1 
ATOM   359  C  CA  . THR A 1 52  ? 11.914  -6.373  2.303   1.00 11.78 ? 52  THR A CA  1 
ATOM   360  C  C   . THR A 1 52  ? 11.190  -5.030  2.466   1.00 10.28 ? 52  THR A C   1 
ATOM   361  O  O   . THR A 1 52  ? 10.994  -4.349  1.432   1.00 11.10 ? 52  THR A O   1 
ATOM   362  C  CB  . THR A 1 52  ? 13.419  -6.119  2.095   1.00 13.01 ? 52  THR A CB  1 
ATOM   363  O  OG1 . THR A 1 52  ? 14.101  -7.386  1.983   1.00 15.84 ? 52  THR A OG1 1 
ATOM   364  C  CG2 . THR A 1 52  ? 14.076  -5.332  3.209   1.00 15.10 ? 52  THR A CG2 1 
ATOM   365  N  N   . ILE A 1 53  ? 10.826  -4.691  3.681   1.00 9.94  ? 53  ILE A N   1 
ATOM   366  C  CA  . ILE A 1 53  ? 10.174  -3.395  3.942   1.00 9.86  ? 53  ILE A CA  1 
ATOM   367  C  C   . ILE A 1 53  ? 11.245  -2.317  4.152   1.00 9.80  ? 53  ILE A C   1 
ATOM   368  O  O   . ILE A 1 53  ? 12.185  -2.537  4.897   1.00 10.29 ? 53  ILE A O   1 
ATOM   369  C  CB  . ILE A 1 53  ? 9.228   -3.486  5.144   1.00 9.95  ? 53  ILE A CB  1 
ATOM   370  C  CG1 . ILE A 1 53  ? 8.256   -4.669  5.047   1.00 10.64 ? 53  ILE A CG1 1 
ATOM   371  C  CG2 . ILE A 1 53  ? 8.482   -2.175  5.344   1.00 9.89  ? 53  ILE A CG2 1 
ATOM   372  C  CD1 . ILE A 1 53  ? 7.383   -4.659  3.832   1.00 11.16 ? 53  ILE A CD1 1 
ATOM   373  N  N   . ALA A 1 54  ? 11.034  -1.190  3.482   1.00 9.12  ? 54  ALA A N   1 
ATOM   374  C  CA  . ALA A 1 54  ? 11.848  -0.012  3.710   1.00 8.51  ? 54  ALA A CA  1 
ATOM   375  C  C   . ALA A 1 54  ? 11.687  0.511   5.127   1.00 8.52  ? 54  ALA A C   1 
ATOM   376  O  O   . ALA A 1 54  ? 10.588  0.560   5.649   1.00 8.95  ? 54  ALA A O   1 
ATOM   377  C  CB  . ALA A 1 54  ? 11.470  1.055   2.724   1.00 8.39  ? 54  ALA A CB  1 
ATOM   378  N  N   . ARG A 1 55  ? 12.789  0.965   5.732   1.00 9.07  ? 55  ARG A N   1 
ATOM   379  C  CA  . ARG A 1 55  ? 12.776  1.650   7.043   1.00 9.03  ? 55  ARG A CA  1 
ATOM   380  C  C   . ARG A 1 55  ? 13.546  2.957   6.871   1.00 8.54  ? 55  ARG A C   1 
ATOM   381  O  O   . ARG A 1 55  ? 14.772  2.933   6.876   1.00 9.72  ? 55  ARG A O   1 
ATOM   382  C  CB  . ARG A 1 55  ? 13.338  0.751   8.159   1.00 9.77  ? 55  ARG A CB  1 
ATOM   383  C  CG  . ARG A 1 55  ? 12.632  -0.593  8.320   1.00 10.51 ? 55  ARG A CG  1 
ATOM   384  C  CD  . ARG A 1 55  ? 11.194  -0.509  8.738   1.00 10.47 ? 55  ARG A CD  1 
ATOM   385  N  NE  . ARG A 1 55  ? 10.584  -1.860  8.759   1.00 11.80 ? 55  ARG A NE  1 
ATOM   386  C  CZ  . ARG A 1 55  ? 9.266   -2.092  8.766   1.00 10.74 ? 55  ARG A CZ  1 
ATOM   387  N  NH1 . ARG A 1 55  ? 8.407   -1.117  8.744   1.00 10.91 ? 55  ARG A NH1 1 
ATOM   388  N  NH2 . ARG A 1 55  ? 8.786   -3.342  8.691   1.00 13.06 ? 55  ARG A NH2 1 
ATOM   389  N  N   . CYS A 1 56  ? 12.812  4.013   6.588   1.00 8.72  ? 56  CYS A N   1 
ATOM   390  C  CA  . CYS A 1 56  ? 13.401  5.244   6.033   1.00 8.55  ? 56  CYS A CA  1 
ATOM   391  C  C   . CYS A 1 56  ? 12.343  6.304   5.939   1.00 8.72  ? 56  CYS A C   1 
ATOM   392  O  O   . CYS A 1 56  ? 11.161  6.064   6.191   1.00 8.77  ? 56  CYS A O   1 
ATOM   393  C  CB  . CYS A 1 56  ? 13.972  4.980   4.631   1.00 7.66  ? 56  CYS A CB  1 
ATOM   394  S  SG  . CYS A 1 56  ? 12.655  4.702   3.408   1.00 8.46  ? 56  CYS A SG  1 
ATOM   395  N  N   A ASP A 1 57  ? 12.765  7.533   5.626   0.25 9.44  ? 57  ASP A N   1 
ATOM   396  N  N   B ASP A 1 57  ? 12.882  7.457   5.536   0.25 9.65  ? 57  ASP A N   1 
ATOM   397  C  CA  A ASP A 1 57  ? 11.816  8.611   5.229   0.25 9.94  ? 57  ASP A CA  1 
ATOM   398  C  CA  B ASP A 1 57  ? 12.142  8.724   5.315   0.25 10.55 ? 57  ASP A CA  1 
ATOM   399  C  C   A ASP A 1 57  ? 12.078  9.105   3.810   0.25 9.77  ? 57  ASP A C   1 
ATOM   400  C  C   B ASP A 1 57  ? 12.113  9.119   3.828   0.25 10.09 ? 57  ASP A C   1 
ATOM   401  O  O   A ASP A 1 57  ? 11.896  10.296  3.534   0.25 10.78 ? 57  ASP A O   1 
ATOM   402  O  O   B ASP A 1 57  ? 11.748  10.277  3.523   0.25 10.82 ? 57  ASP A O   1 
ATOM   403  C  CB  A ASP A 1 57  ? 11.854  9.798   6.190   0.25 10.58 ? 57  ASP A CB  1 
ATOM   404  C  CB  B ASP A 1 57  ? 12.778  9.811   6.194   0.25 11.81 ? 57  ASP A CB  1 
ATOM   405  C  CG  A ASP A 1 57  ? 13.165  10.542  6.265   0.25 12.02 ? 57  ASP A CG  1 
ATOM   406  C  CG  B ASP A 1 57  ? 11.975  11.064  6.463   0.25 13.51 ? 57  ASP A CG  1 
ATOM   407  O  OD1 A ASP A 1 57  ? 14.063  10.182  5.560   0.25 12.09 ? 57  ASP A OD1 1 
ATOM   408  O  OD1 B ASP A 1 57  ? 10.765  10.954  6.650   0.25 15.48 ? 57  ASP A OD1 1 
ATOM   409  O  OD2 A ASP A 1 57  ? 13.232  11.517  7.058   0.25 16.30 ? 57  ASP A OD2 1 
ATOM   410  O  OD2 B ASP A 1 57  ? 12.569  12.155  6.442   0.25 16.81 ? 57  ASP A OD2 1 
ATOM   411  N  N   . CYS A 1 58  ? 12.400  8.199   2.898   1.00 9.34  ? 58  CYS A N   1 
ATOM   412  C  CA  . CYS A 1 58  ? 12.457  8.584   1.479   1.00 8.63  ? 58  CYS A CA  1 
ATOM   413  C  C   . CYS A 1 58  ? 11.154  9.217   1.025   1.00 8.22  ? 58  CYS A C   1 
ATOM   414  O  O   . CYS A 1 58  ? 10.060  8.827   1.469   1.00 9.22  ? 58  CYS A O   1 
ATOM   415  C  CB  . CYS A 1 58  ? 12.708  7.387   0.594   1.00 9.33  ? 58  CYS A CB  1 
ATOM   416  S  SG  . CYS A 1 58  ? 14.407  6.711   0.715   1.00 9.92  ? 58  CYS A SG  1 
ATOM   417  N  N   . GLN A 1 59  ? 11.295  10.090  0.029   1.00 9.16  ? 59  GLN A N   1 
ATOM   418  C  CA  . GLN A 1 59  ? 10.180  10.712  -0.695  1.00 9.14  ? 59  GLN A CA  1 
ATOM   419  C  C   . GLN A 1 59  ? 10.361  10.540  -2.187  1.00 8.43  ? 59  GLN A C   1 
ATOM   420  O  O   . GLN A 1 59  ? 9.678   11.234  -2.946  1.00 9.40  ? 59  GLN A O   1 
ATOM   421  C  CB  . GLN A 1 59  ? 9.994   12.191  -0.368  1.00 10.09 ? 59  GLN A CB  1 
ATOM   422  C  CG  . GLN A 1 59  ? 9.412   12.424  1.019   1.00 12.10 ? 59  GLN A CG  1 
ATOM   423  C  CD  . GLN A 1 59  ? 9.033   13.869  1.231   1.00 11.67 ? 59  GLN A CD  1 
ATOM   424  O  OE1 . GLN A 1 59  ? 9.769   14.627  1.899   1.00 13.04 ? 59  GLN A OE1 1 
ATOM   425  N  NE2 . GLN A 1 59  ? 7.958   14.337  0.614   1.00 11.54 ? 59  GLN A NE2 1 
ATOM   426  N  N   . THR A 1 60  ? 11.228  9.658   -2.600  1.00 8.79  ? 60  THR A N   1 
ATOM   427  C  CA  . THR A 1 60  ? 11.338  9.287   -4.008  1.00 10.17 ? 60  THR A CA  1 
ATOM   428  C  C   . THR A 1 60  ? 11.404  7.774   -4.156  1.00 8.66  ? 60  THR A C   1 
ATOM   429  O  O   . THR A 1 60  ? 11.951  7.082   -3.280  1.00 10.59 ? 60  THR A O   1 
ATOM   430  C  CB  . THR A 1 60  ? 12.501  9.930   -4.743  1.00 11.79 ? 60  THR A CB  1 
ATOM   431  O  OG1 . THR A 1 60  ? 13.672  9.369   -4.227  1.00 16.37 ? 60  THR A OG1 1 
ATOM   432  C  CG2 . THR A 1 60  ? 12.479  11.433  -4.638  1.00 13.36 ? 60  THR A CG2 1 
ATOM   433  N  N   . GLY A 1 61  ? 10.786  7.246   -5.173  1.00 8.72  ? 61  GLY A N   1 
ATOM   434  C  CA  . GLY A 1 61  ? 10.733  5.805   -5.389  1.00 8.49  ? 61  GLY A CA  1 
ATOM   435  C  C   . GLY A 1 61  ? 10.184  5.495   -6.748  1.00 7.67  ? 61  GLY A C   1 
ATOM   436  O  O   . GLY A 1 61  ? 10.121  6.370   -7.620  1.00 8.97  ? 61  GLY A O   1 
ATOM   437  N  N   . VAL A 1 62  ? 9.769   4.275   -6.935  1.00 7.86  ? 62  VAL A N   1 
ATOM   438  C  CA  . VAL A 1 62  ? 9.230   3.744   -8.200  1.00 8.12  ? 62  VAL A CA  1 
ATOM   439  C  C   . VAL A 1 62  ? 8.003   2.947   -7.850  1.00 8.11  ? 62  VAL A C   1 
ATOM   440  O  O   . VAL A 1 62  ? 8.076   2.121   -6.923  1.00 8.74  ? 62  VAL A O   1 
ATOM   441  C  CB  . VAL A 1 62  ? 10.267  2.896   -8.945  1.00 8.87  ? 62  VAL A CB  1 
ATOM   442  C  CG1 . VAL A 1 62  ? 9.641   2.185   -10.146 1.00 9.82  ? 62  VAL A CG1 1 
ATOM   443  C  CG2 . VAL A 1 62  ? 11.442  3.741   -9.367  1.00 9.36  ? 62  VAL A CG2 1 
ATOM   444  N  N   . TYR A 1 63  ? 6.898   3.128   -8.561  1.00 8.47  ? 63  TYR A N   1 
ATOM   445  C  CA  . TYR A 1 63  ? 5.698   2.299   -8.307  1.00 7.82  ? 63  TYR A CA  1 
ATOM   446  C  C   . TYR A 1 63  ? 5.217   1.578   -9.567  1.00 8.42  ? 63  TYR A C   1 
ATOM   447  O  O   . TYR A 1 63  ? 5.459   2.067   -10.681 1.00 8.89  ? 63  TYR A O   1 
ATOM   448  C  CB  . TYR A 1 63  ? 4.526   3.113   -7.739  1.00 8.63  ? 63  TYR A CB  1 
ATOM   449  C  CG  . TYR A 1 63  ? 3.642   3.838   -8.726  1.00 9.25  ? 63  TYR A CG  1 
ATOM   450  C  CD1 . TYR A 1 63  ? 4.026   5.007   -9.345  1.00 8.75  ? 63  TYR A CD1 1 
ATOM   451  C  CD2 . TYR A 1 63  ? 2.396   3.325   -9.086  1.00 9.15  ? 63  TYR A CD2 1 
ATOM   452  C  CE1 . TYR A 1 63  ? 3.197   5.685   -10.234 1.00 9.69  ? 63  TYR A CE1 1 
ATOM   453  C  CE2 . TYR A 1 63  ? 1.558   3.984   -9.975  1.00 9.28  ? 63  TYR A CE2 1 
ATOM   454  C  CZ  . TYR A 1 63  ? 1.979   5.148   -10.572 1.00 9.27  ? 63  TYR A CZ  1 
ATOM   455  O  OH  . TYR A 1 63  ? 1.194   5.841   -11.479 1.00 10.27 ? 63  TYR A OH  1 
ATOM   456  N  N   . TYR A 1 64  ? 4.545   0.492   -9.374  1.00 8.65  ? 64  TYR A N   1 
ATOM   457  C  CA  . TYR A 1 64  ? 3.957   -0.279  -10.478 1.00 9.18  ? 64  TYR A CA  1 
ATOM   458  C  C   . TYR A 1 64  ? 2.503   0.105   -10.700 1.00 8.59  ? 64  TYR A C   1 
ATOM   459  O  O   . TYR A 1 64  ? 1.660   0.068   -9.790  1.00 9.30  ? 64  TYR A O   1 
ATOM   460  C  CB  . TYR A 1 64  ? 4.006   -1.776  -10.197 1.00 9.24  ? 64  TYR A CB  1 
ATOM   461  C  CG  . TYR A 1 64  ? 3.451   -2.557  -11.339 1.00 10.42 ? 64  TYR A CG  1 
ATOM   462  C  CD1 . TYR A 1 64  ? 4.042   -2.441  -12.586 1.00 10.48 ? 64  TYR A CD1 1 
ATOM   463  C  CD2 . TYR A 1 64  ? 2.338   -3.363  -11.189 1.00 10.27 ? 64  TYR A CD2 1 
ATOM   464  C  CE1 . TYR A 1 64  ? 3.488   -3.117  -13.682 1.00 11.65 ? 64  TYR A CE1 1 
ATOM   465  C  CE2 . TYR A 1 64  ? 1.793   -4.025  -12.280 1.00 11.86 ? 64  TYR A CE2 1 
ATOM   466  C  CZ  . TYR A 1 64  ? 2.358   -3.894  -13.520 1.00 11.74 ? 64  TYR A CZ  1 
ATOM   467  O  OH  . TYR A 1 64  ? 1.814   -4.579  -14.596 1.00 13.60 ? 64  TYR A OH  1 
ATOM   468  N  N   . CYS A 1 65  ? 2.210   0.427   -11.943 1.00 9.43  ? 65  CYS A N   1 
ATOM   469  C  CA  . CYS A 1 65  ? 0.884   0.797   -12.448 1.00 9.22  ? 65  CYS A CA  1 
ATOM   470  C  C   . CYS A 1 65  ? 0.358   -0.279  -13.387 1.00 8.93  ? 65  CYS A C   1 
ATOM   471  O  O   . CYS A 1 65  ? 0.706   -0.274  -14.578 1.00 9.49  ? 65  CYS A O   1 
ATOM   472  C  CB  . CYS A 1 65  ? 0.962   2.145   -13.135 1.00 9.19  ? 65  CYS A CB  1 
ATOM   473  S  SG  . CYS A 1 65  ? -0.628  2.694   -13.813 1.00 9.94  ? 65  CYS A SG  1 
ATOM   474  N  N   . SER A 1 66  ? -0.519  -1.119  -12.904 1.00 8.66  ? 66  SER A N   1 
ATOM   475  C  CA  . SER A 1 66  ? -1.046  -2.239  -13.703 1.00 9.36  ? 66  SER A CA  1 
ATOM   476  C  C   . SER A 1 66  ? -1.833  -1.742  -14.909 1.00 9.06  ? 66  SER A C   1 
ATOM   477  O  O   . SER A 1 66  ? -1.754  -2.422  -15.955 1.00 9.79  ? 66  SER A O   1 
ATOM   478  C  CB  . SER A 1 66  ? -1.817  -3.183  -12.856 1.00 10.82 ? 66  SER A CB  1 
ATOM   479  O  OG  . SER A 1 66  ? -3.058  -2.738  -12.427 1.00 15.65 ? 66  SER A OG  1 
ATOM   480  N  N   . SER A 1 67  ? -2.522  -0.643  -14.804 1.00 8.28  ? 67  SER A N   1 
ATOM   481  C  CA  . SER A 1 67  ? -3.376  -0.117  -15.893 1.00 9.21  ? 67  SER A CA  1 
ATOM   482  C  C   . SER A 1 67  ? -2.529  0.516   -17.000 1.00 8.65  ? 67  SER A C   1 
ATOM   483  O  O   . SER A 1 67  ? -3.121  0.933   -18.040 1.00 9.02  ? 67  SER A O   1 
ATOM   484  C  CB  . SER A 1 67  ? -4.388  0.824   -15.401 1.00 8.34  ? 67  SER A CB  1 
ATOM   485  O  OG  . SER A 1 67  ? -3.841  2.007   -14.838 1.00 9.27  ? 67  SER A OG  1 
ATOM   486  N  N   . ARG A 1 68  ? -1.202  0.529   -16.842 1.00 8.91  ? 68  ARG A N   1 
ATOM   487  C  CA  . ARG A 1 68  ? -0.259  0.957   -17.883 1.00 9.04  ? 68  ARG A CA  1 
ATOM   488  C  C   . ARG A 1 68  ? 0.759   -0.132  -18.172 1.00 9.56  ? 68  ARG A C   1 
ATOM   489  O  O   . ARG A 1 68  ? 1.631   0.086   -19.034 1.00 10.57 ? 68  ARG A O   1 
ATOM   490  C  CB  . ARG A 1 68  ? 0.429   2.240   -17.462 1.00 9.48  ? 68  ARG A CB  1 
ATOM   491  C  CG  . ARG A 1 68  ? -0.536  3.402   -17.325 1.00 9.96  ? 68  ARG A CG  1 
ATOM   492  C  CD  . ARG A 1 68  ? -0.935  3.966   -18.702 1.00 10.74 ? 68  ARG A CD  1 
ATOM   493  N  NE  . ARG A 1 68  ? -1.873  5.057   -18.619 1.00 11.15 ? 68  ARG A NE  1 
ATOM   494  C  CZ  . ARG A 1 68  ? -3.182  4.972   -18.501 1.00 10.22 ? 68  ARG A CZ  1 
ATOM   495  N  NH1 . ARG A 1 68  ? -3.772  3.793   -18.615 1.00 11.21 ? 68  ARG A NH1 1 
ATOM   496  N  NH2 . ARG A 1 68  ? -3.919  6.070   -18.442 1.00 11.63 ? 68  ARG A NH2 1 
ATOM   497  N  N   . ARG A 1 69  ? 0.759   -1.215  -17.433 1.00 9.58  ? 69  ARG A N   1 
ATOM   498  C  CA  . ARG A 1 69  ? 1.822   -2.240  -17.504 1.00 10.39 ? 69  ARG A CA  1 
ATOM   499  C  C   . ARG A 1 69  ? 3.152   -1.531  -17.408 1.00 11.11 ? 69  ARG A C   1 
ATOM   500  O  O   . ARG A 1 69  ? 4.107   -1.909  -18.145 1.00 12.89 ? 69  ARG A O   1 
ATOM   501  C  CB  . ARG A 1 69  ? 1.722   -3.114  -18.763 1.00 10.39 ? 69  ARG A CB  1 
ATOM   502  C  CG  . ARG A 1 69  ? 0.506   -3.992  -18.810 1.00 11.19 ? 69  ARG A CG  1 
ATOM   503  C  CD  . ARG A 1 69  ? 0.520   -4.910  -20.011 1.00 12.28 ? 69  ARG A CD  1 
ATOM   504  N  NE  . ARG A 1 69  ? -0.667  -5.765  -20.119 1.00 12.88 ? 69  ARG A NE  1 
ATOM   505  C  CZ  . ARG A 1 69  ? -1.527  -5.715  -21.151 1.00 12.03 ? 69  ARG A CZ  1 
ATOM   506  N  NH1 . ARG A 1 69  ? -1.427  -4.781  -22.091 1.00 13.05 ? 69  ARG A NH1 1 
ATOM   507  N  NH2 . ARG A 1 69  ? -2.533  -6.575  -21.182 1.00 13.11 ? 69  ARG A NH2 1 
ATOM   508  N  N   . LYS A 1 70  ? 3.339   -0.632  -16.442 1.00 10.59 ? 70  LYS A N   1 
ATOM   509  C  CA  . LYS A 1 70  ? 4.563   0.210   -16.384 1.00 12.14 ? 70  LYS A CA  1 
ATOM   510  C  C   . LYS A 1 70  ? 4.892   0.529   -14.940 1.00 11.35 ? 70  LYS A C   1 
ATOM   511  O  O   . LYS A 1 70  ? 3.963   0.712   -14.172 1.00 10.80 ? 70  LYS A O   1 
ATOM   512  C  CB  . LYS A 1 70  ? 4.414   1.485   -17.217 1.00 13.20 ? 70  LYS A CB  1 
ATOM   513  C  CG  . LYS A 1 70  ? 4.570   1.308   -18.716 1.00 20.00 ? 70  LYS A CG  1 
ATOM   514  C  CD  . LYS A 1 70  ? 4.773   2.629   -19.432 1.00 24.39 ? 70  LYS A CD  1 
ATOM   515  C  CE  . LYS A 1 70  ? 4.764   2.515   -20.943 1.00 30.30 ? 70  LYS A CE  1 
ATOM   516  N  NZ  . LYS A 1 70  ? 3.439   2.052   -21.422 1.00 37.41 ? 70  LYS A NZ  1 
ATOM   517  N  N   . HIS A 1 71  ? 6.184   0.600   -14.668 1.00 10.25 ? 71  HIS A N   1 
ATOM   518  C  CA  . HIS A 1 71  ? 6.719   1.204   -13.449 1.00 10.43 ? 71  HIS A CA  1 
ATOM   519  C  C   . HIS A 1 71  ? 7.074   2.637   -13.697 1.00 10.97 ? 71  HIS A C   1 
ATOM   520  O  O   . HIS A 1 71  ? 7.640   2.984   -14.784 1.00 14.10 ? 71  HIS A O   1 
ATOM   521  C  CB  . HIS A 1 71  ? 7.936   0.432   -12.969 1.00 11.30 ? 71  HIS A CB  1 
ATOM   522  C  CG  . HIS A 1 71  ? 7.653   -0.946  -12.517 1.00 11.96 ? 71  HIS A CG  1 
ATOM   523  N  ND1 . HIS A 1 71  ? 7.558   -1.436  -11.210 1.00 12.97 ? 71  HIS A ND1 1 
ATOM   524  C  CD2 . HIS A 1 71  ? 7.407   -1.985  -13.321 1.00 11.18 ? 71  HIS A CD2 1 
ATOM   525  C  CE1 . HIS A 1 71  ? 7.296   -2.707  -11.246 1.00 10.72 ? 71  HIS A CE1 1 
ATOM   526  N  NE2 . HIS A 1 71  ? 7.258   -3.067  -12.516 1.00 16.41 ? 71  HIS A NE2 1 
ATOM   527  N  N   . TYR A 1 72  ? 6.768   3.536   -12.779 1.00 9.64  ? 72  TYR A N   1 
ATOM   528  C  CA  . TYR A 1 72  ? 7.066   4.962   -12.905 1.00 9.94  ? 72  TYR A CA  1 
ATOM   529  C  C   . TYR A 1 72  ? 7.864   5.465   -11.726 1.00 9.52  ? 72  TYR A C   1 
ATOM   530  O  O   . TYR A 1 72  ? 7.492   5.203   -10.577 1.00 9.38  ? 72  TYR A O   1 
ATOM   531  C  CB  . TYR A 1 72  ? 5.758   5.752   -12.952 1.00 10.15 ? 72  TYR A CB  1 
ATOM   532  C  CG  . TYR A 1 72  ? 4.878   5.534   -14.151 1.00 10.14 ? 72  TYR A CG  1 
ATOM   533  C  CD1 . TYR A 1 72  ? 5.153   6.185   -15.355 1.00 11.70 ? 72  TYR A CD1 1 
ATOM   534  C  CD2 . TYR A 1 72  ? 3.790   4.681   -14.117 1.00 10.81 ? 72  TYR A CD2 1 
ATOM   535  C  CE1 . TYR A 1 72  ? 4.368   5.975   -16.482 1.00 11.87 ? 72  TYR A CE1 1 
ATOM   536  C  CE2 . TYR A 1 72  ? 2.996   4.471   -15.233 1.00 11.11 ? 72  TYR A CE2 1 
ATOM   537  C  CZ  . TYR A 1 72  ? 3.293   5.123   -16.415 1.00 11.15 ? 72  TYR A CZ  1 
ATOM   538  O  OH  . TYR A 1 72  ? 2.427   4.895   -17.475 1.00 13.13 ? 72  TYR A OH  1 
ATOM   539  N  N   . PRO A 1 73  ? 8.920   6.249   -11.959 1.00 9.54  ? 73  PRO A N   1 
ATOM   540  C  CA  . PRO A 1 73  ? 9.593   6.955   -10.869 1.00 9.07  ? 73  PRO A CA  1 
ATOM   541  C  C   . PRO A 1 73  ? 8.723   8.114   -10.421 1.00 9.86  ? 73  PRO A C   1 
ATOM   542  O  O   . PRO A 1 73  ? 8.268   8.934   -11.258 1.00 10.88 ? 73  PRO A O   1 
ATOM   543  C  CB  . PRO A 1 73  ? 10.915  7.416   -11.498 1.00 10.70 ? 73  PRO A CB  1 
ATOM   544  C  CG  . PRO A 1 73  ? 10.633  7.536   -12.962 1.00 13.73 ? 73  PRO A CG  1 
ATOM   545  C  CD  . PRO A 1 73  ? 9.534   6.525   -13.281 1.00 11.10 ? 73  PRO A CD  1 
ATOM   546  N  N   . VAL A 1 74  ? 8.602   8.281   -9.120  1.00 9.06  ? 74  VAL A N   1 
ATOM   547  C  CA  . VAL A 1 74  ? 7.760   9.357   -8.542  1.00 10.04 ? 74  VAL A CA  1 
ATOM   548  C  C   . VAL A 1 74  ? 8.418   9.957   -7.324  1.00 9.05  ? 74  VAL A C   1 
ATOM   549  O  O   . VAL A 1 74  ? 9.134   9.261   -6.563  1.00 9.34  ? 74  VAL A O   1 
ATOM   550  C  CB  . VAL A 1 74  ? 6.353   8.861   -8.149  1.00 10.45 ? 74  VAL A CB  1 
ATOM   551  C  CG1 . VAL A 1 74  ? 5.532   8.597   -9.399  1.00 11.76 ? 74  VAL A CG1 1 
ATOM   552  C  CG2 . VAL A 1 74  ? 6.362   7.657   -7.244  1.00 11.17 ? 74  VAL A CG2 1 
ATOM   553  N  N   . SER A 1 75  ? 8.061   11.204  -7.048  1.00 9.29  ? 75  SER A N   1 
ATOM   554  C  CA  . SER A 1 75  ? 8.230   11.859  -5.740  1.00 9.12  ? 75  SER A CA  1 
ATOM   555  C  C   . SER A 1 75  ? 6.887   11.758  -5.056  1.00 8.72  ? 75  SER A C   1 
ATOM   556  O  O   . SER A 1 75  ? 5.836   11.867  -5.698  1.00 9.31  ? 75  SER A O   1 
ATOM   557  C  CB  . SER A 1 75  ? 8.636   13.268  -5.914  1.00 11.82 ? 75  SER A CB  1 
ATOM   558  O  OG  . SER A 1 75  ? 9.869   13.412  -6.576  1.00 18.25 ? 75  SER A OG  1 
ATOM   559  N  N   . PHE A 1 76  ? 6.887   11.585  -3.745  1.00 8.67  ? 76  PHE A N   1 
ATOM   560  C  CA  . PHE A 1 76  ? 5.658   11.410  -2.990  1.00 8.84  ? 76  PHE A CA  1 
ATOM   561  C  C   . PHE A 1 76  ? 5.726   12.132  -1.683  1.00 8.47  ? 76  PHE A C   1 
ATOM   562  O  O   . PHE A 1 76  ? 6.809   12.327  -1.083  1.00 9.07  ? 76  PHE A O   1 
ATOM   563  C  CB  . PHE A 1 76  ? 5.302   9.935   -2.813  1.00 8.68  ? 76  PHE A CB  1 
ATOM   564  C  CG  . PHE A 1 76  ? 6.369   9.059   -2.224  1.00 8.28  ? 76  PHE A CG  1 
ATOM   565  C  CD1 . PHE A 1 76  ? 7.302   8.444   -3.030  1.00 8.95  ? 76  PHE A CD1 1 
ATOM   566  C  CD2 . PHE A 1 76  ? 6.506   8.859   -0.836  1.00 8.68  ? 76  PHE A CD2 1 
ATOM   567  C  CE1 . PHE A 1 76  ? 8.293   7.647   -2.515  1.00 9.49  ? 76  PHE A CE1 1 
ATOM   568  C  CE2 . PHE A 1 76  ? 7.493   8.017   -0.345  1.00 8.92  ? 76  PHE A CE2 1 
ATOM   569  C  CZ  . PHE A 1 76  ? 8.406   7.448   -1.186  1.00 9.24  ? 76  PHE A CZ  1 
ATOM   570  N  N   . SER A 1 77  ? 4.563   12.533  -1.183  1.00 8.89  ? 77  SER A N   1 
ATOM   571  C  CA  . SER A 1 77  ? 4.434   13.203  0.134   1.00 9.14  ? 77  SER A CA  1 
ATOM   572  C  C   . SER A 1 77  ? 4.658   12.221  1.254   1.00 8.69  ? 77  SER A C   1 
ATOM   573  O  O   . SER A 1 77  ? 4.413   11.025  1.078   1.00 9.89  ? 77  SER A O   1 
ATOM   574  C  CB  . SER A 1 77  ? 3.109   13.916  0.225   1.00 9.28  ? 77  SER A CB  1 
ATOM   575  O  OG  . SER A 1 77  ? 2.041   13.012  0.089   1.00 10.95 ? 77  SER A OG  1 
ATOM   576  N  N   . LYS A 1 78  ? 5.057   12.736  2.411   1.00 9.05  ? 78  LYS A N   1 
ATOM   577  C  CA  . LYS A 1 78  ? 5.161   11.902  3.619   1.00 9.18  ? 78  LYS A CA  1 
ATOM   578  C  C   . LYS A 1 78  ? 3.781   11.436  4.050   1.00 9.81  ? 78  LYS A C   1 
ATOM   579  O  O   . LYS A 1 78  ? 2.774   12.117  3.841   1.00 10.97 ? 78  LYS A O   1 
ATOM   580  C  CB  . LYS A 1 78  ? 5.855   12.650  4.730   1.00 10.71 ? 78  LYS A CB  1 
ATOM   581  C  CG  . LYS A 1 78  ? 7.299   12.993  4.412   1.00 11.33 ? 78  LYS A CG  1 
ATOM   582  C  CD  . LYS A 1 78  ? 8.025   13.676  5.574   1.00 13.81 ? 78  LYS A CD  1 
ATOM   583  C  CE  . LYS A 1 78  ? 9.483   13.873  5.210   1.00 17.81 ? 78  LYS A CE  1 
ATOM   584  N  NZ  . LYS A 1 78  ? 10.341  14.371  6.324   1.00 22.11 ? 78  LYS A NZ  1 
ATOM   585  N  N   . PRO A 1 79  ? 3.680   10.286  4.744   1.00 9.85  ? 79  PRO A N   1 
ATOM   586  C  CA  . PRO A 1 79  ? 2.363   9.732   5.086   1.00 10.40 ? 79  PRO A CA  1 
ATOM   587  C  C   . PRO A 1 79  ? 1.573   10.712  5.952   1.00 10.86 ? 79  PRO A C   1 
ATOM   588  O  O   . PRO A 1 79  ? 2.121   11.235  6.938   1.00 12.78 ? 79  PRO A O   1 
ATOM   589  C  CB  . PRO A 1 79  ? 2.753   8.466   5.872   1.00 11.67 ? 79  PRO A CB  1 
ATOM   590  C  CG  . PRO A 1 79  ? 4.097   8.064   5.396   1.00 12.07 ? 79  PRO A CG  1 
ATOM   591  C  CD  . PRO A 1 79  ? 4.792   9.382   5.077   1.00 10.16 ? 79  PRO A CD  1 
ATOM   592  N  N   A SER A 1 80  ? 0.320   10.971  5.601   0.25 11.34 ? 80  SER A N   1 
ATOM   593  N  N   B SER A 1 80  ? 0.301   10.903  5.664   0.25 11.36 ? 80  SER A N   1 
ATOM   594  C  CA  A SER A 1 80  ? -0.523  11.939  6.335   0.25 12.82 ? 80  SER A CA  1 
ATOM   595  C  CA  B SER A 1 80  ? -0.509  11.831  6.474   0.25 12.47 ? 80  SER A CA  1 
ATOM   596  C  C   A SER A 1 80  ? -1.982  11.488  6.295   0.25 11.12 ? 80  SER A C   1 
ATOM   597  C  C   B SER A 1 80  ? -1.976  11.450  6.352   0.25 11.01 ? 80  SER A C   1 
ATOM   598  O  O   A SER A 1 80  ? -2.363  10.536  5.574   0.25 10.76 ? 80  SER A O   1 
ATOM   599  O  O   B SER A 1 80  ? -2.333  10.476  5.665   0.25 10.74 ? 80  SER A O   1 
ATOM   600  C  CB  A SER A 1 80  ? -0.423  13.341  5.759   0.25 15.24 ? 80  SER A CB  1 
ATOM   601  C  CB  B SER A 1 80  ? -0.269  13.235  6.013   0.25 14.29 ? 80  SER A CB  1 
ATOM   602  O  OG  A SER A 1 80  ? 0.852   13.633  5.220   0.25 20.22 ? 80  SER A OG  1 
ATOM   603  O  OG  B SER A 1 80  ? 1.109   13.480  5.861   0.25 20.85 ? 80  SER A OG  1 
ATOM   604  N  N   . LEU A 1 81  ? -2.811  12.247  7.008   1.00 11.35 ? 81  LEU A N   1 
ATOM   605  C  CA  . LEU A 1 81  ? -4.275  12.090  7.010   1.00 12.05 ? 81  LEU A CA  1 
ATOM   606  C  C   . LEU A 1 81  ? -4.856  12.955  5.914   1.00 11.57 ? 81  LEU A C   1 
ATOM   607  O  O   . LEU A 1 81  ? -4.731  14.201  6.062   1.00 14.76 ? 81  LEU A O   1 
ATOM   608  C  CB  . LEU A 1 81  ? -4.765  12.480  8.414   1.00 13.76 ? 81  LEU A CB  1 
ATOM   609  C  CG  . LEU A 1 81  ? -6.262  12.332  8.660   1.00 15.44 ? 81  LEU A CG  1 
ATOM   610  C  CD1 . LEU A 1 81  ? -6.781  10.898  8.461   1.00 16.19 ? 81  LEU A CD1 1 
ATOM   611  C  CD2 . LEU A 1 81  ? -6.566  12.827  10.074  1.00 18.36 ? 81  LEU A CD2 1 
ATOM   612  N  N   . ILE A 1 82  ? -5.426  12.367  4.893   1.00 10.71 ? 82  ILE A N   1 
ATOM   613  C  CA  . ILE A 1 82  ? -5.809  13.065  3.660   1.00 12.19 ? 82  ILE A CA  1 
ATOM   614  C  C   . ILE A 1 82  ? -7.239  12.754  3.330   1.00 11.00 ? 82  ILE A C   1 
ATOM   615  O  O   . ILE A 1 82  ? -7.664  11.585  3.362   1.00 10.96 ? 82  ILE A O   1 
ATOM   616  C  CB  . ILE A 1 82  ? -4.912  12.559  2.504   1.00 14.32 ? 82  ILE A CB  1 
ATOM   617  C  CG1 . ILE A 1 82  ? -3.441  12.780  2.856   1.00 14.41 ? 82  ILE A CG1 1 
ATOM   618  C  CG2 . ILE A 1 82  ? -5.313  13.132  1.158   1.00 17.70 ? 82  ILE A CG2 1 
ATOM   619  C  CD1 . ILE A 1 82  ? -3.039  14.223  2.973   1.00 18.65 ? 82  ILE A CD1 1 
ATOM   620  N  N   . PHE A 1 83  ? -7.959  13.731  2.823   1.00 10.93 ? 83  PHE A N   1 
ATOM   621  C  CA  . PHE A 1 83  ? -9.303  13.500  2.300   1.00 11.34 ? 83  PHE A CA  1 
ATOM   622  C  C   . PHE A 1 83  ? -9.169  12.842  0.934   1.00 10.73 ? 83  PHE A C   1 
ATOM   623  O  O   . PHE A 1 83  ? -8.400  13.356  0.084   1.00 11.46 ? 83  PHE A O   1 
ATOM   624  C  CB  . PHE A 1 83  ? -10.109 14.799  2.220   1.00 11.67 ? 83  PHE A CB  1 
ATOM   625  C  CG  . PHE A 1 83  ? -11.546 14.533  1.908   1.00 12.75 ? 83  PHE A CG  1 
ATOM   626  C  CD1 . PHE A 1 83  ? -12.338 13.930  2.853   1.00 13.68 ? 83  PHE A CD1 1 
ATOM   627  C  CD2 . PHE A 1 83  ? -12.091 14.836  0.681   1.00 14.99 ? 83  PHE A CD2 1 
ATOM   628  C  CE1 . PHE A 1 83  ? -13.689 13.705  2.601   1.00 15.13 ? 83  PHE A CE1 1 
ATOM   629  C  CE2 . PHE A 1 83  ? -13.431 14.570  0.425   1.00 17.18 ? 83  PHE A CE2 1 
ATOM   630  C  CZ  . PHE A 1 83  ? -14.200 13.975  1.364   1.00 15.97 ? 83  PHE A CZ  1 
ATOM   631  N  N   . VAL A 1 84  ? -9.920  11.787  0.685   1.00 10.08 ? 84  VAL A N   1 
ATOM   632  C  CA  . VAL A 1 84  ? -9.920  11.027  -0.559  1.00 10.83 ? 84  VAL A CA  1 
ATOM   633  C  C   . VAL A 1 84  ? -11.332 11.075  -1.096  1.00 10.21 ? 84  VAL A C   1 
ATOM   634  O  O   . VAL A 1 84  ? -12.317 10.664  -0.403  1.00 11.06 ? 84  VAL A O   1 
ATOM   635  C  CB  . VAL A 1 84  ? -9.410  9.589   -0.334  1.00 10.53 ? 84  VAL A CB  1 
ATOM   636  C  CG1 . VAL A 1 84  ? -9.373  8.836   -1.646  1.00 10.96 ? 84  VAL A CG1 1 
ATOM   637  C  CG2 . VAL A 1 84  ? -8.064  9.582   0.375   1.00 11.44 ? 84  VAL A CG2 1 
ATOM   638  N  N   . GLU A 1 85  ? -11.497 11.504  -2.319  1.00 10.20 ? 85  GLU A N   1 
ATOM   639  C  CA  . GLU A 1 85  ? -12.828 11.531  -2.945  1.00 11.03 ? 85  GLU A CA  1 
ATOM   640  C  C   . GLU A 1 85  ? -13.338 10.106  -3.149  1.00 11.30 ? 85  GLU A C   1 
ATOM   641  O  O   . GLU A 1 85  ? -12.531 9.107   -3.133  1.00 11.27 ? 85  GLU A O   1 
ATOM   642  C  CB  . GLU A 1 85  ? -12.755 12.260  -4.277  1.00 11.21 ? 85  GLU A CB  1 
ATOM   643  C  CG  . GLU A 1 85  ? -12.403 13.720  -4.082  1.00 12.73 ? 85  GLU A CG  1 
ATOM   644  C  CD  . GLU A 1 85  ? -13.432 14.584  -3.372  1.00 14.52 ? 85  GLU A CD  1 
ATOM   645  O  OE1 . GLU A 1 85  ? -14.603 14.181  -3.196  1.00 16.12 ? 85  GLU A OE1 1 
ATOM   646  O  OE2 . GLU A 1 85  ? -13.027 15.684  -2.957  1.00 15.61 ? 85  GLU A OE2 1 
ATOM   647  N  N   . ALA A 1 86  ? -14.636 9.944   -3.386  1.00 12.62 ? 86  ALA A N   1 
ATOM   648  C  CA  . ALA A 1 86  ? -15.236 8.611   -3.584  1.00 12.66 ? 86  ALA A CA  1 
ATOM   649  C  C   . ALA A 1 86  ? -14.551 7.899   -4.728  1.00 13.39 ? 86  ALA A C   1 
ATOM   650  O  O   . ALA A 1 86  ? -14.287 8.529   -5.744  1.00 13.43 ? 86  ALA A O   1 
ATOM   651  C  CB  . ALA A 1 86  ? -16.735 8.737   -3.857  1.00 13.62 ? 86  ALA A CB  1 
ATOM   652  N  N   . SER A 1 87  ? -14.433 6.582   -4.600  1.00 12.72 ? 87  SER A N   1 
ATOM   653  C  CA  . SER A 1 87  ? -13.904 5.683   -5.637  1.00 14.26 ? 87  SER A CA  1 
ATOM   654  C  C   . SER A 1 87  ? -14.944 4.592   -5.835  1.00 14.48 ? 87  SER A C   1 
ATOM   655  O  O   . SER A 1 87  ? -15.969 4.526   -5.108  1.00 15.59 ? 87  SER A O   1 
ATOM   656  C  CB  . SER A 1 87  ? -12.579 5.072   -5.231  1.00 13.31 ? 87  SER A CB  1 
ATOM   657  O  OG  . SER A 1 87  ? -12.749 4.224   -4.107  1.00 13.44 ? 87  SER A OG  1 
ATOM   658  N  N   . GLU A 1 88  ? -14.634 3.626   -6.681  1.00 15.43 ? 88  GLU A N   1 
ATOM   659  C  CA  . GLU A 1 88  ? -15.537 2.470   -6.868  1.00 16.36 ? 88  GLU A CA  1 
ATOM   660  C  C   . GLU A 1 88  ? -15.614 1.640   -5.599  1.00 17.12 ? 88  GLU A C   1 
ATOM   661  O  O   . GLU A 1 88  ? -16.564 0.857   -5.452  1.00 18.27 ? 88  GLU A O   1 
ATOM   662  C  CB  . GLU A 1 88  ? -15.147 1.690   -8.136  1.00 20.09 ? 88  GLU A CB  1 
ATOM   663  C  CG  . GLU A 1 88  ? -14.171 0.573   -7.945  1.00 29.22 ? 88  GLU A CG  1 
ATOM   664  C  CD  . GLU A 1 88  ? -13.990 -0.241  -9.222  1.00 31.24 ? 88  GLU A CD  1 
ATOM   665  O  OE1 . GLU A 1 88  ? -14.300 0.300   -10.317 1.00 36.48 ? 88  GLU A OE1 1 
ATOM   666  O  OE2 . GLU A 1 88  ? -13.533 -1.395  -9.112  1.00 37.12 ? 88  GLU A OE2 1 
ATOM   667  N  N   . TYR A 1 89  ? -14.630 1.705   -4.708  1.00 13.99 ? 89  TYR A N   1 
ATOM   668  C  CA  . TYR A 1 89  ? -14.514 0.761   -3.581  1.00 13.61 ? 89  TYR A CA  1 
ATOM   669  C  C   . TYR A 1 89  ? -14.610 1.439   -2.226  1.00 13.79 ? 89  TYR A C   1 
ATOM   670  O  O   . TYR A 1 89  ? -14.716 0.731   -1.178  1.00 14.53 ? 89  TYR A O   1 
ATOM   671  C  CB  . TYR A 1 89  ? -13.240 -0.086  -3.689  1.00 13.20 ? 89  TYR A CB  1 
ATOM   672  C  CG  . TYR A 1 89  ? -11.975 0.712   -3.913  1.00 12.65 ? 89  TYR A CG  1 
ATOM   673  C  CD1 . TYR A 1 89  ? -11.589 1.027   -5.190  1.00 13.37 ? 89  TYR A CD1 1 
ATOM   674  C  CD2 . TYR A 1 89  ? -11.195 1.184   -2.864  1.00 12.91 ? 89  TYR A CD2 1 
ATOM   675  C  CE1 . TYR A 1 89  ? -10.458 1.796   -5.455  1.00 13.92 ? 89  TYR A CE1 1 
ATOM   676  C  CE2 . TYR A 1 89  ? -10.055 1.955   -3.094  1.00 11.81 ? 89  TYR A CE2 1 
ATOM   677  C  CZ  . TYR A 1 89  ? -9.675  2.242   -4.389  1.00 11.13 ? 89  TYR A CZ  1 
ATOM   678  O  OH  . TYR A 1 89  ? -8.567  3.006   -4.682  1.00 12.26 ? 89  TYR A OH  1 
ATOM   679  N  N   . TYR A 1 90  ? -14.524 2.780   -2.143  1.00 13.27 ? 90  TYR A N   1 
ATOM   680  C  CA  . TYR A 1 90  ? -14.779 3.490   -0.877  1.00 12.77 ? 90  TYR A CA  1 
ATOM   681  C  C   . TYR A 1 90  ? -15.564 4.766   -1.140  1.00 11.92 ? 90  TYR A C   1 
ATOM   682  O  O   . TYR A 1 90  ? -15.439 5.379   -2.198  1.00 12.44 ? 90  TYR A O   1 
ATOM   683  C  CB  . TYR A 1 90  ? -13.481 3.901   -0.189  1.00 13.03 ? 90  TYR A CB  1 
ATOM   684  C  CG  . TYR A 1 90  ? -12.719 2.820   0.531   1.00 12.16 ? 90  TYR A CG  1 
ATOM   685  C  CD1 . TYR A 1 90  ? -13.302 2.004   1.489   1.00 14.36 ? 90  TYR A CD1 1 
ATOM   686  C  CD2 . TYR A 1 90  ? -11.371 2.642   0.278   1.00 11.97 ? 90  TYR A CD2 1 
ATOM   687  C  CE1 . TYR A 1 90  ? -12.551 1.083   2.196   1.00 14.42 ? 90  TYR A CE1 1 
ATOM   688  C  CE2 . TYR A 1 90  ? -10.630 1.675   0.934   1.00 11.69 ? 90  TYR A CE2 1 
ATOM   689  C  CZ  . TYR A 1 90  ? -11.199 0.910   1.925   1.00 11.60 ? 90  TYR A CZ  1 
ATOM   690  O  OH  . TYR A 1 90  ? -10.493 -0.034  2.636   1.00 12.70 ? 90  TYR A OH  1 
ATOM   691  N  N   . PRO A 1 91  ? -16.340 5.198   -0.125  1.00 13.11 ? 91  PRO A N   1 
ATOM   692  C  CA  . PRO A 1 91  ? -16.930 6.534   -0.169  1.00 12.45 ? 91  PRO A CA  1 
ATOM   693  C  C   . PRO A 1 91  ? -15.828 7.593   -0.080  1.00 12.32 ? 91  PRO A C   1 
ATOM   694  O  O   . PRO A 1 91  ? -14.696 7.286   0.273   1.00 12.31 ? 91  PRO A O   1 
ATOM   695  C  CB  . PRO A 1 91  ? -17.814 6.520   1.084   1.00 13.23 ? 91  PRO A CB  1 
ATOM   696  C  CG  . PRO A 1 91  ? -17.069 5.675   2.037   1.00 13.94 ? 91  PRO A CG  1 
ATOM   697  C  CD  . PRO A 1 91  ? -16.564 4.543   1.165   1.00 13.00 ? 91  PRO A CD  1 
ATOM   698  N  N   . ALA A 1 92  ? -16.222 8.854   -0.246  1.00 12.33 ? 92  ALA A N   1 
ATOM   699  C  CA  . ALA A 1 92  ? -15.346 9.976   0.086   1.00 12.78 ? 92  ALA A CA  1 
ATOM   700  C  C   . ALA A 1 92  ? -15.109 9.912   1.580   1.00 12.82 ? 92  ALA A C   1 
ATOM   701  O  O   . ALA A 1 92  ? -16.112 9.781   2.347   1.00 14.92 ? 92  ALA A O   1 
ATOM   702  C  CB  . ALA A 1 92  ? -16.042 11.263  -0.318  1.00 13.19 ? 92  ALA A CB  1 
ATOM   703  N  N   . ARG A 1 93  ? -13.874 9.959   2.030   1.00 12.28 ? 93  ARG A N   1 
ATOM   704  C  CA  . ARG A 1 93  ? -13.560 9.839   3.450   1.00 13.13 ? 93  ARG A CA  1 
ATOM   705  C  C   . ARG A 1 93  ? -12.107 10.258  3.718   1.00 11.90 ? 93  ARG A C   1 
ATOM   706  O  O   . ARG A 1 93  ? -11.299 10.433  2.730   1.00 12.61 ? 93  ARG A O   1 
ATOM   707  C  CB  . ARG A 1 93  ? -13.753 8.380   3.872   1.00 13.21 ? 93  ARG A CB  1 
ATOM   708  C  CG  . ARG A 1 93  ? -12.690 7.486   3.267   1.00 12.68 ? 93  ARG A CG  1 
ATOM   709  C  CD  . ARG A 1 93  ? -12.864 6.011   3.572   1.00 14.38 ? 93  ARG A CD  1 
ATOM   710  N  NE  . ARG A 1 93  ? -11.663 5.262   3.229   1.00 13.98 ? 93  ARG A NE  1 
ATOM   711  C  CZ  . ARG A 1 93  ? -11.086 4.316   3.958   1.00 13.69 ? 93  ARG A CZ  1 
ATOM   712  N  NH1 . ARG A 1 93  ? -11.665 3.836   5.050   1.00 14.20 ? 93  ARG A NH1 1 
ATOM   713  N  NH2 . ARG A 1 93  ? -9.914  3.854   3.566   1.00 14.93 ? 93  ARG A NH2 1 
ATOM   714  N  N   . TYR A 1 94  ? -11.722 10.413  4.950   1.00 12.24 ? 94  TYR A N   1 
ATOM   715  C  CA  . TYR A 1 94  ? -10.312 10.599  5.310   1.00 12.44 ? 94  TYR A CA  1 
ATOM   716  C  C   . TYR A 1 94  ? -9.631  9.249   5.349   1.00 12.04 ? 94  TYR A C   1 
ATOM   717  O  O   . TYR A 1 94  ? -10.230 8.265   5.840   1.00 14.20 ? 94  TYR A O   1 
ATOM   718  C  CB  . TYR A 1 94  ? -10.190 11.322  6.645   1.00 12.84 ? 94  TYR A CB  1 
ATOM   719  C  CG  . TYR A 1 94  ? -10.380 12.809  6.488   1.00 14.49 ? 94  TYR A CG  1 
ATOM   720  C  CD1 . TYR A 1 94  ? -9.296  13.579  6.109   1.00 15.38 ? 94  TYR A CD1 1 
ATOM   721  C  CD2 . TYR A 1 94  ? -11.610 13.417  6.578   1.00 16.09 ? 94  TYR A CD2 1 
ATOM   722  C  CE1 . TYR A 1 94  ? -9.392  14.937  5.870   1.00 16.84 ? 94  TYR A CE1 1 
ATOM   723  C  CE2 . TYR A 1 94  ? -11.734 14.800  6.366   1.00 17.12 ? 94  TYR A CE2 1 
ATOM   724  C  CZ  . TYR A 1 94  ? -10.617 15.542  5.999   1.00 16.04 ? 94  TYR A CZ  1 
ATOM   725  O  OH  . TYR A 1 94  ? -10.710 16.891  5.753   1.00 19.71 ? 94  TYR A OH  1 
ATOM   726  N  N   . GLN A 1 95  ? -8.426  9.182   4.816   1.00 10.81 ? 95  GLN A N   1 
ATOM   727  C  CA  . GLN A 1 95  ? -7.562  7.988   4.931   1.00 10.64 ? 95  GLN A CA  1 
ATOM   728  C  C   . GLN A 1 95  ? -6.276  8.412   5.599   1.00 10.60 ? 95  GLN A C   1 
ATOM   729  O  O   . GLN A 1 95  ? -5.711  9.488   5.245   1.00 12.22 ? 95  GLN A O   1 
ATOM   730  C  CB  . GLN A 1 95  ? -7.349  7.422   3.537   1.00 11.32 ? 95  GLN A CB  1 
ATOM   731  C  CG  . GLN A 1 95  ? -6.490  6.190   3.500   1.00 12.87 ? 95  GLN A CG  1 
ATOM   732  C  CD  . GLN A 1 95  ? -6.698  5.313   2.286   1.00 11.57 ? 95  GLN A CD  1 
ATOM   733  O  OE1 . GLN A 1 95  ? -7.775  5.201   1.729   1.00 13.03 ? 95  GLN A OE1 1 
ATOM   734  N  NE2 . GLN A 1 95  ? -5.606  4.696   1.929   1.00 11.83 ? 95  GLN A NE2 1 
ATOM   735  N  N   . SER A 1 96  ? -5.790  7.626   6.539   1.00 9.73  ? 96  SER A N   1 
ATOM   736  C  CA  . SER A 1 96  ? -4.553  7.886   7.269   1.00 10.84 ? 96  SER A CA  1 
ATOM   737  C  C   . SER A 1 96  ? -3.355  7.186   6.631   1.00 9.28  ? 96  SER A C   1 
ATOM   738  O  O   . SER A 1 96  ? -3.529  6.225   5.868   1.00 9.54  ? 96  SER A O   1 
ATOM   739  C  CB  . SER A 1 96  ? -4.704  7.511   8.719   1.00 12.31 ? 96  SER A CB  1 
ATOM   740  O  OG  . SER A 1 96  ? -4.879  6.106   8.823   1.00 13.84 ? 96  SER A OG  1 
ATOM   741  N  N   . HIS A 1 97  ? -2.197  7.652   7.030   1.00 9.63  ? 97  HIS A N   1 
ATOM   742  C  CA  . HIS A 1 97  ? -0.915  7.038   6.605   1.00 9.97  ? 97  HIS A CA  1 
ATOM   743  C  C   . HIS A 1 97  ? -0.834  6.967   5.061   1.00 8.63  ? 97  HIS A C   1 
ATOM   744  O  O   . HIS A 1 97  ? -0.278  5.991   4.556   1.00 9.54  ? 97  HIS A O   1 
ATOM   745  C  CB  . HIS A 1 97  ? -0.715  5.673   7.282   1.00 10.73 ? 97  HIS A CB  1 
ATOM   746  C  CG  . HIS A 1 97  ? -0.687  5.767   8.756   1.00 11.44 ? 97  HIS A CG  1 
ATOM   747  N  ND1 . HIS A 1 97  ? 0.501   5.823   9.452   1.00 11.93 ? 97  HIS A ND1 1 
ATOM   748  C  CD2 . HIS A 1 97  ? -1.689  5.824   9.674   1.00 11.75 ? 97  HIS A CD2 1 
ATOM   749  C  CE1 . HIS A 1 97  ? 0.210   5.903   10.768  1.00 12.90 ? 97  HIS A CE1 1 
ATOM   750  N  NE2 . HIS A 1 97  ? -1.068  5.929   10.912  1.00 13.65 ? 97  HIS A NE2 1 
ATOM   751  N  N   . LEU A 1 98  ? -1.323  7.982   4.381   1.00 9.10  ? 98  LEU A N   1 
ATOM   752  C  CA  . LEU A 1 98  ? -1.435  8.014   2.927   1.00 8.53  ? 98  LEU A CA  1 
ATOM   753  C  C   . LEU A 1 98  ? -0.417  8.969   2.337   1.00 7.94  ? 98  LEU A C   1 
ATOM   754  O  O   . LEU A 1 98  ? -0.227  10.088  2.845   1.00 9.49  ? 98  LEU A O   1 
ATOM   755  C  CB  . LEU A 1 98  ? -2.828  8.469   2.522   1.00 9.13  ? 98  LEU A CB  1 
ATOM   756  C  CG  . LEU A 1 98  ? -3.117  8.438   1.020   1.00 10.08 ? 98  LEU A CG  1 
ATOM   757  C  CD1 . LEU A 1 98  ? -3.160  7.059   0.461   1.00 10.05 ? 98  LEU A CD1 1 
ATOM   758  C  CD2 . LEU A 1 98  ? -4.413  9.145   0.658   1.00 11.64 ? 98  LEU A CD2 1 
ATOM   759  N  N   . MET A 1 99  ? 0.282   8.525   1.304   1.00 8.40  ? 99  MET A N   1 
ATOM   760  C  CA  . MET A 1 99  ? 1.288   9.321   0.560   1.00 8.67  ? 99  MET A CA  1 
ATOM   761  C  C   . MET A 1 99  ? 0.724   9.599   -0.803  1.00 7.72  ? 99  MET A C   1 
ATOM   762  O  O   . MET A 1 99  ? 0.173   8.675   -1.402  1.00 9.10  ? 99  MET A O   1 
ATOM   763  C  CB  . MET A 1 99  ? 2.577   8.503   0.444   1.00 8.16  ? 99  MET A CB  1 
ATOM   764  C  CG  . MET A 1 99  ? 3.179   8.179   1.802   1.00 9.26  ? 99  MET A CG  1 
ATOM   765  S  SD  . MET A 1 99  ? 4.551   7.025   1.762   1.00 10.22 ? 99  MET A SD  1 
ATOM   766  C  CE  . MET A 1 99  ? 3.727   5.516   1.284   1.00 10.05 ? 99  MET A CE  1 
ATOM   767  N  N   . LEU A 1 100 ? 0.958   10.769  -1.372  1.00 8.05  ? 100 LEU A N   1 
ATOM   768  C  CA  . LEU A 1 100 ? 0.457   11.124  -2.716  1.00 8.12  ? 100 LEU A CA  1 
ATOM   769  C  C   . LEU A 1 100 ? 1.633   11.408  -3.649  1.00 8.13  ? 100 LEU A C   1 
ATOM   770  O  O   . LEU A 1 100 ? 2.603   12.050  -3.257  1.00 9.01  ? 100 LEU A O   1 
ATOM   771  C  CB  . LEU A 1 100 ? -0.454  12.334  -2.638  1.00 9.45  ? 100 LEU A CB  1 
ATOM   772  C  CG  . LEU A 1 100 ? -1.795  12.120  -1.936  1.00 10.10 ? 100 LEU A CG  1 
ATOM   773  C  CD1 . LEU A 1 100 ? -2.510  13.466  -1.729  1.00 11.92 ? 100 LEU A CD1 1 
ATOM   774  C  CD2 . LEU A 1 100 ? -2.705  11.145  -2.677  1.00 11.98 ? 100 LEU A CD2 1 
ATOM   775  N  N   . ALA A 1 101 ? 1.442   11.002  -4.886  1.00 8.36  ? 101 ALA A N   1 
ATOM   776  C  CA  . ALA A 1 101 ? 2.319   11.369  -5.998  1.00 7.72  ? 101 ALA A CA  1 
ATOM   777  C  C   . ALA A 1 101 ? 1.471   11.756  -7.198  1.00 8.30  ? 101 ALA A C   1 
ATOM   778  O  O   . ALA A 1 101 ? 0.303   11.365  -7.289  1.00 8.84  ? 101 ALA A O   1 
ATOM   779  C  CB  . ALA A 1 101 ? 3.224   10.226  -6.361  1.00 8.47  ? 101 ALA A CB  1 
ATOM   780  N  N   . VAL A 1 102 ? 2.090   12.447  -8.138  1.00 8.48  ? 102 VAL A N   1 
ATOM   781  C  CA  . VAL A 1 102 ? 1.449   12.751  -9.446  1.00 8.52  ? 102 VAL A CA  1 
ATOM   782  C  C   . VAL A 1 102 ? 1.646   11.557  -10.349 1.00 8.58  ? 102 VAL A C   1 
ATOM   783  O  O   . VAL A 1 102 ? 2.797   11.132  -10.638 1.00 9.20  ? 102 VAL A O   1 
ATOM   784  C  CB  . VAL A 1 102 ? 2.016   14.036  -10.027 1.00 8.63  ? 102 VAL A CB  1 
ATOM   785  C  CG1 . VAL A 1 102 ? 1.417   14.302  -11.397 1.00 9.24  ? 102 VAL A CG1 1 
ATOM   786  C  CG2 . VAL A 1 102 ? 1.740   15.215  -9.103  1.00 8.62  ? 102 VAL A CG2 1 
ATOM   787  N  N   . GLY A 1 103 ? 0.584   10.940  -10.785 1.00 8.96  ? 103 GLY A N   1 
ATOM   788  C  CA  . GLY A 1 103 ? 0.659   9.732   -11.591 1.00 9.87  ? 103 GLY A CA  1 
ATOM   789  C  C   . GLY A 1 103 ? -0.691  9.127   -11.803 1.00 9.69  ? 103 GLY A C   1 
ATOM   790  O  O   . GLY A 1 103 ? -1.669  9.613   -11.284 1.00 10.75 ? 103 GLY A O   1 
ATOM   791  N  N   . HIS A 1 104 ? -0.719  8.068   -12.581 1.00 10.09 ? 104 HIS A N   1 
ATOM   792  C  CA  . HIS A 1 104 ? -1.956  7.373   -12.958 1.00 11.23 ? 104 HIS A CA  1 
ATOM   793  C  C   . HIS A 1 104 ? -2.284  6.255   -11.989 1.00 9.66  ? 104 HIS A C   1 
ATOM   794  O  O   . HIS A 1 104 ? -1.433  5.386   -11.712 1.00 9.64  ? 104 HIS A O   1 
ATOM   795  C  CB  . HIS A 1 104 ? -1.842  6.852   -14.397 1.00 10.32 ? 104 HIS A CB  1 
ATOM   796  C  CG  . HIS A 1 104 ? -3.133  6.297   -14.850 1.00 10.72 ? 104 HIS A CG  1 
ATOM   797  N  ND1 . HIS A 1 104 ? -4.229  7.098   -15.020 1.00 11.95 ? 104 HIS A ND1 1 
ATOM   798  C  CD2 . HIS A 1 104 ? -3.510  5.029   -15.072 1.00 10.98 ? 104 HIS A CD2 1 
ATOM   799  C  CE1 . HIS A 1 104 ? -5.230  6.270   -15.345 1.00 12.42 ? 104 HIS A CE1 1 
ATOM   800  N  NE2 . HIS A 1 104 ? -4.791  5.068   -15.387 1.00 12.79 ? 104 HIS A NE2 1 
ATOM   801  N  N   . SER A 1 105 ? -3.547  6.219   -11.562 1.00 9.73  ? 105 SER A N   1 
ATOM   802  C  CA  . SER A 1 105 ? -4.045  5.175   -10.658 1.00 9.70  ? 105 SER A CA  1 
ATOM   803  C  C   . SER A 1 105 ? -5.538  5.015   -10.874 1.00 9.95  ? 105 SER A C   1 
ATOM   804  O  O   . SER A 1 105 ? -6.281  5.999   -10.671 1.00 12.00 ? 105 SER A O   1 
ATOM   805  C  CB  . SER A 1 105 ? -3.700  5.509   -9.232  1.00 9.85  ? 105 SER A CB  1 
ATOM   806  O  OG  . SER A 1 105 ? -4.302  4.546   -8.374  1.00 10.45 ? 105 SER A OG  1 
ATOM   807  N  N   . GLU A 1 106 ? -5.933  3.847   -11.260 1.00 10.01 ? 106 GLU A N   1 
ATOM   808  C  CA  . GLU A 1 106 ? -7.347  3.390   -11.319 1.00 11.79 ? 106 GLU A CA  1 
ATOM   809  C  C   . GLU A 1 106 ? -7.580  2.354   -10.264 1.00 12.40 ? 106 GLU A C   1 
ATOM   810  O  O   . GLU A 1 106 ? -6.642  1.779   -9.693  1.00 12.37 ? 106 GLU A O   1 
ATOM   811  C  CB  . GLU A 1 106 ? -7.630  2.727   -12.679 1.00 14.81 ? 106 GLU A CB  1 
ATOM   812  C  CG  . GLU A 1 106 ? -7.456  3.648   -13.846 1.00 17.66 ? 106 GLU A CG  1 
ATOM   813  C  CD  . GLU A 1 106 ? -7.486  2.926   -15.208 1.00 15.97 ? 106 GLU A CD  1 
ATOM   814  O  OE1 . GLU A 1 106 ? -8.154  1.850   -15.370 1.00 21.22 ? 106 GLU A OE1 1 
ATOM   815  O  OE2 . GLU A 1 106 ? -6.859  3.409   -16.055 1.00 15.27 ? 106 GLU A OE2 1 
ATOM   816  N  N   . PRO A 1 107 ? -8.856  1.964   -9.959  1.00 13.34 ? 107 PRO A N   1 
ATOM   817  C  CA  . PRO A 1 107 ? -9.111  1.034   -8.865  1.00 13.65 ? 107 PRO A CA  1 
ATOM   818  C  C   . PRO A 1 107 ? -8.297  -0.246  -8.927  1.00 13.71 ? 107 PRO A C   1 
ATOM   819  O  O   . PRO A 1 107 ? -7.749  -0.705  -7.882  1.00 14.32 ? 107 PRO A O   1 
ATOM   820  C  CB  . PRO A 1 107 ? -10.634 0.833   -8.989  1.00 14.01 ? 107 PRO A CB  1 
ATOM   821  C  CG  . PRO A 1 107 ? -11.119 2.165   -9.444  1.00 14.69 ? 107 PRO A CG  1 
ATOM   822  C  CD  . PRO A 1 107 ? -10.089 2.600   -10.482 1.00 13.88 ? 107 PRO A CD  1 
ATOM   823  N  N   . GLY A 1 108 ? -8.201  -0.858  -10.078 1.00 13.80 ? 108 GLY A N   1 
ATOM   824  C  CA  . GLY A 1 108 ? -7.486  -2.121  -10.179 1.00 13.68 ? 108 GLY A CA  1 
ATOM   825  C  C   . GLY A 1 108 ? -5.974  -1.996  -10.034 1.00 12.19 ? 108 GLY A C   1 
ATOM   826  O  O   . GLY A 1 108 ? -5.296  -3.028  -9.919  1.00 12.45 ? 108 GLY A O   1 
ATOM   827  N  N   . ASP A 1 109 ? -5.433  -0.760  -9.995  1.00 11.30 ? 109 ASP A N   1 
ATOM   828  C  CA  . ASP A 1 109 ? -4.002  -0.566  -9.682  1.00 9.89  ? 109 ASP A CA  1 
ATOM   829  C  C   . ASP A 1 109 ? -3.698  -0.786  -8.204  1.00 9.66  ? 109 ASP A C   1 
ATOM   830  O  O   . ASP A 1 109 ? -2.520  -0.908  -7.861  1.00 9.36  ? 109 ASP A O   1 
ATOM   831  C  CB  . ASP A 1 109 ? -3.562  0.836   -10.097 1.00 10.07 ? 109 ASP A CB  1 
ATOM   832  C  CG  . ASP A 1 109 ? -3.582  0.989   -11.602 1.00 9.37  ? 109 ASP A CG  1 
ATOM   833  O  OD1 . ASP A 1 109 ? -3.193  -0.034  -12.244 1.00 11.32 ? 109 ASP A OD1 1 
ATOM   834  O  OD2 . ASP A 1 109 ? -3.957  2.032   -12.137 1.00 9.60  ? 109 ASP A OD2 1 
ATOM   835  N  N   . CYS A 1 110 ? -4.712  -0.849  -7.374  1.00 9.49  ? 110 CYS A N   1 
ATOM   836  C  CA  . CYS A 1 110 ? -4.457  -1.056  -5.940  1.00 8.91  ? 110 CYS A CA  1 
ATOM   837  C  C   . CYS A 1 110 ? -3.632  -2.315  -5.721  1.00 8.98  ? 110 CYS A C   1 
ATOM   838  O  O   . CYS A 1 110 ? -3.928  -3.358  -6.347  1.00 9.44  ? 110 CYS A O   1 
ATOM   839  C  CB  . CYS A 1 110 ? -5.772  -1.136  -5.166  1.00 9.39  ? 110 CYS A CB  1 
ATOM   840  S  SG  . CYS A 1 110 ? -6.550  0.468   -4.901  1.00 10.67 ? 110 CYS A SG  1 
ATOM   841  N  N   . GLY A 1 111 ? -2.654  -2.239  -4.822  1.00 8.76  ? 111 GLY A N   1 
ATOM   842  C  CA  . GLY A 1 111 ? -1.781  -3.353  -4.507  1.00 8.39  ? 111 GLY A CA  1 
ATOM   843  C  C   . GLY A 1 111 ? -0.439  -3.270  -5.224  1.00 8.23  ? 111 GLY A C   1 
ATOM   844  O  O   . GLY A 1 111 ? 0.461   -4.019  -4.838  1.00 9.29  ? 111 GLY A O   1 
ATOM   845  N  N   . GLY A 1 112 ? -0.300  -2.446  -6.246  1.00 8.29  ? 112 GLY A N   1 
ATOM   846  C  CA  . GLY A 1 112 ? 1.027   -2.253  -6.858  1.00 8.64  ? 112 GLY A CA  1 
ATOM   847  C  C   . GLY A 1 112 ? 1.990   -1.701  -5.828  1.00 8.11  ? 112 GLY A C   1 
ATOM   848  O  O   . GLY A 1 112 ? 1.654   -0.833  -5.023  1.00 8.68  ? 112 GLY A O   1 
ATOM   849  N  N   . ILE A 1 113 ? 3.208   -2.164  -5.899  1.00 8.33  ? 113 ILE A N   1 
ATOM   850  C  CA  . ILE A 1 113 ? 4.236   -1.740  -4.917  1.00 8.27  ? 113 ILE A CA  1 
ATOM   851  C  C   . ILE A 1 113 ? 4.856   -0.415  -5.303  1.00 7.58  ? 113 ILE A C   1 
ATOM   852  O  O   . ILE A 1 113 ? 5.220   -0.181  -6.468  1.00 8.27  ? 113 ILE A O   1 
ATOM   853  C  CB  . ILE A 1 113 ? 5.304   -2.843  -4.813  1.00 9.68  ? 113 ILE A CB  1 
ATOM   854  C  CG1 . ILE A 1 113 ? 4.727   -3.953  -3.905  1.00 11.99 ? 113 ILE A CG1 1 
ATOM   855  C  CG2 . ILE A 1 113 ? 6.641   -2.351  -4.249  1.00 9.92  ? 113 ILE A CG2 1 
ATOM   856  C  CD1 . ILE A 1 113 ? 5.549   -5.214  -3.845  1.00 13.57 ? 113 ILE A CD1 1 
ATOM   857  N  N   . LEU A 1 114 ? 5.095   0.422   -4.313  1.00 7.53  ? 114 LEU A N   1 
ATOM   858  C  CA  . LEU A 1 114 ? 6.023   1.571   -4.300  1.00 7.90  ? 114 LEU A CA  1 
ATOM   859  C  C   . LEU A 1 114 ? 7.275   1.143   -3.551  1.00 7.55  ? 114 LEU A C   1 
ATOM   860  O  O   . LEU A 1 114 ? 7.158   0.639   -2.427  1.00 8.15  ? 114 LEU A O   1 
ATOM   861  C  CB  . LEU A 1 114 ? 5.335   2.756   -3.603  1.00 7.86  ? 114 LEU A CB  1 
ATOM   862  C  CG  . LEU A 1 114 ? 6.237   3.966   -3.370  1.00 8.06  ? 114 LEU A CG  1 
ATOM   863  C  CD1 . LEU A 1 114 ? 6.621   4.661   -4.661  1.00 8.59  ? 114 LEU A CD1 1 
ATOM   864  C  CD2 . LEU A 1 114 ? 5.517   4.973   -2.460  1.00 8.21  ? 114 LEU A CD2 1 
ATOM   865  N  N   . ARG A 1 115 ? 8.416   1.326   -4.178  1.00 7.67  ? 115 ARG A N   1 
ATOM   866  C  CA  . ARG A 1 115 ? 9.706   0.925   -3.577  1.00 8.11  ? 115 ARG A CA  1 
ATOM   867  C  C   . ARG A 1 115 ? 10.710  2.061   -3.681  1.00 8.30  ? 115 ARG A C   1 
ATOM   868  O  O   . ARG A 1 115 ? 10.678  2.825   -4.645  1.00 8.53  ? 115 ARG A O   1 
ATOM   869  C  CB  . ARG A 1 115 ? 10.254  -0.345  -4.197  1.00 9.11  ? 115 ARG A CB  1 
ATOM   870  C  CG  . ARG A 1 115 ? 10.599  -0.187  -5.667  1.00 10.28 ? 115 ARG A CG  1 
ATOM   871  C  CD  . ARG A 1 115 ? 11.015  -1.500  -6.275  1.00 12.03 ? 115 ARG A CD  1 
ATOM   872  N  NE  . ARG A 1 115 ? 9.878   -2.367  -6.517  1.00 14.23 ? 115 ARG A NE  1 
ATOM   873  C  CZ  . ARG A 1 115 ? 9.698   -3.594  -6.006  1.00 14.49 ? 115 ARG A CZ  1 
ATOM   874  N  NH1 . ARG A 1 115 ? 10.520  -4.115  -5.101  1.00 17.04 ? 115 ARG A NH1 1 
ATOM   875  N  NH2 . ARG A 1 115 ? 8.680   -4.327  -6.397  1.00 16.48 ? 115 ARG A NH2 1 
ATOM   876  N  N   . CYS A 1 116 ? 11.605  2.101   -2.719  1.00 8.44  ? 116 CYS A N   1 
ATOM   877  C  CA  . CYS A 1 116 ? 12.729  3.038   -2.673  1.00 9.32  ? 116 CYS A CA  1 
ATOM   878  C  C   . CYS A 1 116 ? 14.006  2.179   -2.581  1.00 9.34  ? 116 CYS A C   1 
ATOM   879  O  O   . CYS A 1 116 ? 13.984  0.963   -2.610  1.00 10.16 ? 116 CYS A O   1 
ATOM   880  C  CB  . CYS A 1 116 ? 12.594  4.029   -1.513  1.00 9.05  ? 116 CYS A CB  1 
ATOM   881  S  SG  . CYS A 1 116 ? 12.775  3.173   0.055   1.00 9.13  ? 116 CYS A SG  1 
ATOM   882  N  N   . GLN A 1 117 ? 15.132  2.875   -2.454  1.00 10.93 ? 117 GLN A N   1 
ATOM   883  C  CA  . GLN A 1 117 ? 16.411  2.154   -2.278  1.00 11.50 ? 117 GLN A CA  1 
ATOM   884  C  C   . GLN A 1 117 ? 16.428  1.251   -1.046  1.00 11.34 ? 117 GLN A C   1 
ATOM   885  O  O   . GLN A 1 117 ? 17.253  0.344   -0.999  1.00 14.19 ? 117 GLN A O   1 
ATOM   886  C  CB  . GLN A 1 117 ? 17.562  3.149   -2.234  1.00 12.99 ? 117 GLN A CB  1 
ATOM   887  C  CG  . GLN A 1 117 ? 17.569  3.979   -0.966  1.00 14.49 ? 117 GLN A CG  1 
ATOM   888  C  CD  . GLN A 1 117 ? 18.674  4.984   -0.832  1.00 20.14 ? 117 GLN A CD  1 
ATOM   889  O  OE1 . GLN A 1 117 ? 18.521  6.124   -1.259  1.00 24.48 ? 117 GLN A OE1 1 
ATOM   890  N  NE2 . GLN A 1 117 ? 19.785  4.504   -0.309  1.00 21.59 ? 117 GLN A NE2 1 
ATOM   891  N  N   . HIS A 1 118 ? 15.566  1.430   -0.069  1.00 10.50 ? 118 HIS A N   1 
ATOM   892  C  CA  . HIS A 1 118 ? 15.585  0.589   1.138   1.00 10.05 ? 118 HIS A CA  1 
ATOM   893  C  C   . HIS A 1 118 ? 14.623  -0.589  1.054   1.00 10.76 ? 118 HIS A C   1 
ATOM   894  O  O   . HIS A 1 118 ? 14.583  -1.369  2.000   1.00 12.16 ? 118 HIS A O   1 
ATOM   895  C  CB  . HIS A 1 118 ? 15.263  1.467   2.338   1.00 9.72  ? 118 HIS A CB  1 
ATOM   896  C  CG  . HIS A 1 118 ? 16.158  2.642   2.464   1.00 10.25 ? 118 HIS A CG  1 
ATOM   897  N  ND1 . HIS A 1 118 ? 15.806  3.911   2.010   1.00 10.11 ? 118 HIS A ND1 1 
ATOM   898  C  CD2 . HIS A 1 118 ? 17.417  2.724   2.953   1.00 12.44 ? 118 HIS A CD2 1 
ATOM   899  C  CE1 . HIS A 1 118 ? 16.817  4.751   2.302   1.00 11.27 ? 118 HIS A CE1 1 
ATOM   900  N  NE2 . HIS A 1 118 ? 17.794  4.022   2.894   1.00 13.06 ? 118 HIS A NE2 1 
ATOM   901  N  N   . GLY A 1 119 ? 13.749  -0.671  0.038   1.00 10.25 ? 119 GLY A N   1 
ATOM   902  C  CA  . GLY A 1 119 ? 12.773  -1.756  -0.097  1.00 9.63  ? 119 GLY A CA  1 
ATOM   903  C  C   . GLY A 1 119 ? 11.395  -1.192  -0.290  1.00 8.76  ? 119 GLY A C   1 
ATOM   904  O  O   . GLY A 1 119 ? 11.208  -0.131  -0.890  1.00 8.94  ? 119 GLY A O   1 
ATOM   905  N  N   . VAL A 1 120 ? 10.401  -1.982  0.084   1.00 8.88  ? 120 VAL A N   1 
ATOM   906  C  CA  . VAL A 1 120 ? 8.983   -1.643  -0.169  1.00 8.74  ? 120 VAL A CA  1 
ATOM   907  C  C   . VAL A 1 120 ? 8.542   -0.540  0.780   1.00 8.46  ? 120 VAL A C   1 
ATOM   908  O  O   . VAL A 1 120 ? 8.658   -0.699  2.024   1.00 9.00  ? 120 VAL A O   1 
ATOM   909  C  CB  . VAL A 1 120 ? 8.137   -2.915  -0.046  1.00 9.30  ? 120 VAL A CB  1 
ATOM   910  C  CG1 . VAL A 1 120 ? 6.665   -2.543  -0.175  1.00 9.40  ? 120 VAL A CG1 1 
ATOM   911  C  CG2 . VAL A 1 120 ? 8.539   -3.960  -1.077  1.00 10.03 ? 120 VAL A CG2 1 
ATOM   912  N  N   . VAL A 1 121 ? 7.971   0.495   0.219   1.00 8.28  ? 121 VAL A N   1 
ATOM   913  C  CA  . VAL A 1 121 ? 7.459   1.669   0.969   1.00 8.18  ? 121 VAL A CA  1 
ATOM   914  C  C   . VAL A 1 121 ? 5.979   1.499   1.291   1.00 8.48  ? 121 VAL A C   1 
ATOM   915  O  O   . VAL A 1 121 ? 5.508   1.875   2.367   1.00 8.90  ? 121 VAL A O   1 
ATOM   916  C  CB  . VAL A 1 121 ? 7.700   2.923   0.125   1.00 8.68  ? 121 VAL A CB  1 
ATOM   917  C  CG1 . VAL A 1 121 ? 7.087   4.149   0.786   1.00 8.65  ? 121 VAL A CG1 1 
ATOM   918  C  CG2 . VAL A 1 121 ? 9.196   3.147   -0.123  1.00 10.12 ? 121 VAL A CG2 1 
ATOM   919  N  N   . GLY A 1 122 ? 5.236   0.977   0.323   1.00 8.62  ? 122 GLY A N   1 
ATOM   920  C  CA  . GLY A 1 122 ? 3.780   0.878   0.472   1.00 9.06  ? 122 GLY A CA  1 
ATOM   921  C  C   . GLY A 1 122 ? 3.129   0.299   -0.753  1.00 8.24  ? 122 GLY A C   1 
ATOM   922  O  O   . GLY A 1 122 ? 3.854   -0.170  -1.664  1.00 8.77  ? 122 GLY A O   1 
ATOM   923  N  N   . ILE A 1 123 ? 1.809   0.330   -0.778  1.00 7.95  ? 123 ILE A N   1 
ATOM   924  C  CA  . ILE A 1 123 ? 1.063   -0.214  -1.916  1.00 7.97  ? 123 ILE A CA  1 
ATOM   925  C  C   . ILE A 1 123 ? 0.068   0.833   -2.401  1.00 7.50  ? 123 ILE A C   1 
ATOM   926  O  O   . ILE A 1 123 ? -0.476  1.622   -1.616  1.00 7.96  ? 123 ILE A O   1 
ATOM   927  C  CB  . ILE A 1 123 ? 0.337   -1.550  -1.653  1.00 8.53  ? 123 ILE A CB  1 
ATOM   928  C  CG1 . ILE A 1 123 ? -0.506  -1.489  -0.360  1.00 9.21  ? 123 ILE A CG1 1 
ATOM   929  C  CG2 . ILE A 1 123 ? 1.350   -2.687  -1.646  1.00 9.46  ? 123 ILE A CG2 1 
ATOM   930  C  CD1 . ILE A 1 123 ? -1.403  -2.696  -0.133  1.00 9.94  ? 123 ILE A CD1 1 
ATOM   931  N  N   . VAL A 1 124 ? -0.240  0.819   -3.696  1.00 7.44  ? 124 VAL A N   1 
ATOM   932  C  CA  . VAL A 1 124 ? -1.258  1.708   -4.264  1.00 7.90  ? 124 VAL A CA  1 
ATOM   933  C  C   . VAL A 1 124 ? -2.550  1.475   -3.503  1.00 7.87  ? 124 VAL A C   1 
ATOM   934  O  O   . VAL A 1 124 ? -3.013  0.310   -3.354  1.00 8.16  ? 124 VAL A O   1 
ATOM   935  C  CB  . VAL A 1 124 ? -1.461  1.482   -5.762  1.00 7.72  ? 124 VAL A CB  1 
ATOM   936  C  CG1 . VAL A 1 124 ? -2.587  2.303   -6.289  1.00 7.81  ? 124 VAL A CG1 1 
ATOM   937  C  CG2 . VAL A 1 124 ? -0.177  1.800   -6.516  1.00 7.95  ? 124 VAL A CG2 1 
ATOM   938  N  N   . SER A 1 125 ? -3.210  2.569   -3.120  1.00 7.36  ? 125 SER A N   1 
ATOM   939  C  CA  . SER A 1 125 ? -4.497  2.547   -2.428  1.00 8.41  ? 125 SER A CA  1 
ATOM   940  C  C   . SER A 1 125 ? -5.505  3.541   -2.984  1.00 8.57  ? 125 SER A C   1 
ATOM   941  O  O   . SER A 1 125 ? -6.716  3.280   -2.766  1.00 9.76  ? 125 SER A O   1 
ATOM   942  C  CB  . SER A 1 125 ? -4.239  2.754   -0.958  1.00 8.57  ? 125 SER A CB  1 
ATOM   943  O  OG  . SER A 1 125 ? -5.456  2.793   -0.197  1.00 10.13 ? 125 SER A OG  1 
ATOM   944  N  N   . THR A 1 126 ? -5.095  4.647   -3.578  1.00 8.63  ? 126 THR A N   1 
ATOM   945  C  CA  . THR A 1 126 ? -6.034  5.661   -4.063  1.00 8.10  ? 126 THR A CA  1 
ATOM   946  C  C   . THR A 1 126 ? -5.643  6.120   -5.452  1.00 8.43  ? 126 THR A C   1 
ATOM   947  O  O   . THR A 1 126 ? -4.501  5.894   -5.891  1.00 8.07  ? 126 THR A O   1 
ATOM   948  C  CB  . THR A 1 126 ? -6.193  6.901   -3.147  1.00 9.09  ? 126 THR A CB  1 
ATOM   949  O  OG1 . THR A 1 126 ? -5.069  7.750   -3.316  1.00 9.18  ? 126 THR A OG1 1 
ATOM   950  C  CG2 . THR A 1 126 ? -6.360  6.524   -1.691  1.00 9.38  ? 126 THR A CG2 1 
ATOM   951  N  N   . GLY A 1 127 ? -6.579  6.768   -6.124  1.00 8.34  ? 127 GLY A N   1 
ATOM   952  C  CA  . GLY A 1 127 ? -6.311  7.313   -7.433  1.00 9.31  ? 127 GLY A CA  1 
ATOM   953  C  C   . GLY A 1 127 ? -7.296  8.392   -7.784  1.00 10.12 ? 127 GLY A C   1 
ATOM   954  O  O   . GLY A 1 127 ? -8.001  8.909   -6.910  1.00 12.30 ? 127 GLY A O   1 
ATOM   955  N  N   . GLY A 1 128 ? -7.305  8.803   -9.034  1.00 11.33 ? 128 GLY A N   1 
ATOM   956  C  CA  . GLY A 1 128 ? -8.158  9.872   -9.569  1.00 12.12 ? 128 GLY A CA  1 
ATOM   957  C  C   . GLY A 1 128 ? -7.488  11.206  -9.558  1.00 12.27 ? 128 GLY A C   1 
ATOM   958  O  O   . GLY A 1 128 ? -6.563  11.500  -8.796  1.00 11.81 ? 128 GLY A O   1 
ATOM   959  N  N   . ASN A 1 129 ? -7.996  12.102  -10.406 1.00 13.08 ? 129 ASN A N   1 
ATOM   960  C  CA  . ASN A 1 129 ? -7.519  13.517  -10.480 1.00 13.79 ? 129 ASN A CA  1 
ATOM   961  C  C   . ASN A 1 129 ? -6.015  13.619  -10.659 1.00 11.41 ? 129 ASN A C   1 
ATOM   962  O  O   . ASN A 1 129 ? -5.388  14.555  -10.139 1.00 11.93 ? 129 ASN A O   1 
ATOM   963  C  CB  . ASN A 1 129 ? -7.971  14.382  -9.311  1.00 16.12 ? 129 ASN A CB  1 
ATOM   964  C  CG  . ASN A 1 129 ? -9.438  14.729  -9.300  1.00 21.92 ? 129 ASN A CG  1 
ATOM   965  O  OD1 . ASN A 1 129 ? -10.017 15.020  -10.355 1.00 24.77 ? 129 ASN A OD1 1 
ATOM   966  N  ND2 . ASN A 1 129 ? -10.025 14.678  -8.108  1.00 24.39 ? 129 ASN A ND2 1 
ATOM   967  N  N   . GLY A 1 130 ? -5.448  12.674  -11.390 1.00 11.28 ? 130 GLY A N   1 
ATOM   968  C  CA  . GLY A 1 130 ? -4.029  12.735  -11.748 1.00 10.39 ? 130 GLY A CA  1 
ATOM   969  C  C   . GLY A 1 130 ? -3.068  12.432  -10.598 1.00 9.54  ? 130 GLY A C   1 
ATOM   970  O  O   . GLY A 1 130 ? -1.905  12.653  -10.802 1.00 9.60  ? 130 GLY A O   1 
ATOM   971  N  N   . LEU A 1 131 ? -3.561  11.895  -9.494  1.00 9.48  ? 131 LEU A N   1 
ATOM   972  C  CA  . LEU A 1 131 ? -2.724  11.465  -8.379  1.00 9.64  ? 131 LEU A CA  1 
ATOM   973  C  C   . LEU A 1 131 ? -2.804  9.957   -8.197  1.00 9.28  ? 131 LEU A C   1 
ATOM   974  O  O   . LEU A 1 131 ? -3.801  9.310   -8.546  1.00 10.46 ? 131 LEU A O   1 
ATOM   975  C  CB  . LEU A 1 131 ? -3.057  12.148  -7.065  1.00 10.69 ? 131 LEU A CB  1 
ATOM   976  C  CG  . LEU A 1 131 ? -3.101  13.676  -7.063  1.00 10.90 ? 131 LEU A CG  1 
ATOM   977  C  CD1 . LEU A 1 131 ? -3.288  14.171  -5.621  1.00 11.61 ? 131 LEU A CD1 1 
ATOM   978  C  CD2 . LEU A 1 131 ? -1.817  14.275  -7.637  1.00 11.02 ? 131 LEU A CD2 1 
ATOM   979  N  N   . VAL A 1 132 ? -1.766  9.414   -7.595  1.00 9.09  ? 132 VAL A N   1 
ATOM   980  C  CA  . VAL A 1 132 ? -1.752  8.033   -7.065  1.00 8.43  ? 132 VAL A CA  1 
ATOM   981  C  C   . VAL A 1 132 ? -1.429  8.151   -5.585  1.00 8.64  ? 132 VAL A C   1 
ATOM   982  O  O   . VAL A 1 132 ? -0.497  8.877   -5.172  1.00 8.58  ? 132 VAL A O   1 
ATOM   983  C  CB  . VAL A 1 132 ? -0.751  7.172   -7.827  1.00 9.37  ? 132 VAL A CB  1 
ATOM   984  C  CG1 . VAL A 1 132 ? 0.640   7.759   -7.993  1.00 11.06 ? 132 VAL A CG1 1 
ATOM   985  C  CG2 . VAL A 1 132 ? -0.697  5.772   -7.246  1.00 9.75  ? 132 VAL A CG2 1 
ATOM   986  N  N   . GLY A 1 133 ? -2.232  7.494   -4.751  1.00 7.85  ? 133 GLY A N   1 
ATOM   987  C  CA  . GLY A 1 133 ? -2.021  7.439   -3.319  1.00 8.31  ? 133 GLY A CA  1 
ATOM   988  C  C   . GLY A 1 133 ? -1.559  6.082   -2.884  1.00 7.23  ? 133 GLY A C   1 
ATOM   989  O  O   . GLY A 1 133 ? -2.075  5.081   -3.395  1.00 8.09  ? 133 GLY A O   1 
ATOM   990  N  N   . PHE A 1 134 ? -0.626  6.048   -1.955  1.00 7.74  ? 134 PHE A N   1 
ATOM   991  C  CA  . PHE A 1 134 ? 0.003   4.832   -1.444  1.00 7.65  ? 134 PHE A CA  1 
ATOM   992  C  C   . PHE A 1 134 ? -0.190  4.710   0.051   1.00 7.34  ? 134 PHE A C   1 
ATOM   993  O  O   . PHE A 1 134 ? 0.028   5.682   0.780   1.00 8.07  ? 134 PHE A O   1 
ATOM   994  C  CB  . PHE A 1 134 ? 1.501   4.802   -1.736  1.00 8.13  ? 134 PHE A CB  1 
ATOM   995  C  CG  . PHE A 1 134 ? 1.878   5.107   -3.149  1.00 8.36  ? 134 PHE A CG  1 
ATOM   996  C  CD1 . PHE A 1 134 ? 1.894   4.095   -4.087  1.00 8.06  ? 134 PHE A CD1 1 
ATOM   997  C  CD2 . PHE A 1 134 ? 2.209   6.399   -3.538  1.00 8.74  ? 134 PHE A CD2 1 
ATOM   998  C  CE1 . PHE A 1 134 ? 2.262   4.391   -5.390  1.00 9.04  ? 134 PHE A CE1 1 
ATOM   999  C  CE2 . PHE A 1 134 ? 2.612   6.680   -4.839  1.00 8.93  ? 134 PHE A CE2 1 
ATOM   1000 C  CZ  . PHE A 1 134 ? 2.628   5.668   -5.763  1.00 9.10  ? 134 PHE A CZ  1 
ATOM   1001 N  N   . ALA A 1 135 ? -0.647  3.533   0.496   1.00 7.84  ? 135 ALA A N   1 
ATOM   1002 C  CA  . ALA A 1 135 ? -0.704  3.210   1.926   1.00 7.42  ? 135 ALA A CA  1 
ATOM   1003 C  C   . ALA A 1 135 ? 0.705   2.857   2.384   1.00 7.48  ? 135 ALA A C   1 
ATOM   1004 O  O   . ALA A 1 135 ? 1.279   1.867   1.955   1.00 8.20  ? 135 ALA A O   1 
ATOM   1005 C  CB  . ALA A 1 135 ? -1.659  2.073   2.118   1.00 8.38  ? 135 ALA A CB  1 
ATOM   1006 N  N   . ASP A 1 136 ? 1.227   3.684   3.287   1.00 7.64  ? 136 ASP A N   1 
ATOM   1007 C  CA  . ASP A 1 136 ? 2.571   3.446   3.835   1.00 7.77  ? 136 ASP A CA  1 
ATOM   1008 C  C   . ASP A 1 136 ? 2.587   2.177   4.685   1.00 7.90  ? 136 ASP A C   1 
ATOM   1009 O  O   . ASP A 1 136 ? 1.606   1.896   5.395   1.00 8.80  ? 136 ASP A O   1 
ATOM   1010 C  CB  . ASP A 1 136 ? 2.988   4.620   4.713   1.00 8.50  ? 136 ASP A CB  1 
ATOM   1011 C  CG  . ASP A 1 136 ? 4.390   4.509   5.246   1.00 9.34  ? 136 ASP A CG  1 
ATOM   1012 O  OD1 . ASP A 1 136 ? 5.312   4.302   4.485   1.00 9.80  ? 136 ASP A OD1 1 
ATOM   1013 O  OD2 . ASP A 1 136 ? 4.533   4.579   6.498   1.00 11.55 ? 136 ASP A OD2 1 
ATOM   1014 N  N   . VAL A 1 137 ? 3.697   1.469   4.692   1.00 7.60  ? 137 VAL A N   1 
ATOM   1015 C  CA  . VAL A 1 137 ? 3.917   0.336   5.620   1.00 8.24  ? 137 VAL A CA  1 
ATOM   1016 C  C   . VAL A 1 137 ? 5.229   0.495   6.391   1.00 8.32  ? 137 VAL A C   1 
ATOM   1017 O  O   . VAL A 1 137 ? 5.560   -0.385  7.201   1.00 8.70  ? 137 VAL A O   1 
ATOM   1018 C  CB  . VAL A 1 137 ? 3.881   -1.010  4.893   1.00 8.76  ? 137 VAL A CB  1 
ATOM   1019 C  CG1 . VAL A 1 137 ? 2.530   -1.257  4.251   1.00 9.65  ? 137 VAL A CG1 1 
ATOM   1020 C  CG2 . VAL A 1 137 ? 4.977   -1.152  3.861   1.00 9.44  ? 137 VAL A CG2 1 
ATOM   1021 N  N   . ARG A 1 138 ? 5.960   1.576   6.211   1.00 9.02  ? 138 ARG A N   1 
ATOM   1022 C  CA  . ARG A 1 138 ? 7.304   1.695   6.823   1.00 9.12  ? 138 ARG A CA  1 
ATOM   1023 C  C   . ARG A 1 138 ? 7.251   1.864   8.326   1.00 9.31  ? 138 ARG A C   1 
ATOM   1024 O  O   . ARG A 1 138 ? 8.292   1.633   8.975   1.00 10.24 ? 138 ARG A O   1 
ATOM   1025 C  CB  . ARG A 1 138 ? 8.082   2.823   6.179   1.00 8.56  ? 138 ARG A CB  1 
ATOM   1026 C  CG  . ARG A 1 138 ? 8.361   2.629   4.692   1.00 8.31  ? 138 ARG A CG  1 
ATOM   1027 C  CD  . ARG A 1 138 ? 9.041   3.876   4.164   1.00 8.61  ? 138 ARG A CD  1 
ATOM   1028 N  NE  . ARG A 1 138 ? 8.091   4.955   4.136   1.00 8.57  ? 138 ARG A NE  1 
ATOM   1029 C  CZ  . ARG A 1 138 ? 8.327   6.161   3.641   1.00 8.22  ? 138 ARG A CZ  1 
ATOM   1030 N  NH1 . ARG A 1 138 ? 9.569   6.491   3.297   1.00 8.60  ? 138 ARG A NH1 1 
ATOM   1031 N  NH2 . ARG A 1 138 ? 7.340   7.022   3.477   1.00 8.47  ? 138 ARG A NH2 1 
ATOM   1032 N  N   . ASP A 1 139 ? 6.142   2.292   8.831   1.00 9.33  ? 139 ASP A N   1 
ATOM   1033 C  CA  . ASP A 1 139 ? 5.976   2.403   10.303  1.00 10.20 ? 139 ASP A CA  1 
ATOM   1034 C  C   . ASP A 1 139 ? 5.619   1.072   10.945  1.00 10.29 ? 139 ASP A C   1 
ATOM   1035 O  O   . ASP A 1 139 ? 5.627   1.016   12.205  1.00 12.91 ? 139 ASP A O   1 
ATOM   1036 C  CB  . ASP A 1 139 ? 4.943   3.447   10.655  1.00 11.54 ? 139 ASP A CB  1 
ATOM   1037 C  CG  . ASP A 1 139 ? 3.564   3.068   10.218  1.00 11.35 ? 139 ASP A CG  1 
ATOM   1038 O  OD1 . ASP A 1 139 ? 3.418   2.504   9.096   1.00 11.43 ? 139 ASP A OD1 1 
ATOM   1039 O  OD2 . ASP A 1 139 ? 2.594   3.371   10.966  1.00 13.17 ? 139 ASP A OD2 1 
ATOM   1040 N  N   . LEU A 1 140 ? 5.308   0.031   10.185  1.00 9.60  ? 140 LEU A N   1 
ATOM   1041 C  CA  . LEU A 1 140 ? 4.842   -1.249  10.754  1.00 9.94  ? 140 LEU A CA  1 
ATOM   1042 C  C   . LEU A 1 140 ? 6.064   -2.124  10.997  1.00 10.12 ? 140 LEU A C   1 
ATOM   1043 O  O   . LEU A 1 140 ? 6.359   -3.074  10.300  1.00 10.70 ? 140 LEU A O   1 
ATOM   1044 C  CB  . LEU A 1 140 ? 3.837   -1.879  9.780   1.00 9.92  ? 140 LEU A CB  1 
ATOM   1045 C  CG  . LEU A 1 140 ? 2.610   -1.044  9.429   1.00 11.27 ? 140 LEU A CG  1 
ATOM   1046 C  CD1 . LEU A 1 140 ? 1.785   -1.774  8.392   1.00 11.11 ? 140 LEU A CD1 1 
ATOM   1047 C  CD2 . LEU A 1 140 ? 1.787   -0.728  10.674  1.00 12.20 ? 140 LEU A CD2 1 
ATOM   1048 N  N   . LEU A 1 141 ? 6.810   -1.772  12.065  1.00 10.42 ? 141 LEU A N   1 
ATOM   1049 C  CA  . LEU A 1 141 ? 8.135   -2.402  12.296  1.00 11.46 ? 141 LEU A CA  1 
ATOM   1050 C  C   . LEU A 1 141 ? 8.004   -3.892  12.597  1.00 11.94 ? 141 LEU A C   1 
ATOM   1051 O  O   . LEU A 1 141 ? 8.897   -4.662  12.326  1.00 13.61 ? 141 LEU A O   1 
ATOM   1052 C  CB  . LEU A 1 141 ? 8.917   -1.742  13.443  1.00 12.45 ? 141 LEU A CB  1 
ATOM   1053 C  CG  . LEU A 1 141 ? 9.077   -0.228  13.389  1.00 15.86 ? 141 LEU A CG  1 
ATOM   1054 C  CD1 . LEU A 1 141 ? 10.128  0.191   14.393  1.00 16.56 ? 141 LEU A CD1 1 
ATOM   1055 C  CD2 . LEU A 1 141 ? 9.468   0.350   12.039  1.00 14.40 ? 141 LEU A CD2 1 
ATOM   1056 N  N   . TRP A 1 142 ? 6.847   -4.290  13.146  1.00 11.71 ? 142 TRP A N   1 
ATOM   1057 C  CA  . TRP A 1 142 ? 6.594   -5.706  13.505  1.00 12.78 ? 142 TRP A CA  1 
ATOM   1058 C  C   . TRP A 1 142 ? 6.548   -6.600  12.271  1.00 12.87 ? 142 TRP A C   1 
ATOM   1059 O  O   . TRP A 1 142 ? 6.691   -7.837  12.442  1.00 14.57 ? 142 TRP A O   1 
ATOM   1060 C  CB  . TRP A 1 142 ? 5.317   -5.787  14.352  1.00 12.28 ? 142 TRP A CB  1 
ATOM   1061 C  CG  . TRP A 1 142 ? 4.108   -5.170  13.702  1.00 11.81 ? 142 TRP A CG  1 
ATOM   1062 C  CD1 . TRP A 1 142 ? 3.602   -3.942  13.935  1.00 13.68 ? 142 TRP A CD1 1 
ATOM   1063 C  CD2 . TRP A 1 142 ? 3.259   -5.788  12.731  1.00 12.42 ? 142 TRP A CD2 1 
ATOM   1064 N  NE1 . TRP A 1 142 ? 2.489   -3.725  13.157  1.00 13.35 ? 142 TRP A NE1 1 
ATOM   1065 C  CE2 . TRP A 1 142 ? 2.231   -4.865  12.449  1.00 12.31 ? 142 TRP A CE2 1 
ATOM   1066 C  CE3 . TRP A 1 142 ? 3.210   -7.058  12.172  1.00 13.82 ? 142 TRP A CE3 1 
ATOM   1067 C  CZ2 . TRP A 1 142 ? 1.225   -5.161  11.526  1.00 13.72 ? 142 TRP A CZ2 1 
ATOM   1068 C  CZ3 . TRP A 1 142 ? 2.219   -7.354  11.257  1.00 13.59 ? 142 TRP A CZ3 1 
ATOM   1069 C  CH2 . TRP A 1 142 ? 1.238   -6.414  10.959  1.00 13.93 ? 142 TRP A CH2 1 
ATOM   1070 N  N   . LEU A 1 143 ? 6.397   -6.053  11.064  1.00 12.26 ? 143 LEU A N   1 
ATOM   1071 C  CA  . LEU A 1 143 ? 6.411   -6.926  9.877   1.00 12.29 ? 143 LEU A CA  1 
ATOM   1072 C  C   . LEU A 1 143 ? 7.784   -7.626  9.726   1.00 14.21 ? 143 LEU A C   1 
ATOM   1073 O  O   . LEU A 1 143 ? 7.864   -8.621  8.982   1.00 15.27 ? 143 LEU A O   1 
ATOM   1074 C  CB  . LEU A 1 143 ? 6.154   -6.096  8.622   1.00 12.06 ? 143 LEU A CB  1 
ATOM   1075 C  CG  . LEU A 1 143 ? 4.717   -5.617  8.416   1.00 10.93 ? 143 LEU A CG  1 
ATOM   1076 C  CD1 . LEU A 1 143 ? 4.647   -4.625  7.280   1.00 11.92 ? 143 LEU A CD1 1 
ATOM   1077 C  CD2 . LEU A 1 143 ? 3.795   -6.792  8.096   1.00 12.58 ? 143 LEU A CD2 1 
ATOM   1078 N  N   . ASP A 1 144 ? 8.836   -7.061  10.336  1.00 14.70 ? 144 ASP A N   1 
ATOM   1079 C  CA  . ASP A 1 144 ? 10.225  -7.547  10.123  1.00 17.01 ? 144 ASP A CA  1 
ATOM   1080 C  C   . ASP A 1 144 ? 10.547  -8.731  11.015  1.00 19.66 ? 144 ASP A C   1 
ATOM   1081 O  O   . ASP A 1 144 ? 11.631  -9.311  10.783  1.00 20.93 ? 144 ASP A O   1 
ATOM   1082 C  CB  . ASP A 1 144 ? 11.258  -6.461  10.386  1.00 16.10 ? 144 ASP A CB  1 
ATOM   1083 C  CG  . ASP A 1 144 ? 11.185  -5.309  9.423   1.00 14.42 ? 144 ASP A CG  1 
ATOM   1084 O  OD1 . ASP A 1 144 ? 10.493  -5.445  8.384   1.00 17.28 ? 144 ASP A OD1 1 
ATOM   1085 O  OD2 . ASP A 1 144 ? 11.742  -4.239  9.765   1.00 18.51 ? 144 ASP A OD2 1 
ATOM   1086 N  N   . GLU A 1 145 ? 9.656   -9.130  11.915  1.00 22.63 ? 145 GLU A N   1 
ATOM   1087 C  CA  . GLU A 1 145 ? 9.912   -10.279 12.823  1.00 28.70 ? 145 GLU A CA  1 
ATOM   1088 C  C   . GLU A 1 145 ? 8.667   -11.146 13.022  1.00 28.92 ? 145 GLU A C   1 
ATOM   1089 O  O   . GLU A 1 145 ? 7.564   -10.700 12.670  1.00 24.24 ? 145 GLU A O   1 
ATOM   1090 C  CB  . GLU A 1 145 ? 10.347  -9.724  14.172  1.00 34.02 ? 145 GLU A CB  1 
ATOM   1091 C  CG  . GLU A 1 145 ? 9.219   -9.010  14.912  1.00 37.31 ? 145 GLU A CG  1 
ATOM   1092 C  CD  . GLU A 1 145 ? 9.591   -7.690  15.566  1.00 44.72 ? 145 GLU A CD  1 
ATOM   1093 O  OE1 . GLU A 1 145 ? 8.686   -7.033  16.149  1.00 48.89 ? 145 GLU A OE1 1 
ATOM   1094 O  OE2 . GLU A 1 145 ? 10.773  -7.320  15.491  1.00 53.80 ? 145 GLU A OE2 1 
ATOM   1095 N  N   . GLU A 1 146 ? 8.873   -12.333 13.604  1.00 33.42 ? 146 GLU A N   1 
ATOM   1096 C  CA  . GLU A 1 146 ? 7.858   -13.115 14.369  1.00 41.49 ? 146 GLU A CA  1 
ATOM   1097 C  C   . GLU A 1 146 ? 6.808   -13.677 13.410  1.00 51.67 ? 146 GLU A C   1 
ATOM   1098 O  O   . GLU A 1 146 ? 5.954   -14.485 13.795  1.00 61.02 ? 146 GLU A O   1 
ATOM   1099 C  CB  . GLU A 1 146 ? 7.282   -12.226 15.477  1.00 41.29 ? 146 GLU A CB  1 
ATOM   1100 C  CG  . GLU A 1 146 ? 5.776   -12.326 15.671  1.00 48.30 ? 146 GLU A CG  1 
ATOM   1101 C  CD  . GLU A 1 146 ? 5.255   -13.365 16.654  1.00 54.88 ? 146 GLU A CD  1 
ATOM   1102 O  OE1 . GLU A 1 146 ? 4.018   -13.434 16.818  1.00 52.60 ? 146 GLU A OE1 1 
ATOM   1103 O  OE2 . GLU A 1 146 ? 6.074   -14.093 17.268  1.00 58.54 ? 146 GLU A OE2 1 
HETATM 1104 N  N1  . WHY B 2 .   ? -17.953 0.040   0.257   0.50 20.00 ? 201 WHY A N1  1 
HETATM 1105 C  C4  . WHY B 2 .   ? -17.897 2.827   -3.636  0.50 20.00 ? 201 WHY A C4  1 
HETATM 1106 C  C5  . WHY B 2 .   ? -17.742 1.751   -2.771  0.50 20.00 ? 201 WHY A C5  1 
HETATM 1107 C  C6  . WHY B 2 .   ? -18.271 1.818   -1.519  0.50 20.00 ? 201 WHY A C6  1 
HETATM 1108 C  C7  . WHY B 2 .   ? -18.084 0.798   -0.552  0.50 20.00 ? 201 WHY A C7  1 
HETATM 1109 C  C8  . WHY B 2 .   ? -18.949 2.947   -1.143  0.50 20.00 ? 201 WHY A C8  1 
HETATM 1110 N  N   . WHY B 2 .   ? -19.988 4.627   -5.275  0.50 20.00 ? 201 WHY A N   1 
HETATM 1111 C  C   . WHY B 2 .   ? -19.986 3.216   -5.492  0.50 20.00 ? 201 WHY A C   1 
HETATM 1112 C  C1  . WHY B 2 .   ? -21.312 5.034   -4.828  0.50 20.00 ? 201 WHY A C1  1 
HETATM 1113 C  C2  . WHY B 2 .   ? -18.959 5.031   -4.278  0.50 20.00 ? 201 WHY A C2  1 
HETATM 1114 C  C3  . WHY B 2 .   ? -18.645 3.950   -3.279  0.50 20.00 ? 201 WHY A C3  1 
HETATM 1115 C  C9  . WHY B 2 .   ? -19.169 3.990   -2.010  0.50 20.00 ? 201 WHY A C9  1 
HETATM 1116 ZN ZN  . ZN  C 3 .   ? 13.924  4.580   1.475   1.00 9.05  ? 202 ZN  A ZN  1 
HETATM 1117 S  S   . DMS D 4 .   ? 15.509  -4.385  -0.821  1.00 26.81 ? 203 DMS A S   1 
HETATM 1118 O  O   . DMS D 4 .   ? 16.374  -5.595  -1.270  1.00 34.45 ? 203 DMS A O   1 
HETATM 1119 C  C1  . DMS D 4 .   ? 16.362  -2.984  -1.514  1.00 24.43 ? 203 DMS A C1  1 
HETATM 1120 C  C2  . DMS D 4 .   ? 14.144  -4.457  -1.897  1.00 20.47 ? 203 DMS A C2  1 
HETATM 1121 S  S   . DMS E 4 .   ? -9.238  1.677   12.030  1.00 23.55 ? 204 DMS A S   1 
HETATM 1122 O  O   . DMS E 4 .   ? -9.921  2.339   10.862  1.00 19.68 ? 204 DMS A O   1 
HETATM 1123 C  C1  . DMS E 4 .   ? -8.415  2.994   12.893  1.00 21.84 ? 204 DMS A C1  1 
HETATM 1124 C  C2  . DMS E 4 .   ? -10.528 1.340   13.225  1.00 23.15 ? 204 DMS A C2  1 
HETATM 1125 S  S   . DMS F 4 .   ? 3.964   -7.235  -11.892 1.00 50.08 ? 205 DMS A S   1 
HETATM 1126 O  O   . DMS F 4 .   ? 4.131   -7.477  -13.361 1.00 52.18 ? 205 DMS A O   1 
HETATM 1127 C  C1  . DMS F 4 .   ? 5.033   -8.418  -11.090 1.00 48.17 ? 205 DMS A C1  1 
HETATM 1128 C  C2  . DMS F 4 .   ? 4.937   -5.809  -11.582 1.00 34.61 ? 205 DMS A C2  1 
HETATM 1129 S  S   . DMS G 4 .   ? 2.858   12.341  -14.309 1.00 27.80 ? 206 DMS A S   1 
HETATM 1130 O  O   . DMS G 4 .   ? 1.406   11.933  -14.389 1.00 25.96 ? 206 DMS A O   1 
HETATM 1131 C  C1  . DMS G 4 .   ? 3.774   11.217  -15.325 1.00 25.95 ? 206 DMS A C1  1 
HETATM 1132 C  C2  . DMS G 4 .   ? 3.004   13.776  -15.300 1.00 25.43 ? 206 DMS A C2  1 
HETATM 1133 S  S   . SO4 H 5 .   ? -14.869 17.272  4.222   1.00 44.72 ? 207 SO4 A S   1 
HETATM 1134 O  O1  . SO4 H 5 .   ? -14.306 17.477  5.532   1.00 40.87 ? 207 SO4 A O1  1 
HETATM 1135 O  O2  . SO4 H 5 .   ? -13.818 17.117  3.255   1.00 38.53 ? 207 SO4 A O2  1 
HETATM 1136 O  O3  . SO4 H 5 .   ? -15.673 18.412  3.873   1.00 42.48 ? 207 SO4 A O3  1 
HETATM 1137 O  O4  . SO4 H 5 .   ? -15.693 16.096  4.226   1.00 44.43 ? 207 SO4 A O4  1 
HETATM 1138 O  O   . HOH I 6 .   ? -8.520  0.094   -14.557 1.00 30.42 ? 301 HOH A O   1 
HETATM 1139 O  O   . HOH I 6 .   ? 13.438  -18.204 4.571   1.00 43.86 ? 302 HOH A O   1 
HETATM 1140 O  O   . HOH I 6 .   ? -11.164 18.657  6.970   1.00 36.86 ? 303 HOH A O   1 
HETATM 1141 O  O   . HOH I 6 .   ? -8.659  10.623  -5.470  1.00 9.21  ? 304 HOH A O   1 
HETATM 1142 O  O   . HOH I 6 .   ? 1.028   1.780   -21.273 1.00 20.01 ? 305 HOH A O   1 
HETATM 1143 O  O   . HOH I 6 .   ? 5.317   -14.393 11.402  1.00 29.04 ? 306 HOH A O   1 
HETATM 1144 O  O   . HOH I 6 .   ? 2.777   15.167  4.705   1.00 31.63 ? 307 HOH A O   1 
HETATM 1145 O  O   . HOH I 6 .   ? -13.584 -0.203  5.520   1.00 26.22 ? 308 HOH A O   1 
HETATM 1146 O  O   . HOH I 6 .   ? 8.199   -11.883 -2.468  1.00 26.60 ? 309 HOH A O   1 
HETATM 1147 O  O   . HOH I 6 .   ? 5.002   -21.977 7.792   1.00 36.12 ? 310 HOH A O   1 
HETATM 1148 O  O   . HOH I 6 .   ? 13.286  12.347  2.792   1.00 41.54 ? 311 HOH A O   1 
HETATM 1149 O  O   . HOH I 6 .   ? -8.911  -5.646  14.033  1.00 19.98 ? 312 HOH A O   1 
HETATM 1150 O  O   . HOH I 6 .   ? -0.156  -6.212  -14.164 1.00 18.63 ? 313 HOH A O   1 
HETATM 1151 O  O   . HOH I 6 .   ? -4.661  -15.444 2.126   1.00 24.83 ? 314 HOH A O   1 
HETATM 1152 O  O   . HOH I 6 .   ? 11.778  -14.083 6.133   1.00 31.49 ? 315 HOH A O   1 
HETATM 1153 O  O   . HOH I 6 .   ? 3.197   -5.549  -16.584 1.00 28.74 ? 316 HOH A O   1 
HETATM 1154 O  O   . HOH I 6 .   ? 5.146   -8.836  -3.663  1.00 17.70 ? 317 HOH A O   1 
HETATM 1155 O  O   . HOH I 6 .   ? 1.820   4.073   -21.836 1.00 22.37 ? 318 HOH A O   1 
HETATM 1156 O  O   . HOH I 6 .   ? 3.058   5.854   -19.865 1.00 22.59 ? 319 HOH A O   1 
HETATM 1157 O  O   . HOH I 6 .   ? -12.437 -7.672  0.261   1.00 30.66 ? 320 HOH A O   1 
HETATM 1158 O  O   . HOH I 6 .   ? 13.660  -8.766  9.156   1.00 42.74 ? 321 HOH A O   1 
HETATM 1159 O  O   . HOH I 6 .   ? -2.445  -15.276 4.023   1.00 26.40 ? 322 HOH A O   1 
HETATM 1160 O  O   . HOH I 6 .   ? 4.535   -2.155  -20.772 1.00 27.34 ? 323 HOH A O   1 
HETATM 1161 O  O   . HOH I 6 .   ? 0.539   12.731  2.290   1.00 12.70 ? 324 HOH A O   1 
HETATM 1162 O  O   . HOH I 6 .   ? -4.211  -5.567  -2.452  1.00 11.24 ? 325 HOH A O   1 
HETATM 1163 O  O   . HOH I 6 .   ? -9.293  -1.898  -5.932  1.00 14.16 ? 326 HOH A O   1 
HETATM 1164 O  O   . HOH I 6 .   ? -8.402  -10.064 -3.732  1.00 22.01 ? 327 HOH A O   1 
HETATM 1165 O  O   . HOH I 6 .   ? -0.178  -11.877 -4.826  1.00 28.51 ? 328 HOH A O   1 
HETATM 1166 O  O   . HOH I 6 .   ? -16.341 12.218  -3.771  1.00 15.58 ? 329 HOH A O   1 
HETATM 1167 O  O   . HOH I 6 .   ? -4.635  8.936   -11.080 1.00 14.40 ? 330 HOH A O   1 
HETATM 1168 O  O   . HOH I 6 .   ? 2.894   5.885   8.213   1.00 14.52 ? 331 HOH A O   1 
HETATM 1169 O  O   . HOH I 6 .   ? 10.723  -6.903  -3.850  1.00 26.57 ? 332 HOH A O   1 
HETATM 1170 O  O   . HOH I 6 .   ? -4.310  9.750   -14.537 1.00 26.98 ? 333 HOH A O   1 
HETATM 1171 O  O   . HOH I 6 .   ? -13.533 3.189   8.248   1.00 23.54 ? 334 HOH A O   1 
HETATM 1172 O  O   . HOH I 6 .   ? -12.328 7.666   7.429   1.00 26.30 ? 335 HOH A O   1 
HETATM 1173 O  O   . HOH I 6 .   ? -10.447 -1.337  10.899  1.00 17.26 ? 336 HOH A O   1 
HETATM 1174 O  O   . HOH I 6 .   ? 8.774   -11.146 9.313   1.00 32.76 ? 337 HOH A O   1 
HETATM 1175 O  O   . HOH I 6 .   ? 6.310   9.681   -12.969 1.00 18.41 ? 338 HOH A O   1 
HETATM 1176 O  O   . HOH I 6 .   ? -15.214 10.799  -6.896  1.00 28.89 ? 339 HOH A O   1 
HETATM 1177 O  O   . HOH I 6 .   ? 16.864  -2.484  2.952   1.00 20.70 ? 340 HOH A O   1 
HETATM 1178 O  O   . HOH I 6 .   ? -8.470  15.518  -1.551  1.00 15.41 ? 341 HOH A O   1 
HETATM 1179 O  O   . HOH I 6 .   ? -1.849  -5.133  -15.880 1.00 19.26 ? 342 HOH A O   1 
HETATM 1180 O  O   . HOH I 6 .   ? 5.159   12.178  -11.508 1.00 16.67 ? 343 HOH A O   1 
HETATM 1181 O  O   . HOH I 6 .   ? 10.713  -11.370 3.303   1.00 14.68 ? 344 HOH A O   1 
HETATM 1182 O  O   . HOH I 6 .   ? 8.411   9.856   5.820   1.00 14.98 ? 345 HOH A O   1 
HETATM 1183 O  O   . HOH I 6 .   ? -6.579  -9.964  -2.672  1.00 30.60 ? 346 HOH A O   1 
HETATM 1184 O  O   . HOH I 6 .   ? 4.432   12.081  8.116   1.00 25.32 ? 347 HOH A O   1 
HETATM 1185 O  O   . HOH I 6 .   ? 13.878  -8.525  -0.489  1.00 16.88 ? 348 HOH A O   1 
HETATM 1186 O  O   . HOH I 6 .   ? 2.862   -10.179 14.388  1.00 30.56 ? 349 HOH A O   1 
HETATM 1187 O  O   . HOH I 6 .   ? -0.679  -1.352  -9.889  1.00 9.74  ? 350 HOH A O   1 
HETATM 1188 O  O   . HOH I 6 .   ? 9.045   -15.294 9.466   1.00 35.26 ? 351 HOH A O   1 
HETATM 1189 O  O   . HOH I 6 .   ? -0.616  -4.148  -9.429  1.00 14.62 ? 352 HOH A O   1 
HETATM 1190 O  O   . HOH I 6 .   ? 6.627   5.916   7.663   1.00 11.31 ? 353 HOH A O   1 
HETATM 1191 O  O   . HOH I 6 .   ? -14.852 -1.945  -0.579  1.00 19.91 ? 354 HOH A O   1 
HETATM 1192 O  O   . HOH I 6 .   ? 4.747   -15.670 1.299   1.00 15.14 ? 355 HOH A O   1 
HETATM 1193 O  O   . HOH I 6 .   ? 4.811   13.362  -7.766  1.00 9.40  ? 356 HOH A O   1 
HETATM 1194 O  O   . HOH I 6 .   ? -13.286 -10.807 1.870   1.00 19.30 ? 357 HOH A O   1 
HETATM 1195 O  O   . HOH I 6 .   ? -14.621 -13.982 5.786   1.00 16.56 ? 358 HOH A O   1 
HETATM 1196 O  O   . HOH I 6 .   ? -6.202  -15.276 -0.201  1.00 26.62 ? 359 HOH A O   1 
HETATM 1197 O  O   . HOH I 6 .   ? -10.408 16.481  -3.282  1.00 13.91 ? 360 HOH A O   1 
HETATM 1198 O  O   . HOH I 6 .   ? 11.838  -14.661 3.512   1.00 30.26 ? 361 HOH A O   1 
HETATM 1199 O  O   . HOH I 6 .   ? -19.097 1.132   -6.511  1.00 40.78 ? 362 HOH A O   1 
HETATM 1200 O  O   . HOH I 6 .   ? 14.463  -4.368  10.224  1.00 21.41 ? 363 HOH A O   1 
HETATM 1201 O  O   . HOH I 6 .   ? 13.226  11.361  9.818   1.00 24.92 ? 364 HOH A O   1 
HETATM 1202 O  O   . HOH I 6 .   ? -12.190 -6.881  3.407   1.00 19.66 ? 365 HOH A O   1 
HETATM 1203 O  O   . HOH I 6 .   ? -17.347 8.413   4.410   1.00 17.09 ? 366 HOH A O   1 
HETATM 1204 O  O   . HOH I 6 .   ? 5.245   -13.514 2.870   1.00 13.41 ? 367 HOH A O   1 
HETATM 1205 O  O   . HOH I 6 .   ? 11.513  -6.218  5.929   1.00 14.09 ? 368 HOH A O   1 
HETATM 1206 O  O   . HOH I 6 .   ? -3.201  4.407   3.773   1.00 12.89 ? 369 HOH A O   1 
HETATM 1207 O  O   . HOH I 6 .   ? -10.465 9.030   -4.982  1.00 13.24 ? 370 HOH A O   1 
HETATM 1208 O  O   . HOH I 6 .   ? -9.017  -14.885 11.870  1.00 21.45 ? 371 HOH A O   1 
HETATM 1209 O  O   . HOH I 6 .   ? -9.313  14.828  -5.429  1.00 13.98 ? 372 HOH A O   1 
HETATM 1210 O  O   . HOH I 6 .   ? -7.501  -17.010 12.774  1.00 23.75 ? 373 HOH A O   1 
HETATM 1211 O  O   . HOH I 6 .   ? 8.781   7.322   6.887   1.00 11.22 ? 374 HOH A O   1 
HETATM 1212 O  O   . HOH I 6 .   ? 7.269   -13.328 9.591   1.00 22.59 ? 375 HOH A O   1 
HETATM 1213 O  O   . HOH I 6 .   ? -9.893  -0.686  -12.290 1.00 19.14 ? 376 HOH A O   1 
HETATM 1214 O  O   . HOH I 6 .   ? -5.657  0.786   -19.197 1.00 10.43 ? 377 HOH A O   1 
HETATM 1215 O  O   . HOH I 6 .   ? -7.835  -1.246  13.474  1.00 43.83 ? 378 HOH A O   1 
HETATM 1216 O  O   . HOH I 6 .   ? -6.604  11.897  -6.030  1.00 12.84 ? 379 HOH A O   1 
HETATM 1217 O  O   . HOH I 6 .   ? 2.999   5.837   12.218  1.00 22.67 ? 380 HOH A O   1 
HETATM 1218 O  O   . HOH I 6 .   ? 9.428   11.394  -11.908 1.00 37.60 ? 381 HOH A O   1 
HETATM 1219 O  O   . HOH I 6 .   ? 9.262   -20.556 3.283   1.00 20.70 ? 382 HOH A O   1 
HETATM 1220 O  O   . HOH I 6 .   ? -7.456  -5.406  -8.563  1.00 19.80 ? 383 HOH A O   1 
HETATM 1221 O  O   . HOH I 6 .   ? 8.533   4.970   -16.540 1.00 20.60 ? 384 HOH A O   1 
HETATM 1222 O  O   . HOH I 6 .   ? -11.895 -2.288  3.593   1.00 15.66 ? 385 HOH A O   1 
HETATM 1223 O  O   . HOH I 6 .   ? 6.848   -6.029  18.005  1.00 42.97 ? 386 HOH A O   1 
HETATM 1224 O  O   . HOH I 6 .   ? 8.003   9.723   3.168   1.00 12.79 ? 387 HOH A O   1 
HETATM 1225 O  O   . HOH I 6 .   ? -4.935  4.519   11.806  1.00 35.20 ? 388 HOH A O   1 
HETATM 1226 O  O   . HOH I 6 .   ? -8.569  3.973   -0.780  1.00 12.48 ? 389 HOH A O   1 
HETATM 1227 O  O   . HOH I 6 .   ? -2.161  -10.583 15.567  1.00 27.94 ? 390 HOH A O   1 
HETATM 1228 O  O   . HOH I 6 .   ? -5.363  16.232  -7.890  1.00 13.21 ? 391 HOH A O   1 
HETATM 1229 O  O   . HOH I 6 .   ? 2.376   2.140   13.479  1.00 22.64 ? 392 HOH A O   1 
HETATM 1230 O  O   . HOH I 6 .   ? -13.154 4.799   -8.757  1.00 24.70 ? 393 HOH A O   1 
HETATM 1231 O  O   . HOH I 6 .   ? 14.440  0.339   -5.310  1.00 24.21 ? 394 HOH A O   1 
HETATM 1232 O  O   . HOH I 6 .   ? 2.247   -6.119  -5.375  1.00 15.96 ? 395 HOH A O   1 
HETATM 1233 O  O   . HOH I 6 .   ? 18.555  -0.589  -3.309  1.00 19.22 ? 396 HOH A O   1 
HETATM 1234 O  O   . HOH I 6 .   ? -1.097  12.918  -13.488 1.00 13.20 ? 397 HOH A O   1 
HETATM 1235 O  O   . HOH I 6 .   ? -13.691 -3.808  -2.488  1.00 29.95 ? 398 HOH A O   1 
HETATM 1236 O  O   . HOH I 6 .   ? -6.326  10.226  -3.801  1.00 13.05 ? 399 HOH A O   1 
HETATM 1237 O  O   . HOH I 6 .   ? -1.989  -9.548  -8.350  1.00 29.38 ? 400 HOH A O   1 
HETATM 1238 O  O   . HOH I 6 .   ? -12.732 -4.254  11.158  1.00 16.31 ? 401 HOH A O   1 
HETATM 1239 O  O   . HOH I 6 .   ? -1.345  -15.214 -1.943  1.00 30.99 ? 402 HOH A O   1 
HETATM 1240 O  O   . HOH I 6 .   ? 15.724  7.890   5.573   1.00 15.05 ? 403 HOH A O   1 
HETATM 1241 O  O   . HOH I 6 .   ? -10.175 11.356  -12.066 1.00 27.57 ? 404 HOH A O   1 
HETATM 1242 O  O   . HOH I 6 .   ? -1.629  9.668   8.957   1.00 16.01 ? 405 HOH A O   1 
HETATM 1243 O  O   . HOH I 6 .   ? -1.079  2.847   5.488   1.00 10.28 ? 406 HOH A O   1 
HETATM 1244 O  O   . HOH I 6 .   ? 8.208   -0.209  -16.506 1.00 22.27 ? 407 HOH A O   1 
HETATM 1245 O  O   . HOH I 6 .   ? -0.428  7.495   -18.263 1.00 19.58 ? 408 HOH A O   1 
HETATM 1246 O  O   . HOH I 6 .   ? -7.862  7.638   -12.401 1.00 26.05 ? 409 HOH A O   1 
HETATM 1247 O  O   . HOH I 6 .   ? -12.200 7.088   -1.111  1.00 12.10 ? 410 HOH A O   1 
HETATM 1248 O  O   . HOH I 6 .   ? -11.867 8.576   -7.281  1.00 19.87 ? 411 HOH A O   1 
HETATM 1249 O  O   . HOH I 6 .   ? -10.389 6.361   0.906   1.00 16.10 ? 412 HOH A O   1 
HETATM 1250 O  O   . HOH I 6 .   ? 5.450   15.514  3.008   1.00 16.63 ? 413 HOH A O   1 
HETATM 1251 O  O   . HOH I 6 .   ? 7.578   -1.025  -7.867  1.00 16.10 ? 414 HOH A O   1 
HETATM 1252 O  O   . HOH I 6 .   ? -6.803  12.541  -2.157  1.00 12.54 ? 415 HOH A O   1 
HETATM 1253 O  O   . HOH I 6 .   ? 15.875  0.518   5.777   1.00 12.26 ? 416 HOH A O   1 
HETATM 1254 O  O   . HOH I 6 .   ? 13.893  11.152  -0.586  1.00 22.13 ? 417 HOH A O   1 
HETATM 1255 O  O   . HOH I 6 .   ? -8.268  -20.190 9.950   1.00 23.34 ? 418 HOH A O   1 
HETATM 1256 O  O   . HOH I 6 .   ? -8.021  2.224   -18.409 1.00 12.80 ? 419 HOH A O   1 
HETATM 1257 O  O   . HOH I 6 .   ? -10.541 5.217   -2.546  1.00 12.82 ? 420 HOH A O   1 
HETATM 1258 O  O   . HOH I 6 .   ? 8.299   16.735  3.212   1.00 27.00 ? 421 HOH A O   1 
HETATM 1259 O  O   . HOH I 6 .   ? -10.322 -16.943 0.426   1.00 18.31 ? 422 HOH A O   1 
HETATM 1260 O  O   . HOH I 6 .   ? -3.560  -5.316  -10.941 1.00 22.12 ? 423 HOH A O   1 
HETATM 1261 O  O   . HOH I 6 .   ? 2.678   -14.921 10.336  1.00 23.83 ? 424 HOH A O   1 
HETATM 1262 O  O   . HOH I 6 .   ? 11.932  -20.299 3.441   1.00 14.70 ? 425 HOH A O   1 
HETATM 1263 O  O   . HOH I 6 .   ? -6.629  5.048   -18.455 1.00 15.81 ? 426 HOH A O   1 
HETATM 1264 O  O   . HOH I 6 .   ? 0.684   -1.639  14.043  1.00 25.84 ? 427 HOH A O   1 
HETATM 1265 O  O   . HOH I 6 .   ? -1.930  2.609   12.503  1.00 23.16 ? 428 HOH A O   1 
HETATM 1266 O  O   . HOH I 6 .   ? 19.671  6.019   3.853   1.00 31.38 ? 429 HOH A O   1 
HETATM 1267 O  O   . HOH I 6 .   ? 12.058  -5.817  -1.361  1.00 22.29 ? 430 HOH A O   1 
HETATM 1268 O  O   . HOH I 6 .   ? 7.308   -13.433 -2.320  1.00 17.35 ? 431 HOH A O   1 
HETATM 1269 O  O   . HOH I 6 .   ? -12.672 -14.159 -0.696  1.00 21.01 ? 432 HOH A O   1 
HETATM 1270 O  O   . HOH I 6 .   ? 3.717   9.012   -12.422 1.00 13.28 ? 433 HOH A O   1 
HETATM 1271 O  O   . HOH I 6 .   ? 12.023  8.509   -8.203  1.00 24.83 ? 434 HOH A O   1 
HETATM 1272 O  O   . HOH I 6 .   ? 8.187   -7.039  -5.425  1.00 20.74 ? 435 HOH A O   1 
HETATM 1273 O  O   . HOH I 6 .   ? -12.905 14.443  -7.628  1.00 33.97 ? 436 HOH A O   1 
HETATM 1274 O  O   . HOH I 6 .   ? 2.290   -19.222 1.571   1.00 20.85 ? 437 HOH A O   1 
HETATM 1275 O  O   . HOH I 6 .   ? -3.462  -10.147 -3.890  1.00 18.75 ? 438 HOH A O   1 
HETATM 1276 O  O   . HOH I 6 .   ? -4.870  -7.677  -4.177  1.00 14.04 ? 439 HOH A O   1 
HETATM 1277 O  O   . HOH I 6 .   ? -0.197  -19.131 2.881   1.00 24.08 ? 440 HOH A O   1 
HETATM 1278 O  O   . HOH I 6 .   ? -4.170  -6.816  15.319  1.00 34.80 ? 441 HOH A O   1 
HETATM 1279 O  O   . HOH I 6 .   ? -13.786 10.016  7.010   1.00 19.09 ? 442 HOH A O   1 
HETATM 1280 O  O   . HOH I 6 .   ? 1.885   7.580   -13.870 1.00 11.42 ? 443 HOH A O   1 
HETATM 1281 O  O   . HOH I 6 .   ? -17.998 11.980  2.925   1.00 30.37 ? 444 HOH A O   1 
HETATM 1282 O  O   . HOH I 6 .   ? 17.017  -6.891  2.033   1.00 39.64 ? 445 HOH A O   1 
HETATM 1283 O  O   . HOH I 6 .   ? -6.838  3.558   -7.203  1.00 15.82 ? 446 HOH A O   1 
HETATM 1284 O  O   . HOH I 6 .   ? -9.092  12.377  -3.815  1.00 12.09 ? 447 HOH A O   1 
HETATM 1285 O  O   . HOH I 6 .   ? 6.865   12.592  -9.381  1.00 15.04 ? 448 HOH A O   1 
HETATM 1286 O  O   . HOH I 6 .   ? -1.657  14.082  9.036   1.00 27.22 ? 449 HOH A O   1 
HETATM 1287 O  O   . HOH I 6 .   ? -7.211  -13.755 13.510  1.00 27.22 ? 450 HOH A O   1 
HETATM 1288 O  O   . HOH I 6 .   ? 3.975   -4.292  -7.832  1.00 15.20 ? 451 HOH A O   1 
HETATM 1289 O  O   . HOH I 6 .   ? -6.392  10.180  -12.717 1.00 17.90 ? 452 HOH A O   1 
HETATM 1290 O  O   . HOH I 6 .   ? -6.128  -5.365  13.877  1.00 17.14 ? 453 HOH A O   1 
HETATM 1291 O  O   . HOH I 6 .   ? -9.259  6.466   -4.780  1.00 10.99 ? 454 HOH A O   1 
HETATM 1292 O  O   . HOH I 6 .   ? 7.975   -20.306 7.120   1.00 30.93 ? 455 HOH A O   1 
HETATM 1293 O  O   . HOH I 6 .   ? 14.689  5.663   -3.548  1.00 21.20 ? 456 HOH A O   1 
HETATM 1294 O  O   . HOH I 6 .   ? 13.075  -2.826  -4.087  1.00 30.82 ? 457 HOH A O   1 
HETATM 1295 O  O   . HOH I 6 .   ? 16.627  9.924   7.168   1.00 24.52 ? 458 HOH A O   1 
HETATM 1296 O  O   . HOH I 6 .   ? 1.301   -9.623  -5.540  1.00 19.15 ? 459 HOH A O   1 
HETATM 1297 O  O   . HOH I 6 .   ? 11.784  -3.787  12.906  1.00 23.20 ? 460 HOH A O   1 
HETATM 1298 O  O   . HOH I 6 .   ? 11.214  11.513  -8.591  1.00 28.56 ? 461 HOH A O   1 
HETATM 1299 O  O   . HOH I 6 .   ? -6.031  -11.720 -3.516  1.00 25.17 ? 462 HOH A O   1 
HETATM 1300 O  O   . HOH I 6 .   ? -9.934  11.809  -6.989  1.00 19.42 ? 463 HOH A O   1 
HETATM 1301 O  O   . HOH I 6 .   ? 17.259  6.864   -3.991  1.00 38.58 ? 464 HOH A O   1 
HETATM 1302 O  O   . HOH I 6 .   ? 5.692   -0.586  14.859  1.00 19.35 ? 465 HOH A O   1 
HETATM 1303 O  O   . HOH I 6 .   ? -12.266 0.805   -12.607 1.00 20.51 ? 466 HOH A O   1 
HETATM 1304 O  O   . HOH I 6 .   ? 0.990   9.241   9.042   1.00 27.45 ? 467 HOH A O   1 
HETATM 1305 O  O   . HOH I 6 .   ? -1.890  -9.291  -19.783 1.00 29.56 ? 468 HOH A O   1 
HETATM 1306 O  O   . HOH I 6 .   ? 6.746   -4.166  -8.847  1.00 14.67 ? 469 HOH A O   1 
HETATM 1307 O  O   . HOH I 6 .   ? -11.857 -2.462  -6.680  1.00 31.23 ? 470 HOH A O   1 
HETATM 1308 O  O   . HOH I 6 .   ? -12.414 -20.593 7.623   1.00 26.61 ? 471 HOH A O   1 
HETATM 1309 O  O   . HOH I 6 .   ? -1.239  -19.241 7.464   1.00 44.17 ? 472 HOH A O   1 
HETATM 1310 O  O   . HOH I 6 .   ? -15.901 -2.251  -5.655  1.00 37.92 ? 473 HOH A O   1 
HETATM 1311 O  O   . HOH I 6 .   ? -10.796 -3.019  -9.784  1.00 29.26 ? 474 HOH A O   1 
HETATM 1312 O  O   . HOH I 6 .   ? -9.321  5.013   -7.178  1.00 17.82 ? 475 HOH A O   1 
HETATM 1313 O  O   . HOH I 6 .   ? -13.991 5.463   6.787   1.00 21.13 ? 476 HOH A O   1 
HETATM 1314 O  O   . HOH I 6 .   ? 8.364   -21.769 5.477   1.00 27.98 ? 477 HOH A O   1 
HETATM 1315 O  O   . HOH I 6 .   ? 8.565   -3.634  16.712  1.00 26.24 ? 478 HOH A O   1 
HETATM 1316 O  O   . HOH I 6 .   ? 3.126   -0.273  14.270  1.00 22.61 ? 479 HOH A O   1 
HETATM 1317 O  O   . HOH I 6 .   ? -9.377  8.451   9.284   1.00 40.22 ? 480 HOH A O   1 
HETATM 1318 O  O   . HOH I 6 .   ? 15.945  8.600   2.876   1.00 18.82 ? 481 HOH A O   1 
HETATM 1319 O  O   . HOH I 6 .   ? -2.000  10.985  -14.996 1.00 23.93 ? 482 HOH A O   1 
HETATM 1320 O  O   . HOH I 6 .   ? -11.283 3.037   -13.990 1.00 24.91 ? 483 HOH A O   1 
HETATM 1321 O  O   . HOH I 6 .   ? 1.433   8.317   -16.545 1.00 20.04 ? 484 HOH A O   1 
HETATM 1322 O  O   . HOH I 6 .   ? 1.271   -7.094  -23.076 1.00 27.47 ? 485 HOH A O   1 
HETATM 1323 O  O   . HOH I 6 .   ? 7.544   -2.803  -17.143 1.00 26.50 ? 486 HOH A O   1 
HETATM 1324 O  O   . HOH I 6 .   ? 0.194   -9.009  -21.781 1.00 48.39 ? 487 HOH A O   1 
HETATM 1325 O  O   . HOH I 6 .   ? -5.643  -14.328 -3.029  1.00 34.83 ? 488 HOH A O   1 
HETATM 1326 O  O   . HOH I 6 .   ? -9.515  -3.972  -7.815  1.00 31.12 ? 489 HOH A O   1 
HETATM 1327 O  O   . HOH I 6 .   ? -7.552  8.052   11.041  1.00 30.06 ? 490 HOH A O   1 
HETATM 1328 O  O   . HOH I 6 .   ? 6.156   -2.632  16.418  1.00 22.82 ? 491 HOH A O   1 
HETATM 1329 O  O   . HOH I 6 .   ? -12.607 -9.358  -2.457  1.00 45.69 ? 492 HOH A O   1 
HETATM 1330 O  O   . HOH I 6 .   ? 5.736   -15.582 -1.426  1.00 19.14 ? 493 HOH A O   1 
HETATM 1331 O  O   . HOH I 6 .   ? 15.395  11.210  2.140   1.00 29.49 ? 494 HOH A O   1 
HETATM 1332 O  O   . HOH I 6 .   ? -6.985  14.477  -14.416 1.00 36.04 ? 495 HOH A O   1 
HETATM 1333 O  O   . HOH I 6 .   ? 6.173   -23.669 2.929   1.00 41.53 ? 496 HOH A O   1 
HETATM 1334 O  O   . HOH I 6 .   ? -13.226 20.653  7.456   1.00 34.20 ? 497 HOH A O   1 
HETATM 1335 O  O   . HOH I 6 .   ? -0.240  -3.042  16.062  1.00 32.05 ? 498 HOH A O   1 
HETATM 1336 O  O   . HOH I 6 .   ? 18.182  -8.891  0.268   1.00 28.29 ? 499 HOH A O   1 
HETATM 1337 O  O   . HOH I 6 .   ? -0.534  0.601   13.802  1.00 36.06 ? 500 HOH A O   1 
HETATM 1338 O  O   . HOH I 6 .   ? 5.241   7.820   8.871   1.00 22.23 ? 501 HOH A O   1 
HETATM 1339 O  O   . HOH I 6 .   ? -16.534 10.052  6.438   1.00 21.64 ? 502 HOH A O   1 
HETATM 1340 O  O   . HOH I 6 .   ? 14.704  -8.641  -3.753  1.00 22.52 ? 503 HOH A O   1 
HETATM 1341 O  O   . HOH I 6 .   ? -0.116  -15.930 0.438   1.00 28.37 ? 504 HOH A O   1 
HETATM 1342 O  O   . HOH I 6 .   ? -10.449 7.095   -11.222 1.00 29.03 ? 505 HOH A O   1 
HETATM 1343 O  O   . HOH I 6 .   ? 18.681  8.228   2.368   1.00 33.72 ? 506 HOH A O   1 
HETATM 1344 O  O   . HOH I 6 .   ? -6.550  14.795  -5.734  1.00 13.20 ? 507 HOH A O   1 
HETATM 1345 O  O   . HOH I 6 .   ? -10.864 6.383   -8.702  1.00 23.10 ? 508 HOH A O   1 
HETATM 1346 O  O   . HOH I 6 .   ? 2.386   -16.766 0.299   1.00 21.93 ? 509 HOH A O   1 
HETATM 1347 O  O   . HOH I 6 .   ? -10.811 -11.246 -4.150  1.00 35.57 ? 510 HOH A O   1 
HETATM 1348 O  O   . HOH I 6 .   ? -11.958 10.713  -8.589  1.00 30.23 ? 511 HOH A O   1 
HETATM 1349 O  O   . HOH I 6 .   ? 4.411   -8.865  16.170  1.00 37.22 ? 512 HOH A O   1 
HETATM 1350 O  O   . HOH I 6 .   ? -6.038  15.194  -2.983  1.00 12.12 ? 513 HOH A O   1 
HETATM 1351 O  O   . HOH I 6 .   ? -14.204 -5.372  -10.559 1.00 40.82 ? 514 HOH A O   1 
HETATM 1352 O  O   . HOH I 6 .   ? 6.687   10.703  8.022   1.00 23.89 ? 515 HOH A O   1 
HETATM 1353 O  O   . HOH I 6 .   ? -17.242 12.018  -6.195  1.00 34.54 ? 516 HOH A O   1 
HETATM 1354 O  O   . HOH I 6 .   ? 3.456   9.068   -18.271 1.00 29.48 ? 517 HOH A O   1 
HETATM 1355 O  O   . HOH I 6 .   ? -11.543 9.637   -11.202 1.00 33.93 ? 518 HOH A O   1 
HETATM 1356 O  O   . HOH I 6 .   ? 0.758   -14.755 12.476  1.00 35.64 ? 519 HOH A O   1 
HETATM 1357 O  O   . HOH I 6 .   ? -7.083  -8.550  -5.523  1.00 20.02 ? 520 HOH A O   1 
HETATM 1358 O  O   . HOH I 6 .   ? -18.808 11.894  -2.277  1.00 23.19 ? 521 HOH A O   1 
HETATM 1359 O  O   . HOH I 6 .   ? 2.437   -2.375  -22.695 1.00 23.09 ? 522 HOH A O   1 
HETATM 1360 O  O   . HOH I 6 .   ? 7.267   9.519   -15.613 1.00 28.87 ? 523 HOH A O   1 
HETATM 1361 O  O   . HOH I 6 .   ? -14.067 12.361  -8.217  1.00 31.76 ? 524 HOH A O   1 
HETATM 1362 O  O   . HOH I 6 .   ? 3.862   -5.093  -21.480 1.00 44.62 ? 525 HOH A O   1 
HETATM 1363 O  O   . HOH I 6 .   ? 22.161  0.559   -0.672  1.00 43.03 ? 526 HOH A O   1 
HETATM 1364 O  O   . HOH I 6 .   ? -8.781  -7.406  -7.520  1.00 26.69 ? 527 HOH A O   1 
HETATM 1365 O  O   . HOH I 6 .   ? 4.302   -6.588  17.904  1.00 37.60 ? 528 HOH A O   1 
HETATM 1366 O  O   . HOH I 6 .   ? -10.326 -21.391 9.190   1.00 29.98 ? 529 HOH A O   1 
HETATM 1367 O  O   . HOH I 6 .   ? -10.157 14.445  9.904   1.00 42.03 ? 530 HOH A O   1 
HETATM 1368 O  O   . HOH I 6 .   ? 8.541   7.590   -16.694 1.00 36.09 ? 531 HOH A O   1 
HETATM 1369 O  O   . HOH I 6 .   ? 4.214   -3.794  17.796  1.00 31.05 ? 532 HOH A O   1 
HETATM 1370 O  O   . HOH I 6 .   ? 13.558  -23.164 6.591   1.00 49.42 ? 533 HOH A O   1 
HETATM 1371 O  O   . HOH I 6 .   ? 7.161   6.821   -18.518 1.00 41.02 ? 534 HOH A O   1 
HETATM 1372 O  O   . HOH I 6 .   ? -10.598 12.054  10.132  1.00 34.65 ? 535 HOH A O   1 
HETATM 1373 O  O   . HOH I 6 .   ? -11.128 -6.164  -7.527  1.00 30.29 ? 536 HOH A O   1 
HETATM 1374 O  O   . HOH I 6 .   ? -8.660  13.996  13.018  1.00 40.29 ? 537 HOH A O   1 
# 
